data_5M98
#
_entry.id   5M98
#
_cell.length_a   85.341
_cell.length_b   127.415
_cell.length_c   132.604
_cell.angle_alpha   90.00
_cell.angle_beta   102.21
_cell.angle_gamma   90.00
#
_symmetry.space_group_name_H-M   'P 1 21 1'
#
loop_
_entity.id
_entity.type
_entity.pdbx_description
1 polymer Uricase
2 water water
#
_entity_poly.entity_id   1
_entity_poly.type   'polypeptide(L)'
_entity_poly.pdbx_seq_one_letter_code
;MATTSNQNVEFVRTGYGKNMVKVLHIRREGNHHHIIELIANVQLTLKTRKDYLTGDNSDIIPTDTVKNTVHALAKLKGIK
SIESFALDICEHFLTAFNHVTRVKVNIDEVPWKRLEKNGVEHNHAFIHCPEALRFCEAEQYLSKTPVVHSGLKDMKVLKT
TQTGFEGFLRDRFTTLTDAKDRFFCTSVYARWRYNTINVAFDAAWKAVKDTVIQKFAGPYDRGEYSPSVQKTLYDTQLLV
LDRIPEVEEIEIIMPNQHYFVIDMTKIGLSNKDEVYLPLDNPSGNITGTVCRKPRARM
;
_entity_poly.pdbx_strand_id   A,B,C,D,E,F,G,H
#
# COMPACT_ATOMS: atom_id res chain seq x y z
N ASN A 8 51.49 40.15 -7.55
CA ASN A 8 51.24 38.70 -7.19
C ASN A 8 49.81 38.30 -6.70
N VAL A 9 49.72 37.02 -6.34
CA VAL A 9 48.50 36.25 -6.22
C VAL A 9 48.41 35.59 -4.85
N GLU A 10 47.29 34.89 -4.63
CA GLU A 10 47.02 34.27 -3.35
C GLU A 10 46.22 32.98 -3.65
N PHE A 11 46.58 31.88 -3.00
CA PHE A 11 45.80 30.66 -3.07
C PHE A 11 44.48 30.79 -2.37
N VAL A 12 43.43 30.37 -3.06
CA VAL A 12 42.09 30.34 -2.48
C VAL A 12 41.78 28.92 -2.04
N ARG A 13 42.39 27.93 -2.67
CA ARG A 13 42.09 26.51 -2.40
C ARG A 13 42.96 25.60 -3.29
N THR A 14 43.51 24.52 -2.71
CA THR A 14 44.20 23.49 -3.49
C THR A 14 43.77 22.13 -3.08
N GLY A 15 43.91 21.19 -4.01
CA GLY A 15 43.66 19.76 -3.79
C GLY A 15 44.11 18.92 -4.98
N TYR A 16 44.28 17.62 -4.75
CA TYR A 16 44.67 16.65 -5.80
C TYR A 16 44.28 15.28 -5.25
N GLY A 17 44.20 14.27 -6.11
CA GLY A 17 43.85 12.96 -5.63
C GLY A 17 43.58 11.96 -6.73
N LYS A 18 42.85 10.90 -6.40
CA LYS A 18 42.42 9.94 -7.44
C LYS A 18 40.90 9.88 -7.55
N ASN A 19 40.40 9.94 -8.77
CA ASN A 19 38.95 9.87 -9.01
C ASN A 19 38.67 8.55 -9.72
N MET A 20 37.41 8.13 -9.72
CA MET A 20 37.00 6.91 -10.41
C MET A 20 37.68 5.62 -9.92
N VAL A 21 37.92 5.50 -8.60
CA VAL A 21 38.45 4.24 -8.03
C VAL A 21 37.26 3.29 -7.73
N LYS A 22 37.07 2.34 -8.65
CA LYS A 22 35.97 1.41 -8.63
C LYS A 22 36.43 0.25 -7.78
N VAL A 23 35.55 -0.22 -6.89
CA VAL A 23 35.88 -1.29 -5.91
C VAL A 23 34.66 -2.02 -5.42
N LEU A 24 34.77 -3.36 -5.35
CA LEU A 24 33.75 -4.26 -4.77
C LEU A 24 34.29 -5.04 -3.58
N HIS A 25 33.58 -4.98 -2.46
CA HIS A 25 34.00 -5.72 -1.25
C HIS A 25 33.02 -6.84 -0.94
N ILE A 26 33.55 -8.03 -0.74
CA ILE A 26 32.72 -9.17 -0.41
C ILE A 26 32.97 -9.72 0.99
N ARG A 27 31.88 -10.02 1.66
CA ARG A 27 31.88 -10.67 2.92
C ARG A 27 31.14 -12.00 2.70
N ARG A 28 31.88 -13.11 2.88
CA ARG A 28 31.31 -14.46 2.75
C ARG A 28 30.85 -15.05 4.08
N GLU A 29 29.55 -14.99 4.32
CA GLU A 29 28.99 -15.36 5.60
C GLU A 29 28.25 -16.66 5.37
N GLY A 30 29.00 -17.76 5.33
CA GLY A 30 28.44 -19.05 4.99
C GLY A 30 28.29 -19.12 3.49
N ASN A 31 27.14 -19.59 3.01
CA ASN A 31 26.89 -19.61 1.57
C ASN A 31 26.42 -18.27 1.10
N HIS A 32 26.22 -17.39 2.09
CA HIS A 32 25.53 -16.11 1.94
C HIS A 32 26.52 -14.97 1.78
N HIS A 33 26.55 -14.38 0.59
CA HIS A 33 27.53 -13.35 0.21
C HIS A 33 26.98 -11.92 0.35
N HIS A 34 27.72 -11.03 1.00
CA HIS A 34 27.33 -9.62 1.08
C HIS A 34 28.26 -8.79 0.21
N ILE A 35 27.64 -8.00 -0.67
CA ILE A 35 28.32 -7.29 -1.72
C ILE A 35 28.18 -5.79 -1.50
N ILE A 36 29.25 -5.05 -1.75
CA ILE A 36 29.07 -3.62 -1.94
C ILE A 36 30.04 -3.11 -2.99
N GLU A 37 29.54 -2.37 -3.96
CA GLU A 37 30.41 -1.86 -4.98
C GLU A 37 30.20 -0.37 -5.02
N LEU A 38 31.30 0.38 -5.12
CA LEU A 38 31.23 1.84 -5.10
C LEU A 38 32.23 2.48 -6.11
N ILE A 39 32.05 3.76 -6.44
CA ILE A 39 33.05 4.51 -7.22
C ILE A 39 33.56 5.65 -6.32
N ALA A 40 34.86 5.61 -5.99
CA ALA A 40 35.44 6.47 -4.94
C ALA A 40 36.27 7.58 -5.52
N ASN A 41 36.15 8.78 -4.96
CA ASN A 41 36.97 9.93 -5.37
C ASN A 41 37.62 10.52 -4.13
N VAL A 42 38.94 10.62 -4.08
CA VAL A 42 39.56 11.17 -2.88
C VAL A 42 40.44 12.35 -3.20
N GLN A 43 40.23 13.42 -2.44
CA GLN A 43 40.99 14.66 -2.61
C GLN A 43 41.78 15.01 -1.35
N LEU A 44 43.00 15.48 -1.55
CA LEU A 44 43.84 15.90 -0.44
C LEU A 44 44.37 17.34 -0.62
N THR A 45 44.39 18.09 0.50
CA THR A 45 45.05 19.39 0.60
C THR A 45 46.29 19.25 1.47
N LEU A 46 47.36 19.88 1.00
CA LEU A 46 48.64 19.84 1.68
C LEU A 46 49.01 21.16 2.40
N LYS A 47 49.66 20.99 3.56
CA LYS A 47 50.27 22.10 4.29
C LYS A 47 51.24 22.89 3.39
N THR A 48 52.06 22.20 2.59
CA THR A 48 52.95 22.87 1.63
C THR A 48 52.31 23.17 0.28
N ARG A 49 52.68 24.31 -0.30
CA ARG A 49 52.32 24.60 -1.70
C ARG A 49 53.56 24.60 -2.61
N LYS A 50 54.68 24.07 -2.12
CA LYS A 50 55.91 24.03 -2.93
C LYS A 50 55.73 23.14 -4.17
N ASP A 51 54.71 22.27 -4.13
CA ASP A 51 54.25 21.48 -5.30
C ASP A 51 53.88 22.35 -6.47
N TYR A 52 52.95 23.27 -6.26
CA TYR A 52 52.53 24.25 -7.31
C TYR A 52 53.59 25.30 -7.68
N LEU A 53 54.26 25.83 -6.64
CA LEU A 53 55.26 26.92 -6.71
C LEU A 53 56.50 26.57 -7.51
N THR A 54 57.17 25.48 -7.15
CA THR A 54 58.49 25.17 -7.73
C THR A 54 58.58 23.78 -8.36
N GLY A 55 57.45 23.07 -8.34
CA GLY A 55 57.38 21.71 -8.87
C GLY A 55 58.08 20.63 -8.03
N ASP A 56 58.18 20.89 -6.72
CA ASP A 56 58.80 19.97 -5.78
C ASP A 56 57.76 18.89 -5.42
N ASN A 57 58.13 17.64 -5.67
CA ASN A 57 57.24 16.52 -5.41
C ASN A 57 57.42 15.81 -4.08
N SER A 58 58.37 16.26 -3.25
CA SER A 58 58.76 15.51 -2.04
C SER A 58 57.64 15.31 -1.03
N ASP A 59 56.65 16.21 -1.03
CA ASP A 59 55.47 16.07 -0.18
C ASP A 59 54.25 15.40 -0.85
N ILE A 60 54.41 15.00 -2.09
CA ILE A 60 53.29 14.37 -2.79
C ILE A 60 53.07 12.88 -2.46
N ILE A 61 51.94 12.55 -1.88
CA ILE A 61 51.51 11.16 -1.97
C ILE A 61 51.04 10.92 -3.42
N PRO A 62 51.73 10.06 -4.19
CA PRO A 62 51.38 9.95 -5.59
C PRO A 62 49.91 9.52 -5.75
N THR A 63 49.24 9.97 -6.81
CA THR A 63 47.84 9.58 -7.04
C THR A 63 47.69 8.04 -7.14
N ASP A 64 48.69 7.34 -7.71
CA ASP A 64 48.62 5.87 -7.70
C ASP A 64 48.52 5.31 -6.31
N THR A 65 49.22 5.97 -5.38
CA THR A 65 49.27 5.50 -4.01
C THR A 65 47.95 5.69 -3.31
N VAL A 66 47.32 6.85 -3.52
CA VAL A 66 46.01 7.05 -2.96
C VAL A 66 45.01 5.96 -3.49
N LYS A 67 45.14 5.57 -4.77
CA LYS A 67 44.38 4.44 -5.31
C LYS A 67 44.69 3.18 -4.53
N ASN A 68 45.97 2.80 -4.48
CA ASN A 68 46.43 1.66 -3.68
C ASN A 68 45.86 1.68 -2.25
N THR A 69 45.91 2.84 -1.58
CA THR A 69 45.38 2.96 -0.23
C THR A 69 43.88 2.60 -0.15
N VAL A 70 43.12 3.03 -1.14
CA VAL A 70 41.68 2.82 -1.05
C VAL A 70 41.35 1.35 -1.13
N HIS A 71 42.04 0.72 -2.07
CA HIS A 71 42.01 -0.69 -2.16
C HIS A 71 42.35 -1.35 -0.84
N ALA A 72 43.50 -1.01 -0.27
CA ALA A 72 44.00 -1.69 0.90
C ALA A 72 43.05 -1.48 2.08
N LEU A 73 42.58 -0.23 2.25
CA LEU A 73 41.67 0.10 3.34
C LEU A 73 40.40 -0.72 3.26
N ALA A 74 39.96 -1.01 2.04
CA ALA A 74 38.82 -1.90 1.85
C ALA A 74 39.14 -3.28 2.41
N LYS A 75 40.37 -3.76 2.21
CA LYS A 75 40.76 -5.07 2.80
C LYS A 75 40.86 -5.00 4.33
N LEU A 76 41.68 -4.08 4.82
CA LEU A 76 41.95 -3.86 6.24
C LEU A 76 40.74 -3.45 7.06
N LYS A 77 40.10 -2.34 6.68
CA LYS A 77 38.96 -1.84 7.44
C LYS A 77 37.66 -2.52 7.13
N GLY A 78 37.56 -3.19 5.98
CA GLY A 78 36.27 -3.66 5.47
C GLY A 78 35.39 -2.49 5.01
N ILE A 79 34.20 -2.78 4.47
CA ILE A 79 33.28 -1.73 4.06
C ILE A 79 31.85 -2.03 4.56
N LYS A 80 31.38 -1.28 5.57
CA LYS A 80 30.00 -1.48 6.00
C LYS A 80 28.99 -0.63 5.23
N SER A 81 29.34 0.62 4.99
CA SER A 81 28.50 1.54 4.25
C SER A 81 29.46 2.46 3.52
N ILE A 82 28.96 3.20 2.56
CA ILE A 82 29.81 4.09 1.79
C ILE A 82 30.33 5.24 2.70
N GLU A 83 29.51 5.62 3.69
CA GLU A 83 29.85 6.69 4.63
C GLU A 83 31.04 6.28 5.50
N SER A 84 30.91 5.19 6.27
CA SER A 84 31.95 4.84 7.22
C SER A 84 33.29 4.65 6.51
N PHE A 85 33.24 4.13 5.27
CA PHE A 85 34.41 3.93 4.44
C PHE A 85 35.05 5.28 4.15
N ALA A 86 34.23 6.27 3.76
CA ALA A 86 34.73 7.60 3.48
C ALA A 86 35.46 8.11 4.70
N LEU A 87 34.84 7.93 5.87
CA LEU A 87 35.37 8.38 7.16
C LEU A 87 36.70 7.73 7.51
N ASP A 88 36.84 6.44 7.18
CA ASP A 88 38.05 5.69 7.40
C ASP A 88 39.13 6.18 6.45
N ILE A 89 38.75 6.52 5.22
CA ILE A 89 39.73 7.07 4.26
C ILE A 89 40.25 8.42 4.82
N CYS A 90 39.32 9.24 5.27
CA CYS A 90 39.62 10.52 5.87
C CYS A 90 40.62 10.39 7.03
N GLU A 91 40.26 9.59 8.03
CA GLU A 91 41.06 9.42 9.22
C GLU A 91 42.44 8.89 8.85
N HIS A 92 42.49 7.96 7.90
CA HIS A 92 43.78 7.46 7.43
C HIS A 92 44.68 8.57 6.97
N PHE A 93 44.21 9.41 6.05
CA PHE A 93 45.12 10.38 5.44
C PHE A 93 45.61 11.43 6.45
N LEU A 94 44.76 11.73 7.42
CA LEU A 94 45.08 12.70 8.48
C LEU A 94 45.96 12.17 9.61
N THR A 95 45.87 10.89 9.93
CA THR A 95 46.66 10.32 11.03
C THR A 95 47.91 9.61 10.56
N ALA A 96 47.89 8.97 9.40
CA ALA A 96 49.09 8.32 8.89
C ALA A 96 50.04 9.30 8.18
N PHE A 97 49.64 10.57 8.09
CA PHE A 97 50.54 11.62 7.61
C PHE A 97 50.56 12.89 8.48
N ASN A 98 51.34 13.89 8.08
CA ASN A 98 51.46 15.10 8.89
C ASN A 98 51.23 16.41 8.20
N HIS A 99 51.63 16.45 6.94
CA HIS A 99 51.41 17.59 6.08
C HIS A 99 50.01 17.65 5.40
N VAL A 100 49.03 16.84 5.84
CA VAL A 100 47.70 16.83 5.18
C VAL A 100 46.69 17.59 6.03
N THR A 101 46.15 18.68 5.46
CA THR A 101 45.37 19.61 6.27
C THR A 101 43.93 19.27 6.15
N ARG A 102 43.60 18.67 5.00
CA ARG A 102 42.22 18.39 4.64
C ARG A 102 42.10 17.18 3.71
N VAL A 103 41.08 16.38 3.94
CA VAL A 103 40.73 15.32 3.02
C VAL A 103 39.22 15.27 2.77
N LYS A 104 38.87 14.98 1.52
CA LYS A 104 37.49 14.96 1.09
C LYS A 104 37.24 13.71 0.23
N VAL A 105 36.26 12.93 0.65
CA VAL A 105 35.95 11.71 -0.03
C VAL A 105 34.48 11.83 -0.45
N ASN A 106 34.21 11.63 -1.73
CA ASN A 106 32.87 11.61 -2.31
C ASN A 106 32.77 10.26 -2.94
N ILE A 107 31.82 9.43 -2.53
CA ILE A 107 31.67 8.16 -3.23
C ILE A 107 30.25 7.87 -3.66
N ASP A 108 30.12 7.22 -4.81
CA ASP A 108 28.83 6.73 -5.33
C ASP A 108 28.65 5.18 -5.16
N GLU A 109 27.49 4.72 -4.70
CA GLU A 109 27.27 3.31 -4.53
C GLU A 109 26.65 2.71 -5.81
N VAL A 110 27.17 1.54 -6.23
CA VAL A 110 26.62 0.85 -7.38
C VAL A 110 25.35 0.12 -6.90
N PRO A 111 24.17 0.48 -7.44
CA PRO A 111 22.85 0.03 -6.87
C PRO A 111 22.51 -1.48 -7.05
N TRP A 112 23.38 -2.35 -6.54
CA TRP A 112 23.09 -3.79 -6.59
C TRP A 112 21.90 -4.17 -5.67
N LYS A 113 20.99 -4.99 -6.17
CA LYS A 113 19.84 -5.43 -5.35
C LYS A 113 19.77 -6.96 -5.30
N ARG A 114 19.77 -7.55 -4.10
CA ARG A 114 19.82 -9.02 -3.99
C ARG A 114 18.60 -9.64 -4.66
N LEU A 115 18.81 -10.59 -5.57
CA LEU A 115 17.68 -11.27 -6.21
C LEU A 115 16.75 -11.85 -5.16
N GLU A 116 15.46 -11.69 -5.44
CA GLU A 116 14.43 -12.09 -4.53
C GLU A 116 13.29 -12.60 -5.37
N LYS A 117 12.94 -13.88 -5.15
CA LYS A 117 11.86 -14.55 -5.86
C LYS A 117 10.50 -14.14 -5.30
N ASN A 118 10.25 -14.45 -4.02
CA ASN A 118 9.00 -14.02 -3.38
C ASN A 118 9.14 -14.14 -1.87
N GLY A 119 10.13 -13.43 -1.31
CA GLY A 119 10.52 -13.62 0.09
C GLY A 119 11.86 -14.37 0.17
N VAL A 120 12.09 -15.30 -0.76
CA VAL A 120 13.35 -16.05 -0.81
C VAL A 120 14.43 -15.18 -1.46
N GLU A 121 15.55 -14.97 -0.75
CA GLU A 121 16.68 -14.19 -1.24
C GLU A 121 17.88 -15.05 -1.69
N HIS A 122 18.31 -14.88 -2.95
CA HIS A 122 19.45 -15.62 -3.48
C HIS A 122 20.69 -15.46 -2.62
N ASN A 123 21.42 -16.56 -2.42
CA ASN A 123 22.67 -16.46 -1.70
C ASN A 123 23.74 -15.58 -2.34
N HIS A 124 23.79 -15.54 -3.69
CA HIS A 124 24.90 -14.93 -4.43
C HIS A 124 24.61 -14.43 -5.85
N ALA A 125 23.37 -14.08 -6.09
CA ALA A 125 22.98 -13.46 -7.35
C ALA A 125 22.34 -12.10 -7.09
N PHE A 126 22.63 -11.12 -7.95
CA PHE A 126 22.17 -9.74 -7.78
C PHE A 126 21.84 -9.11 -9.10
N ILE A 127 20.81 -8.29 -9.10
CA ILE A 127 20.39 -7.53 -10.27
C ILE A 127 20.52 -6.02 -9.99
N HIS A 128 20.63 -5.25 -11.07
CA HIS A 128 20.79 -3.82 -11.02
C HIS A 128 19.40 -3.24 -11.02
N CYS A 129 19.06 -2.50 -9.97
CA CYS A 129 17.79 -1.76 -10.00
C CYS A 129 18.08 -0.38 -9.42
N PRO A 130 18.38 0.56 -10.32
CA PRO A 130 18.65 1.92 -10.00
C PRO A 130 17.33 2.67 -9.69
N GLU A 131 16.76 2.37 -8.51
CA GLU A 131 15.60 3.09 -8.01
C GLU A 131 15.92 4.56 -7.66
N ALA A 132 16.88 4.73 -6.76
CA ALA A 132 17.44 6.01 -6.44
C ALA A 132 18.91 5.71 -6.31
N LEU A 133 19.81 6.68 -6.47
CA LEU A 133 21.24 6.38 -6.37
C LEU A 133 21.82 6.95 -5.11
N ARG A 134 22.54 6.13 -4.37
CA ARG A 134 23.07 6.56 -3.09
C ARG A 134 24.44 7.11 -3.24
N PHE A 135 24.65 8.25 -2.61
CA PHE A 135 25.98 8.82 -2.57
C PHE A 135 26.24 9.45 -1.23
N CYS A 136 27.51 9.76 -0.97
CA CYS A 136 27.89 10.46 0.23
C CYS A 136 29.15 11.22 -0.02
N GLU A 137 29.47 12.03 1.00
CA GLU A 137 30.70 12.80 1.13
C GLU A 137 31.13 12.87 2.61
N ALA A 138 32.40 12.73 2.86
CA ALA A 138 32.87 12.98 4.17
C ALA A 138 34.07 13.86 3.96
N GLU A 139 34.06 14.99 4.66
CA GLU A 139 35.13 15.96 4.62
C GLU A 139 35.62 16.18 6.04
N GLN A 140 36.95 16.21 6.22
CA GLN A 140 37.58 16.40 7.56
C GLN A 140 38.83 17.25 7.48
N TYR A 141 38.90 18.26 8.35
CA TYR A 141 40.11 19.05 8.55
C TYR A 141 40.91 18.37 9.65
N LEU A 142 42.23 18.47 9.52
CA LEU A 142 43.14 17.99 10.57
C LEU A 142 42.73 18.41 11.97
N SER A 143 42.56 17.42 12.85
CA SER A 143 42.27 17.58 14.30
C SER A 143 40.85 18.03 14.61
N LYS A 144 40.03 18.14 13.58
CA LYS A 144 38.64 18.57 13.74
C LYS A 144 37.79 17.34 13.66
N THR A 145 36.56 17.45 14.16
CA THR A 145 35.57 16.40 13.99
C THR A 145 35.06 16.45 12.51
N PRO A 146 34.90 15.27 11.86
CA PRO A 146 34.61 15.25 10.43
C PRO A 146 33.16 15.70 10.11
N VAL A 147 32.88 16.02 8.85
CA VAL A 147 31.53 16.38 8.42
C VAL A 147 31.14 15.38 7.33
N VAL A 148 29.97 14.77 7.48
CA VAL A 148 29.46 13.89 6.43
C VAL A 148 28.10 14.34 5.84
N HIS A 149 28.04 14.42 4.50
CA HIS A 149 26.77 14.45 3.78
C HIS A 149 26.42 13.08 3.18
N SER A 150 25.13 12.79 3.11
CA SER A 150 24.61 11.63 2.41
C SER A 150 23.52 12.19 1.54
N GLY A 151 23.16 11.44 0.49
CA GLY A 151 22.12 11.87 -0.41
C GLY A 151 21.71 10.87 -1.45
N LEU A 152 20.64 11.21 -2.18
CA LEU A 152 20.09 10.42 -3.27
C LEU A 152 20.00 11.24 -4.55
N LYS A 153 20.10 10.58 -5.69
CA LYS A 153 19.90 11.25 -6.97
C LYS A 153 19.25 10.33 -7.98
N ASP A 154 18.68 10.94 -9.02
CA ASP A 154 18.09 10.18 -10.12
C ASP A 154 16.90 9.29 -9.74
N MET A 155 16.16 9.66 -8.70
CA MET A 155 14.92 8.98 -8.37
C MET A 155 13.74 9.52 -9.20
N LYS A 156 13.53 8.90 -10.36
CA LYS A 156 12.52 9.36 -11.30
C LYS A 156 11.19 8.78 -10.89
N VAL A 157 10.26 9.67 -10.50
CA VAL A 157 8.94 9.31 -9.99
C VAL A 157 7.93 10.07 -10.78
N LEU A 158 6.77 9.45 -11.02
CA LEU A 158 5.71 10.10 -11.80
C LEU A 158 4.34 9.91 -11.17
N LYS A 159 3.58 11.00 -11.06
CA LYS A 159 2.15 10.92 -10.70
C LYS A 159 1.31 11.64 -11.75
N THR A 160 0.19 11.02 -12.11
CA THR A 160 -0.64 11.39 -13.29
C THR A 160 -1.80 12.29 -12.94
N THR A 161 -2.09 12.40 -11.64
CA THR A 161 -3.10 13.31 -11.12
C THR A 161 -2.73 13.74 -9.69
N GLN A 162 -3.62 14.48 -9.01
CA GLN A 162 -3.40 15.02 -7.64
C GLN A 162 -2.30 16.11 -7.57
N THR A 163 -2.12 16.82 -8.68
CA THR A 163 -1.20 17.96 -8.84
C THR A 163 -1.88 19.00 -9.66
N GLY A 164 -1.59 20.26 -9.36
CA GLY A 164 -2.17 21.32 -10.12
C GLY A 164 -1.35 22.54 -9.83
N PHE A 165 -1.64 23.60 -10.58
CA PHE A 165 -0.90 24.84 -10.53
C PHE A 165 -1.82 25.98 -11.03
N GLU A 166 -2.30 26.80 -10.08
CA GLU A 166 -3.20 27.91 -10.38
C GLU A 166 -2.89 29.16 -9.53
N GLY A 167 -3.31 30.33 -10.02
CA GLY A 167 -3.22 31.61 -9.27
C GLY A 167 -1.82 32.23 -9.14
N PHE A 168 -1.04 32.14 -10.23
CA PHE A 168 0.36 32.61 -10.36
C PHE A 168 0.41 34.01 -10.99
N LEU A 169 1.57 34.66 -10.96
CA LEU A 169 1.67 35.99 -11.49
C LEU A 169 1.55 35.97 -12.97
N ARG A 170 0.65 36.77 -13.51
CA ARG A 170 0.55 36.91 -14.95
C ARG A 170 1.21 38.22 -15.33
N ASP A 171 2.19 38.16 -16.24
CA ASP A 171 2.86 39.34 -16.78
C ASP A 171 2.80 39.30 -18.32
N ARG A 172 3.36 40.30 -19.01
CA ARG A 172 3.24 40.42 -20.46
C ARG A 172 3.80 39.24 -21.30
N PHE A 173 4.76 38.51 -20.72
CA PHE A 173 5.33 37.29 -21.30
C PHE A 173 4.69 35.99 -20.86
N THR A 174 3.65 36.03 -20.03
CA THR A 174 3.01 34.81 -19.54
C THR A 174 1.94 34.28 -20.54
N THR A 175 1.95 32.98 -20.90
CA THR A 175 0.87 32.39 -21.74
C THR A 175 0.13 31.20 -21.11
N LEU A 176 0.71 30.68 -20.03
CA LEU A 176 0.25 29.48 -19.37
C LEU A 176 -1.05 29.76 -18.76
N THR A 177 -1.96 28.79 -18.85
CA THR A 177 -3.28 28.98 -18.25
C THR A 177 -3.40 28.15 -17.00
N ASP A 178 -4.37 28.49 -16.17
CA ASP A 178 -4.60 27.75 -14.95
C ASP A 178 -4.92 26.26 -15.23
N ALA A 179 -4.59 25.40 -14.27
CA ALA A 179 -4.83 23.96 -14.38
C ALA A 179 -5.11 23.39 -13.00
N LYS A 180 -6.29 22.78 -12.83
CA LYS A 180 -6.64 22.17 -11.54
C LYS A 180 -6.00 20.77 -11.41
N ASP A 181 -5.58 20.23 -12.56
CA ASP A 181 -5.06 18.85 -12.67
C ASP A 181 -4.05 18.69 -13.85
N ARG A 182 -2.85 18.17 -13.56
CA ARG A 182 -1.78 17.96 -14.55
C ARG A 182 -0.82 16.90 -14.01
N PHE A 183 0.03 16.34 -14.89
CA PHE A 183 1.07 15.41 -14.43
C PHE A 183 2.13 16.12 -13.59
N PHE A 184 2.78 15.35 -12.73
CA PHE A 184 4.00 15.79 -12.07
C PHE A 184 5.03 14.66 -12.05
N CYS A 185 6.02 14.82 -12.90
CA CYS A 185 7.11 13.89 -13.03
C CYS A 185 8.36 14.56 -12.62
N THR A 186 9.07 13.98 -11.68
CA THR A 186 10.39 14.52 -11.33
C THR A 186 11.45 13.47 -11.24
N SER A 187 12.69 13.92 -11.11
CA SER A 187 13.84 13.06 -10.81
C SER A 187 14.50 13.74 -9.65
N VAL A 188 14.10 13.31 -8.44
CA VAL A 188 14.46 13.96 -7.17
C VAL A 188 15.95 13.81 -6.91
N TYR A 189 16.54 14.90 -6.44
CA TYR A 189 17.91 14.93 -5.92
C TYR A 189 17.88 15.49 -4.45
N ALA A 190 18.42 14.76 -3.49
CA ALA A 190 18.45 15.26 -2.12
C ALA A 190 19.83 15.14 -1.45
N ARG A 191 20.19 16.14 -0.62
CA ARG A 191 21.50 16.11 0.04
C ARG A 191 21.45 16.69 1.46
N TRP A 192 21.77 15.86 2.44
CA TRP A 192 21.64 16.30 3.82
C TRP A 192 22.95 16.20 4.57
N ARG A 193 23.18 17.11 5.53
CA ARG A 193 24.34 17.04 6.40
C ARG A 193 23.89 16.47 7.74
N TYR A 194 24.71 15.60 8.36
CA TYR A 194 24.42 15.10 9.73
C TYR A 194 25.05 15.98 10.81
N ASN A 195 24.46 15.99 11.99
CA ASN A 195 25.07 16.73 13.09
C ASN A 195 26.06 15.87 13.88
N THR A 196 25.99 14.56 13.67
CA THR A 196 26.90 13.61 14.33
C THR A 196 27.56 12.55 13.38
N ILE A 197 28.76 12.07 13.73
CA ILE A 197 29.43 10.95 13.05
C ILE A 197 28.68 9.63 13.36
N ASN A 198 27.79 9.68 14.34
CA ASN A 198 27.26 8.50 14.97
C ASN A 198 25.81 8.27 14.56
N VAL A 199 25.67 7.64 13.39
CA VAL A 199 24.39 7.47 12.71
C VAL A 199 24.29 6.04 12.18
N ALA A 200 23.07 5.52 12.16
CA ALA A 200 22.78 4.27 11.47
C ALA A 200 22.57 4.59 9.99
N PHE A 201 23.68 4.79 9.28
CA PHE A 201 23.67 5.36 7.93
C PHE A 201 22.70 4.68 6.96
N ASP A 202 22.78 3.36 6.87
CA ASP A 202 21.89 2.55 6.03
C ASP A 202 20.44 2.88 6.32
N ALA A 203 20.12 2.92 7.61
CA ALA A 203 18.76 3.17 8.09
C ALA A 203 18.35 4.62 7.86
N ALA A 204 19.29 5.55 8.07
CA ALA A 204 19.00 6.97 7.92
C ALA A 204 18.64 7.25 6.48
N TRP A 205 19.52 6.79 5.59
CA TRP A 205 19.28 6.83 4.14
C TRP A 205 17.91 6.29 3.74
N LYS A 206 17.54 5.09 4.18
CA LYS A 206 16.27 4.46 3.81
C LYS A 206 15.08 5.34 4.16
N ALA A 207 15.10 5.86 5.38
CA ALA A 207 14.04 6.71 5.90
C ALA A 207 13.92 8.00 5.09
N VAL A 208 15.04 8.60 4.66
CA VAL A 208 14.95 9.84 3.87
C VAL A 208 14.21 9.54 2.57
N LYS A 209 14.70 8.53 1.87
CA LYS A 209 14.12 8.05 0.61
C LYS A 209 12.63 7.78 0.76
N ASP A 210 12.26 7.02 1.80
CA ASP A 210 10.87 6.65 2.07
C ASP A 210 10.02 7.86 2.36
N THR A 211 10.64 8.88 2.94
CA THR A 211 9.94 10.13 3.19
C THR A 211 9.64 10.83 1.86
N VAL A 212 10.68 11.05 1.04
CA VAL A 212 10.48 11.76 -0.22
C VAL A 212 9.40 11.06 -1.05
N ILE A 213 9.51 9.72 -1.23
CA ILE A 213 8.58 8.97 -2.08
C ILE A 213 7.19 9.14 -1.51
N GLN A 214 7.13 9.20 -0.18
CA GLN A 214 5.86 9.19 0.56
C GLN A 214 5.09 10.49 0.46
N LYS A 215 5.74 11.60 0.80
CA LYS A 215 5.11 12.91 0.65
C LYS A 215 4.76 13.23 -0.82
N PHE A 216 5.54 12.68 -1.74
CA PHE A 216 5.29 12.84 -3.17
C PHE A 216 4.03 12.10 -3.64
N ALA A 217 3.91 10.83 -3.27
CA ALA A 217 2.82 9.96 -3.70
C ALA A 217 1.57 10.12 -2.81
N GLY A 218 1.78 10.33 -1.51
CA GLY A 218 0.73 10.26 -0.49
C GLY A 218 0.06 8.88 -0.41
N PRO A 219 -1.08 8.78 0.33
CA PRO A 219 -1.83 7.52 0.54
C PRO A 219 -2.12 6.76 -0.77
N TYR A 220 -1.81 5.47 -0.79
CA TYR A 220 -1.82 4.71 -2.04
C TYR A 220 -3.23 4.63 -2.66
N ASP A 221 -4.19 5.14 -1.89
CA ASP A 221 -5.62 4.96 -2.06
C ASP A 221 -6.34 6.17 -2.73
N ARG A 222 -6.09 7.36 -2.19
CA ARG A 222 -6.80 8.55 -2.60
C ARG A 222 -5.86 9.64 -3.06
N GLY A 223 -4.55 9.37 -2.96
CA GLY A 223 -3.50 10.37 -3.24
C GLY A 223 -3.48 11.51 -2.24
N GLU A 224 -2.69 12.54 -2.54
CA GLU A 224 -2.77 13.79 -1.76
C GLU A 224 -2.58 14.93 -2.72
N TYR A 225 -3.49 15.90 -2.65
CA TYR A 225 -3.44 17.04 -3.55
C TYR A 225 -2.26 17.93 -3.18
N SER A 226 -1.46 18.23 -4.20
CA SER A 226 -0.34 19.12 -4.10
C SER A 226 -0.53 20.32 -5.02
N PRO A 227 -0.61 21.52 -4.43
CA PRO A 227 -0.97 22.81 -5.06
C PRO A 227 0.23 23.57 -5.59
N SER A 228 1.41 23.21 -5.09
CA SER A 228 2.70 23.71 -5.56
C SER A 228 3.80 22.71 -5.17
N VAL A 229 4.70 22.43 -6.13
CA VAL A 229 5.87 21.61 -5.83
C VAL A 229 6.79 22.26 -4.75
N GLN A 230 6.89 23.60 -4.74
CA GLN A 230 7.55 24.29 -3.64
C GLN A 230 7.05 23.76 -2.31
N LYS A 231 5.73 23.70 -2.14
CA LYS A 231 5.17 23.33 -0.85
C LYS A 231 5.41 21.86 -0.52
N THR A 232 5.28 20.99 -1.54
CA THR A 232 5.54 19.57 -1.38
C THR A 232 7.02 19.38 -1.03
N LEU A 233 7.88 20.17 -1.68
CA LEU A 233 9.30 20.16 -1.38
C LEU A 233 9.56 20.53 0.10
N TYR A 234 8.95 21.61 0.57
CA TYR A 234 9.15 22.06 1.94
C TYR A 234 8.58 21.04 2.95
N ASP A 235 7.34 20.60 2.73
CA ASP A 235 6.75 19.61 3.61
C ASP A 235 7.59 18.35 3.73
N THR A 236 8.23 17.93 2.63
CA THR A 236 9.16 16.78 2.63
C THR A 236 10.39 17.08 3.48
N GLN A 237 10.88 18.31 3.47
CA GLN A 237 12.08 18.65 4.21
C GLN A 237 11.80 18.48 5.72
N LEU A 238 10.65 19.03 6.15
CA LEU A 238 10.27 19.06 7.57
C LEU A 238 10.06 17.66 8.08
N LEU A 239 9.45 16.83 7.23
CA LEU A 239 9.22 15.45 7.61
C LEU A 239 10.51 14.72 7.85
N VAL A 240 11.52 14.93 7.02
CA VAL A 240 12.84 14.29 7.21
C VAL A 240 13.43 14.69 8.58
N LEU A 241 13.33 15.99 8.90
CA LEU A 241 13.86 16.54 10.16
C LEU A 241 13.17 16.05 11.45
N ASP A 242 11.93 15.59 11.35
CA ASP A 242 11.28 15.03 12.51
C ASP A 242 11.69 13.61 12.69
N ARG A 243 11.72 12.87 11.57
CA ARG A 243 12.04 11.43 11.55
C ARG A 243 13.51 11.14 11.87
N ILE A 244 14.44 12.03 11.49
CA ILE A 244 15.86 11.72 11.62
C ILE A 244 16.56 12.84 12.39
N PRO A 245 16.60 12.70 13.74
CA PRO A 245 17.13 13.79 14.56
C PRO A 245 18.57 14.16 14.20
N GLU A 246 19.32 13.21 13.64
CA GLU A 246 20.74 13.42 13.34
C GLU A 246 20.99 14.14 11.97
N VAL A 247 19.91 14.41 11.22
CA VAL A 247 20.00 15.25 10.03
C VAL A 247 19.89 16.69 10.49
N GLU A 248 20.85 17.53 10.12
CA GLU A 248 20.82 18.93 10.55
C GLU A 248 20.31 19.88 9.46
N GLU A 249 20.64 19.57 8.20
CA GLU A 249 20.35 20.41 7.03
C GLU A 249 20.00 19.50 5.90
N ILE A 250 19.05 19.93 5.07
CA ILE A 250 18.62 19.16 3.92
C ILE A 250 18.35 20.07 2.75
N GLU A 251 18.97 19.72 1.61
CA GLU A 251 18.71 20.32 0.32
C GLU A 251 17.90 19.36 -0.57
N ILE A 252 16.95 19.91 -1.33
CA ILE A 252 16.20 19.14 -2.36
C ILE A 252 16.15 19.87 -3.72
N ILE A 253 16.51 19.15 -4.78
CA ILE A 253 16.28 19.58 -6.15
C ILE A 253 15.15 18.72 -6.76
N MET A 254 14.07 19.36 -7.24
CA MET A 254 13.07 18.64 -7.99
C MET A 254 12.87 19.23 -9.38
N PRO A 255 13.51 18.61 -10.42
CA PRO A 255 13.19 18.97 -11.81
C PRO A 255 11.71 18.81 -12.05
N ASN A 256 11.19 19.55 -13.01
CA ASN A 256 9.84 19.30 -13.48
C ASN A 256 9.84 18.87 -14.93
N GLN A 257 9.85 17.56 -15.14
CA GLN A 257 9.88 16.92 -16.46
C GLN A 257 8.45 16.82 -17.07
N HIS A 258 8.22 17.62 -18.10
CA HIS A 258 6.88 17.91 -18.57
C HIS A 258 6.29 16.82 -19.44
N TYR A 259 4.97 16.61 -19.29
CA TYR A 259 4.20 15.76 -20.21
C TYR A 259 3.06 16.62 -20.65
N PHE A 260 3.03 16.98 -21.92
CA PHE A 260 2.00 17.90 -22.43
C PHE A 260 0.96 17.15 -23.20
N VAL A 261 -0.29 17.53 -22.98
CA VAL A 261 -1.41 16.88 -23.67
C VAL A 261 -1.25 17.22 -25.15
N ILE A 262 -1.23 16.26 -26.06
CA ILE A 262 -1.02 16.59 -27.49
C ILE A 262 -2.32 17.15 -28.09
N ASP A 263 -2.34 18.43 -28.44
CA ASP A 263 -3.57 18.98 -29.02
C ASP A 263 -3.75 18.40 -30.44
N MET A 264 -4.94 17.88 -30.78
CA MET A 264 -5.09 17.25 -32.08
C MET A 264 -6.15 17.87 -32.97
N THR A 265 -6.66 19.03 -32.56
CA THR A 265 -7.68 19.72 -33.36
C THR A 265 -7.18 19.94 -34.79
N LYS A 266 -5.95 20.43 -35.02
CA LYS A 266 -5.47 20.68 -36.41
C LYS A 266 -5.57 19.46 -37.36
N ILE A 267 -5.56 18.25 -36.81
CA ILE A 267 -5.74 17.00 -37.57
C ILE A 267 -7.13 16.35 -37.35
N GLY A 268 -8.07 17.12 -36.79
CA GLY A 268 -9.47 16.72 -36.63
C GLY A 268 -9.77 15.64 -35.61
N LEU A 269 -9.12 15.66 -34.45
CA LEU A 269 -9.47 14.73 -33.38
C LEU A 269 -9.61 15.47 -32.08
N SER A 270 -10.25 14.83 -31.11
CA SER A 270 -10.41 15.45 -29.82
C SER A 270 -9.71 14.62 -28.77
N ASN A 271 -8.44 14.94 -28.54
CA ASN A 271 -7.62 14.24 -27.58
C ASN A 271 -7.83 14.91 -26.24
N LYS A 272 -8.87 14.46 -25.56
CA LYS A 272 -9.23 14.98 -24.27
C LYS A 272 -8.45 14.06 -23.37
N ASP A 273 -7.22 14.50 -23.10
CA ASP A 273 -6.32 13.91 -22.09
C ASP A 273 -6.00 12.40 -22.11
N GLU A 274 -5.84 11.83 -23.30
CA GLU A 274 -5.44 10.42 -23.42
C GLU A 274 -3.96 10.26 -23.83
N VAL A 275 -3.52 11.05 -24.81
CA VAL A 275 -2.18 10.97 -25.38
C VAL A 275 -1.35 12.20 -25.01
N TYR A 276 -0.14 11.90 -24.53
CA TYR A 276 0.71 12.88 -23.97
C TYR A 276 2.06 12.85 -24.68
N LEU A 277 2.64 14.02 -24.86
CA LEU A 277 3.98 14.12 -25.41
C LEU A 277 4.95 14.31 -24.28
N PRO A 278 5.84 13.35 -24.04
CA PRO A 278 6.90 13.56 -23.08
C PRO A 278 7.95 14.44 -23.73
N LEU A 279 8.24 15.55 -23.07
CA LEU A 279 9.19 16.53 -23.56
C LEU A 279 10.40 16.53 -22.66
N ASP A 280 11.55 16.20 -23.24
CA ASP A 280 12.83 16.22 -22.51
C ASP A 280 13.26 17.62 -22.12
N ASN A 281 13.27 18.55 -23.09
CA ASN A 281 13.78 19.88 -22.85
C ASN A 281 12.84 20.92 -23.34
N PRO A 282 12.73 22.03 -22.60
CA PRO A 282 13.37 22.32 -21.34
C PRO A 282 12.58 21.74 -20.18
N SER A 283 13.01 22.04 -18.96
CA SER A 283 12.39 21.53 -17.75
C SER A 283 12.36 22.56 -16.62
N GLY A 284 11.21 22.64 -15.93
CA GLY A 284 11.04 23.36 -14.67
C GLY A 284 12.04 22.83 -13.65
N ASN A 285 12.58 23.72 -12.82
CA ASN A 285 13.51 23.30 -11.76
C ASN A 285 13.15 24.01 -10.44
N ILE A 286 13.00 23.24 -9.37
CA ILE A 286 12.52 23.78 -8.10
C ILE A 286 13.41 23.40 -6.95
N THR A 287 14.09 24.38 -6.34
CA THR A 287 15.08 24.07 -5.27
C THR A 287 14.80 24.66 -3.88
N GLY A 288 15.46 24.10 -2.87
CA GLY A 288 15.35 24.56 -1.48
C GLY A 288 16.29 23.83 -0.57
N THR A 289 16.85 24.56 0.38
CA THR A 289 17.74 23.99 1.40
C THR A 289 17.27 24.50 2.78
N VAL A 290 16.82 23.61 3.66
CA VAL A 290 16.44 24.08 5.03
C VAL A 290 17.21 23.44 6.19
N CYS A 291 17.47 24.23 7.25
CA CYS A 291 18.15 23.75 8.47
C CYS A 291 17.43 24.11 9.79
N ARG A 292 17.83 23.43 10.86
CA ARG A 292 17.22 23.57 12.19
C ARG A 292 17.64 24.93 12.72
N LYS A 293 16.71 25.63 13.42
CA LYS A 293 16.97 26.94 14.05
C LYS A 293 18.08 26.65 15.04
N PRO A 294 19.32 27.15 14.77
CA PRO A 294 20.45 26.74 15.63
C PRO A 294 20.19 27.11 17.08
N ASN B 8 11.54 25.00 16.01
CA ASN B 8 11.74 24.14 14.79
C ASN B 8 12.86 24.65 13.80
N VAL B 9 12.49 25.22 12.62
CA VAL B 9 13.39 25.39 11.42
C VAL B 9 13.45 26.80 10.79
N GLU B 10 14.46 27.01 9.92
CA GLU B 10 14.65 28.25 9.17
C GLU B 10 15.30 27.98 7.81
N PHE B 11 14.82 28.64 6.76
CA PHE B 11 15.41 28.56 5.40
C PHE B 11 16.87 28.94 5.33
N VAL B 12 17.63 28.23 4.49
CA VAL B 12 19.03 28.56 4.18
C VAL B 12 19.18 29.21 2.80
N ARG B 13 18.43 28.73 1.80
CA ARG B 13 18.64 29.03 0.38
C ARG B 13 17.42 28.52 -0.37
N THR B 14 16.86 29.35 -1.24
CA THR B 14 15.71 28.90 -2.10
C THR B 14 15.94 29.41 -3.51
N GLY B 15 15.32 28.74 -4.46
CA GLY B 15 15.54 29.08 -5.86
C GLY B 15 14.71 28.24 -6.79
N TYR B 16 14.30 28.81 -7.91
CA TYR B 16 13.51 28.05 -8.85
C TYR B 16 13.66 28.65 -10.28
N GLY B 17 13.27 27.86 -11.29
CA GLY B 17 13.26 28.34 -12.67
C GLY B 17 13.16 27.35 -13.81
N LYS B 18 13.80 27.69 -14.93
CA LYS B 18 13.76 26.81 -16.08
C LYS B 18 15.14 26.38 -16.44
N ASN B 19 15.25 25.11 -16.78
CA ASN B 19 16.51 24.43 -17.17
C ASN B 19 16.46 23.88 -18.62
N MET B 20 17.63 23.66 -19.24
CA MET B 20 17.76 23.24 -20.67
C MET B 20 16.91 24.08 -21.67
N VAL B 21 16.99 25.41 -21.60
CA VAL B 21 16.30 26.26 -22.58
C VAL B 21 17.24 26.41 -23.79
N LYS B 22 16.92 25.72 -24.89
CA LYS B 22 17.75 25.75 -26.10
C LYS B 22 17.32 26.86 -27.00
N VAL B 23 18.30 27.59 -27.58
CA VAL B 23 18.09 28.78 -28.40
C VAL B 23 19.16 28.92 -29.49
N LEU B 24 18.74 29.26 -30.70
CA LEU B 24 19.66 29.68 -31.76
C LEU B 24 19.24 31.05 -32.30
N HIS B 25 20.19 31.96 -32.38
CA HIS B 25 19.90 33.26 -32.94
C HIS B 25 20.74 33.44 -34.20
N ILE B 26 20.08 33.88 -35.27
CA ILE B 26 20.71 34.10 -36.56
C ILE B 26 20.60 35.57 -36.98
N ARG B 27 21.65 36.03 -37.67
CA ARG B 27 21.78 37.41 -38.11
C ARG B 27 22.27 37.36 -39.55
N ARG B 28 21.46 37.89 -40.47
CA ARG B 28 21.78 37.80 -41.90
C ARG B 28 22.22 39.13 -42.49
N GLU B 29 23.51 39.28 -42.79
CA GLU B 29 24.03 40.53 -43.39
C GLU B 29 24.40 40.18 -44.81
N GLY B 30 23.44 40.33 -45.72
CA GLY B 30 23.67 39.93 -47.10
C GLY B 30 23.68 38.41 -47.25
N ASN B 31 24.73 37.89 -47.88
CA ASN B 31 24.83 36.45 -48.09
C ASN B 31 25.40 35.75 -46.88
N HIS B 32 26.05 36.54 -46.03
CA HIS B 32 26.77 36.04 -44.85
C HIS B 32 25.81 35.85 -43.69
N HIS B 33 25.69 34.61 -43.25
CA HIS B 33 24.87 34.27 -42.08
C HIS B 33 25.72 34.04 -40.85
N HIS B 34 25.34 34.68 -39.74
CA HIS B 34 25.99 34.50 -38.44
C HIS B 34 25.06 33.77 -37.43
N ILE B 35 25.54 32.70 -36.79
CA ILE B 35 24.72 32.01 -35.79
C ILE B 35 25.35 31.88 -34.39
N ILE B 36 24.48 31.82 -33.38
CA ILE B 36 24.89 31.41 -32.06
C ILE B 36 23.81 30.47 -31.56
N GLU B 37 24.22 29.30 -31.05
CA GLU B 37 23.27 28.37 -30.45
C GLU B 37 23.73 28.06 -29.05
N LEU B 38 22.80 28.11 -28.12
CA LEU B 38 23.15 27.96 -26.71
C LEU B 38 22.05 27.22 -25.95
N ILE B 39 22.37 26.85 -24.73
CA ILE B 39 21.39 26.21 -23.88
C ILE B 39 21.48 26.86 -22.46
N ALA B 40 20.33 27.35 -21.96
CA ALA B 40 20.27 28.28 -20.82
C ALA B 40 19.56 27.72 -19.60
N ASN B 41 20.04 28.09 -18.41
CA ASN B 41 19.36 27.74 -17.18
C ASN B 41 19.18 29.01 -16.38
N VAL B 42 17.95 29.28 -15.94
CA VAL B 42 17.64 30.48 -15.14
C VAL B 42 17.02 30.10 -13.80
N GLN B 43 17.59 30.65 -12.72
CA GLN B 43 17.09 30.50 -11.36
C GLN B 43 16.81 31.86 -10.73
N LEU B 44 15.64 31.94 -10.11
CA LEU B 44 15.20 33.17 -9.47
C LEU B 44 14.98 32.86 -8.01
N THR B 45 15.27 33.83 -7.14
CA THR B 45 14.88 33.81 -5.72
C THR B 45 13.86 34.92 -5.41
N LEU B 46 12.86 34.53 -4.64
CA LEU B 46 11.79 35.45 -4.28
C LEU B 46 11.93 36.04 -2.87
N LYS B 47 11.37 37.24 -2.65
CA LYS B 47 11.32 37.88 -1.31
C LYS B 47 10.37 37.10 -0.41
N THR B 48 9.29 36.62 -0.99
CA THR B 48 8.26 35.94 -0.25
C THR B 48 8.56 34.45 -0.20
N ARG B 49 8.24 33.84 0.93
CA ARG B 49 8.41 32.41 1.04
C ARG B 49 7.11 31.69 1.22
N LYS B 50 6.01 32.44 1.04
CA LYS B 50 4.65 31.93 1.19
C LYS B 50 4.38 30.69 0.32
N ASP B 51 5.05 30.64 -0.83
CA ASP B 51 5.02 29.49 -1.74
C ASP B 51 5.44 28.18 -1.08
N TYR B 52 6.52 28.19 -0.32
CA TYR B 52 6.95 26.97 0.40
C TYR B 52 6.08 26.66 1.63
N LEU B 53 5.84 27.70 2.45
CA LEU B 53 5.09 27.61 3.71
C LEU B 53 3.68 27.03 3.56
N THR B 54 2.91 27.57 2.59
CA THR B 54 1.47 27.29 2.51
C THR B 54 0.99 26.93 1.10
N GLY B 55 1.90 26.96 0.12
CA GLY B 55 1.54 26.69 -1.29
C GLY B 55 0.84 27.85 -1.99
N ASP B 56 1.16 29.08 -1.57
CA ASP B 56 0.62 30.30 -2.15
C ASP B 56 1.40 30.63 -3.42
N ASN B 57 0.71 30.74 -4.55
CA ASN B 57 1.41 30.99 -5.80
C ASN B 57 1.43 32.47 -6.29
N SER B 58 0.80 33.40 -5.55
CA SER B 58 0.53 34.77 -6.07
C SER B 58 1.78 35.54 -6.50
N ASP B 59 2.93 35.17 -5.93
CA ASP B 59 4.19 35.79 -6.27
C ASP B 59 5.02 34.98 -7.27
N ILE B 60 4.58 33.77 -7.65
CA ILE B 60 5.35 32.92 -8.64
C ILE B 60 5.28 33.37 -10.11
N ILE B 61 6.43 33.72 -10.66
CA ILE B 61 6.58 33.85 -12.10
C ILE B 61 6.73 32.42 -12.66
N PRO B 62 5.76 31.90 -13.41
CA PRO B 62 5.80 30.46 -13.82
C PRO B 62 7.04 30.13 -14.63
N THR B 63 7.52 28.91 -14.49
CA THR B 63 8.68 28.50 -15.24
C THR B 63 8.46 28.69 -16.76
N ASP B 64 7.25 28.38 -17.28
CA ASP B 64 6.95 28.57 -18.71
C ASP B 64 7.20 30.01 -19.09
N THR B 65 6.90 30.94 -18.18
CA THR B 65 7.11 32.36 -18.46
C THR B 65 8.60 32.66 -18.58
N VAL B 66 9.38 31.98 -17.74
CA VAL B 66 10.81 32.18 -17.72
C VAL B 66 11.35 31.72 -19.10
N LYS B 67 10.84 30.58 -19.59
CA LYS B 67 11.21 30.07 -20.93
C LYS B 67 10.91 31.08 -22.03
N ASN B 68 9.68 31.62 -22.02
CA ASN B 68 9.23 32.62 -23.01
C ASN B 68 10.05 33.90 -22.92
N THR B 69 10.29 34.35 -21.68
CA THR B 69 11.14 35.48 -21.40
C THR B 69 12.49 35.29 -22.05
N VAL B 70 13.04 34.08 -21.96
CA VAL B 70 14.35 33.84 -22.49
C VAL B 70 14.31 33.93 -24.03
N HIS B 71 13.28 33.29 -24.63
CA HIS B 71 13.04 33.35 -26.08
C HIS B 71 12.88 34.81 -26.52
N ALA B 72 11.99 35.54 -25.83
CA ALA B 72 11.66 36.90 -26.21
C ALA B 72 12.90 37.81 -26.17
N LEU B 73 13.70 37.62 -25.11
CA LEU B 73 14.93 38.41 -24.91
C LEU B 73 15.98 38.18 -26.00
N ALA B 74 16.08 36.93 -26.46
CA ALA B 74 16.89 36.62 -27.63
C ALA B 74 16.50 37.50 -28.82
N LYS B 75 15.20 37.61 -29.13
CA LYS B 75 14.72 38.45 -30.21
C LYS B 75 14.95 39.88 -29.88
N LEU B 76 14.55 40.33 -28.68
CA LEU B 76 14.49 41.74 -28.33
C LEU B 76 15.83 42.37 -28.14
N LYS B 77 16.67 41.74 -27.33
CA LYS B 77 18.01 42.26 -27.09
C LYS B 77 19.06 41.73 -28.06
N GLY B 78 18.79 40.64 -28.81
CA GLY B 78 19.84 39.97 -29.61
C GLY B 78 20.77 39.10 -28.74
N ILE B 79 21.65 38.30 -29.34
CA ILE B 79 22.62 37.54 -28.55
C ILE B 79 23.99 37.79 -29.16
N LYS B 80 24.84 38.52 -28.43
CA LYS B 80 26.16 38.83 -28.95
C LYS B 80 27.21 37.87 -28.39
N SER B 81 27.03 37.47 -27.14
CA SER B 81 27.86 36.45 -26.55
C SER B 81 26.97 35.77 -25.54
N ILE B 82 27.35 34.59 -25.08
CA ILE B 82 26.55 33.94 -24.05
C ILE B 82 26.49 34.75 -22.72
N GLU B 83 27.58 35.42 -22.36
CA GLU B 83 27.67 36.23 -21.15
C GLU B 83 26.78 37.48 -21.23
N SER B 84 26.74 38.14 -22.39
CA SER B 84 25.91 39.35 -22.50
C SER B 84 24.41 38.95 -22.36
N PHE B 85 24.05 37.82 -22.98
CA PHE B 85 22.71 37.32 -22.93
C PHE B 85 22.33 37.02 -21.47
N ALA B 86 23.22 36.33 -20.74
CA ALA B 86 23.08 36.06 -19.30
C ALA B 86 22.82 37.32 -18.50
N LEU B 87 23.53 38.39 -18.82
CA LEU B 87 23.35 39.63 -18.08
C LEU B 87 21.96 40.23 -18.33
N ASP B 88 21.51 40.16 -19.59
CA ASP B 88 20.19 40.70 -19.96
C ASP B 88 19.05 40.03 -19.23
N ILE B 89 19.14 38.70 -19.09
CA ILE B 89 18.17 37.88 -18.35
C ILE B 89 18.15 38.26 -16.87
N CYS B 90 19.34 38.34 -16.25
CA CYS B 90 19.50 38.90 -14.89
C CYS B 90 18.79 40.24 -14.71
N GLU B 91 19.19 41.22 -15.54
CA GLU B 91 18.69 42.59 -15.56
C GLU B 91 17.18 42.60 -15.54
N HIS B 92 16.58 41.87 -16.48
CA HIS B 92 15.14 41.90 -16.69
C HIS B 92 14.40 41.52 -15.43
N PHE B 93 14.66 40.30 -14.94
CA PHE B 93 13.91 39.75 -13.81
C PHE B 93 14.07 40.58 -12.52
N LEU B 94 15.20 41.29 -12.43
CA LEU B 94 15.41 42.18 -11.31
C LEU B 94 14.74 43.55 -11.44
N THR B 95 14.49 43.99 -12.67
CA THR B 95 13.97 45.34 -12.85
C THR B 95 12.51 45.40 -13.26
N ALA B 96 12.05 44.37 -13.98
CA ALA B 96 10.64 44.25 -14.39
C ALA B 96 9.73 43.84 -13.22
N PHE B 97 10.37 43.39 -12.15
CA PHE B 97 9.68 42.85 -11.00
C PHE B 97 10.22 43.45 -9.70
N ASN B 98 9.52 43.23 -8.60
CA ASN B 98 9.90 43.82 -7.29
C ASN B 98 10.34 42.82 -6.26
N HIS B 99 9.67 41.69 -6.31
CA HIS B 99 9.79 40.68 -5.33
C HIS B 99 10.91 39.68 -5.66
N VAL B 100 11.79 39.99 -6.62
CA VAL B 100 12.86 39.04 -6.96
C VAL B 100 14.15 39.50 -6.31
N THR B 101 14.80 38.63 -5.51
CA THR B 101 15.97 39.08 -4.72
C THR B 101 17.30 38.70 -5.37
N ARG B 102 17.25 37.68 -6.24
CA ARG B 102 18.47 37.13 -6.87
C ARG B 102 18.16 36.40 -8.16
N VAL B 103 19.05 36.48 -9.14
CA VAL B 103 18.88 35.70 -10.35
C VAL B 103 20.21 35.15 -10.79
N LYS B 104 20.28 33.83 -10.97
CA LYS B 104 21.48 33.21 -11.48
C LYS B 104 21.17 32.54 -12.82
N VAL B 105 21.98 32.84 -13.83
CA VAL B 105 21.81 32.29 -15.15
C VAL B 105 23.06 31.51 -15.51
N ASN B 106 22.89 30.26 -15.93
CA ASN B 106 24.00 29.43 -16.46
C ASN B 106 23.77 28.98 -17.91
N ILE B 107 24.70 29.33 -18.79
CA ILE B 107 24.56 29.04 -20.20
C ILE B 107 25.72 28.17 -20.70
N ASP B 108 25.42 27.21 -21.57
CA ASP B 108 26.43 26.45 -22.29
C ASP B 108 26.29 26.81 -23.77
N GLU B 109 27.40 26.89 -24.49
CA GLU B 109 27.36 27.26 -25.90
C GLU B 109 27.55 26.01 -26.80
N VAL B 110 26.75 25.92 -27.86
CA VAL B 110 26.92 24.83 -28.81
C VAL B 110 28.02 25.27 -29.75
N PRO B 111 29.11 24.49 -29.81
CA PRO B 111 30.31 24.85 -30.55
C PRO B 111 30.19 24.68 -32.06
N TRP B 112 29.34 25.50 -32.68
CA TRP B 112 29.35 25.70 -34.16
C TRP B 112 30.62 26.39 -34.65
N LYS B 113 31.24 25.88 -35.70
CA LYS B 113 32.39 26.51 -36.34
C LYS B 113 32.16 26.62 -37.84
N ARG B 114 32.30 27.81 -38.39
CA ARG B 114 32.05 28.02 -39.82
C ARG B 114 32.95 27.14 -40.70
N LEU B 115 32.33 26.42 -41.64
CA LEU B 115 33.06 25.58 -42.56
C LEU B 115 33.94 26.39 -43.59
N GLU B 116 35.15 25.88 -43.84
CA GLU B 116 36.17 26.64 -44.55
C GLU B 116 37.03 25.73 -45.40
N LYS B 117 37.23 26.09 -46.66
CA LYS B 117 38.14 25.36 -47.56
C LYS B 117 38.88 26.30 -48.46
N ASN B 118 40.21 26.19 -48.43
CA ASN B 118 41.12 26.87 -49.37
C ASN B 118 40.98 28.39 -49.29
N GLY B 119 41.11 28.95 -48.09
CA GLY B 119 41.12 30.41 -47.93
C GLY B 119 39.78 31.11 -47.96
N VAL B 120 38.72 30.41 -48.40
CA VAL B 120 37.35 30.95 -48.40
C VAL B 120 36.47 30.34 -47.31
N GLU B 121 35.52 31.13 -46.84
CA GLU B 121 34.66 30.75 -45.73
C GLU B 121 33.25 30.69 -46.21
N HIS B 122 32.55 29.64 -45.80
CA HIS B 122 31.15 29.44 -46.21
C HIS B 122 30.22 30.46 -45.56
N ASN B 123 29.29 30.97 -46.35
CA ASN B 123 28.43 32.02 -45.88
C ASN B 123 27.30 31.51 -45.04
N HIS B 124 27.01 30.21 -45.11
CA HIS B 124 25.89 29.63 -44.42
C HIS B 124 26.01 28.15 -44.06
N ALA B 125 27.22 27.62 -44.04
CA ALA B 125 27.38 26.24 -43.63
C ALA B 125 28.35 26.13 -42.44
N PHE B 126 28.05 25.22 -41.50
CA PHE B 126 28.81 25.07 -40.26
C PHE B 126 29.03 23.63 -39.95
N ILE B 127 30.13 23.38 -39.24
CA ILE B 127 30.44 22.03 -38.78
C ILE B 127 30.63 22.05 -37.24
N HIS B 128 30.54 20.89 -36.60
CA HIS B 128 30.66 20.79 -35.14
C HIS B 128 32.08 20.34 -34.80
N CYS B 129 32.88 21.23 -34.23
CA CYS B 129 34.20 20.85 -33.71
C CYS B 129 34.39 21.33 -32.26
N PRO B 130 34.03 20.47 -31.28
CA PRO B 130 34.22 20.88 -29.91
C PRO B 130 35.73 20.63 -29.53
N GLU B 131 36.60 21.50 -30.07
CA GLU B 131 37.96 21.73 -29.59
C GLU B 131 37.92 21.94 -28.04
N ALA B 132 37.07 22.88 -27.61
CA ALA B 132 36.73 23.04 -26.22
C ALA B 132 35.34 23.59 -26.10
N LEU B 133 34.64 23.30 -25.02
CA LEU B 133 33.25 23.70 -24.87
C LEU B 133 33.10 24.89 -23.93
N ARG B 134 32.40 25.94 -24.39
CA ARG B 134 32.31 27.25 -23.68
C ARG B 134 31.10 27.34 -22.82
N PHE B 135 31.23 27.98 -21.66
CA PHE B 135 30.08 28.15 -20.78
C PHE B 135 30.30 29.37 -19.96
N CYS B 136 29.21 29.83 -19.33
CA CYS B 136 29.28 30.96 -18.41
C CYS B 136 28.20 30.94 -17.35
N GLU B 137 28.34 31.88 -16.42
CA GLU B 137 27.34 32.12 -15.41
C GLU B 137 27.32 33.62 -15.15
N ALA B 138 26.11 34.17 -14.96
CA ALA B 138 25.91 35.49 -14.40
C ALA B 138 24.90 35.39 -13.31
N GLU B 139 25.27 35.88 -12.12
CA GLU B 139 24.43 35.91 -10.89
C GLU B 139 24.37 37.34 -10.36
N GLN B 140 23.16 37.79 -10.05
CA GLN B 140 22.92 39.15 -9.58
C GLN B 140 21.91 39.22 -8.47
N TYR B 141 22.31 39.89 -7.38
CA TYR B 141 21.38 40.25 -6.30
C TYR B 141 20.73 41.63 -6.60
N LEU B 142 19.48 41.81 -6.13
CA LEU B 142 18.66 43.04 -6.32
C LEU B 142 19.44 44.29 -5.99
N SER B 143 19.43 45.25 -6.91
CA SER B 143 20.18 46.50 -6.77
C SER B 143 21.73 46.38 -6.66
N LYS B 144 22.30 45.18 -6.67
CA LYS B 144 23.74 45.05 -6.45
C LYS B 144 24.40 44.81 -7.77
N THR B 145 25.72 44.91 -7.82
CA THR B 145 26.45 44.65 -9.05
C THR B 145 26.43 43.14 -9.33
N PRO B 146 26.16 42.77 -10.61
CA PRO B 146 26.13 41.33 -11.00
C PRO B 146 27.54 40.70 -11.08
N VAL B 147 27.66 39.38 -10.90
CA VAL B 147 28.95 38.69 -11.00
C VAL B 147 28.98 37.72 -12.19
N VAL B 148 30.00 37.84 -13.04
CA VAL B 148 30.15 36.95 -14.21
C VAL B 148 31.38 36.01 -14.11
N HIS B 149 31.12 34.70 -14.05
CA HIS B 149 32.15 33.71 -14.27
C HIS B 149 32.03 33.19 -15.72
N SER B 150 33.15 32.85 -16.34
CA SER B 150 33.15 32.12 -17.59
C SER B 150 34.07 30.88 -17.52
N GLY B 151 33.95 29.96 -18.49
CA GLY B 151 34.83 28.82 -18.51
C GLY B 151 34.91 28.02 -19.78
N LEU B 152 35.94 27.18 -19.85
CA LEU B 152 36.10 26.17 -20.87
C LEU B 152 36.07 24.79 -20.24
N LYS B 153 35.67 23.78 -21.02
CA LYS B 153 35.64 22.38 -20.52
C LYS B 153 35.74 21.34 -21.64
N ASP B 154 36.10 20.12 -21.24
CA ASP B 154 36.29 19.00 -22.14
C ASP B 154 37.25 19.41 -23.21
N MET B 155 38.38 19.93 -22.79
CA MET B 155 39.42 20.19 -23.75
C MET B 155 40.42 19.05 -23.64
N LYS B 156 40.29 18.04 -24.51
CA LYS B 156 41.14 16.86 -24.44
C LYS B 156 42.39 17.16 -25.24
N VAL B 157 43.54 17.15 -24.56
CA VAL B 157 44.84 17.39 -25.16
C VAL B 157 45.71 16.22 -24.77
N LEU B 158 46.69 15.92 -25.61
CA LEU B 158 47.59 14.81 -25.37
C LEU B 158 49.00 15.09 -25.89
N LYS B 159 49.98 14.83 -25.03
CA LYS B 159 51.39 14.85 -25.41
C LYS B 159 52.06 13.51 -25.07
N THR B 160 52.98 13.08 -25.94
CA THR B 160 53.55 11.73 -25.87
C THR B 160 54.92 11.64 -25.16
N THR B 161 55.43 12.80 -24.70
CA THR B 161 56.75 12.94 -24.07
C THR B 161 56.83 14.32 -23.44
N GLN B 162 57.99 14.67 -22.85
CA GLN B 162 58.22 15.93 -22.09
C GLN B 162 57.40 16.07 -20.81
N THR B 163 57.11 14.96 -20.15
CA THR B 163 56.47 14.96 -18.82
C THR B 163 57.13 13.84 -18.01
N GLY B 164 57.23 14.06 -16.71
CA GLY B 164 57.72 13.05 -15.78
C GLY B 164 57.25 13.26 -14.35
N PHE B 165 57.52 12.26 -13.52
CA PHE B 165 57.11 12.28 -12.13
C PHE B 165 58.08 11.47 -11.26
N GLU B 166 58.94 12.20 -10.53
CA GLU B 166 59.94 11.61 -9.65
C GLU B 166 60.11 12.45 -8.39
N GLY B 167 60.65 11.85 -7.35
CA GLY B 167 60.90 12.56 -6.09
C GLY B 167 59.68 12.68 -5.17
N PHE B 168 58.78 11.72 -5.25
CA PHE B 168 57.54 11.80 -4.48
C PHE B 168 57.67 11.14 -3.09
N LEU B 169 56.68 11.31 -2.22
CA LEU B 169 56.71 10.71 -0.90
C LEU B 169 56.40 9.24 -0.99
N ARG B 170 57.11 8.46 -0.18
CA ARG B 170 56.93 7.02 -0.18
C ARG B 170 56.30 6.54 1.10
N ASP B 171 55.36 5.62 0.99
CA ASP B 171 54.80 5.04 2.19
C ASP B 171 54.58 3.59 1.91
N ARG B 172 53.99 2.91 2.88
CA ARG B 172 53.76 1.46 2.86
C ARG B 172 52.90 0.99 1.66
N PHE B 173 51.97 1.85 1.24
CA PHE B 173 51.08 1.59 0.09
C PHE B 173 51.55 2.20 -1.24
N THR B 174 52.83 2.51 -1.33
CA THR B 174 53.37 3.04 -2.56
C THR B 174 54.13 1.99 -3.36
N THR B 175 53.77 1.84 -4.63
CA THR B 175 54.52 0.93 -5.52
C THR B 175 55.15 1.62 -6.72
N LEU B 176 54.81 2.88 -6.90
CA LEU B 176 55.16 3.58 -8.11
C LEU B 176 56.66 3.86 -8.13
N THR B 177 57.28 3.77 -9.30
CA THR B 177 58.71 4.07 -9.35
C THR B 177 58.94 5.41 -10.05
N ASP B 178 60.12 6.00 -9.87
CA ASP B 178 60.52 7.21 -10.57
C ASP B 178 60.34 6.99 -12.07
N ALA B 179 59.96 8.04 -12.79
CA ALA B 179 59.59 7.98 -14.20
C ALA B 179 59.96 9.28 -14.84
N LYS B 180 61.02 9.22 -15.66
CA LYS B 180 61.68 10.38 -16.32
C LYS B 180 60.86 10.92 -17.47
N ASP B 181 60.12 10.02 -18.11
CA ASP B 181 59.46 10.33 -19.35
C ASP B 181 58.19 9.48 -19.43
N ARG B 182 57.06 10.15 -19.69
CA ARG B 182 55.72 9.50 -19.82
C ARG B 182 54.76 10.42 -20.58
N PHE B 183 53.68 9.79 -21.07
CA PHE B 183 52.55 10.48 -21.68
C PHE B 183 51.80 11.31 -20.64
N PHE B 184 51.27 12.44 -21.13
CA PHE B 184 50.31 13.23 -20.38
C PHE B 184 49.06 13.58 -21.23
N CYS B 185 47.95 13.02 -20.84
CA CYS B 185 46.67 13.33 -21.46
C CYS B 185 45.67 13.87 -20.40
N THR B 186 45.03 14.99 -20.69
CA THR B 186 44.13 15.62 -19.74
C THR B 186 42.93 16.16 -20.46
N SER B 187 41.93 16.50 -19.67
CA SER B 187 40.76 17.13 -20.21
C SER B 187 40.49 18.35 -19.37
N VAL B 188 41.01 19.47 -19.82
CA VAL B 188 41.05 20.69 -19.02
C VAL B 188 39.67 21.27 -18.77
N TYR B 189 39.41 21.64 -17.51
CA TYR B 189 38.26 22.42 -17.13
C TYR B 189 38.82 23.65 -16.38
N ALA B 190 38.41 24.85 -16.79
CA ALA B 190 38.81 26.10 -16.15
C ALA B 190 37.63 27.09 -16.04
N ARG B 191 37.56 27.81 -14.91
CA ARG B 191 36.47 28.77 -14.59
C ARG B 191 36.94 29.95 -13.77
N TRP B 192 36.77 31.12 -14.35
CA TRP B 192 37.29 32.30 -13.74
C TRP B 192 36.22 33.34 -13.49
N ARG B 193 36.34 34.08 -12.38
CA ARG B 193 35.47 35.25 -12.11
C ARG B 193 36.09 36.55 -12.65
N TYR B 194 35.27 37.36 -13.32
CA TYR B 194 35.66 38.71 -13.75
C TYR B 194 35.40 39.82 -12.72
N ASN B 195 36.34 40.76 -12.62
CA ASN B 195 36.23 41.82 -11.58
C ASN B 195 35.39 43.01 -12.05
N THR B 196 35.00 42.95 -13.34
CA THR B 196 34.09 43.91 -13.99
C THR B 196 33.23 43.18 -15.01
N ILE B 197 31.96 43.60 -15.18
CA ILE B 197 31.09 43.00 -16.27
C ILE B 197 31.37 43.62 -17.66
N ASN B 198 32.41 44.42 -17.72
CA ASN B 198 32.68 45.26 -18.84
C ASN B 198 33.92 44.70 -19.62
N VAL B 199 33.71 43.59 -20.34
CA VAL B 199 34.79 42.77 -20.94
C VAL B 199 34.55 42.40 -22.42
N ALA B 200 35.63 42.29 -23.22
CA ALA B 200 35.50 41.69 -24.56
C ALA B 200 35.45 40.15 -24.48
N PHE B 201 34.27 39.65 -24.12
CA PHE B 201 34.04 38.25 -23.79
C PHE B 201 34.62 37.24 -24.78
N ASP B 202 34.30 37.41 -26.07
CA ASP B 202 34.82 36.50 -27.14
C ASP B 202 36.34 36.40 -27.22
N ALA B 203 37.03 37.53 -27.06
CA ALA B 203 38.50 37.53 -27.09
C ALA B 203 39.10 37.07 -25.74
N ALA B 204 38.42 37.39 -24.63
CA ALA B 204 38.92 36.99 -23.33
C ALA B 204 38.87 35.48 -23.33
N TRP B 205 37.70 34.94 -23.68
CA TRP B 205 37.52 33.51 -23.69
C TRP B 205 38.68 32.95 -24.45
N LYS B 206 38.88 33.43 -25.69
CA LYS B 206 39.83 32.84 -26.64
C LYS B 206 41.27 32.89 -26.12
N ALA B 207 41.61 33.96 -25.41
CA ALA B 207 42.93 34.13 -24.91
C ALA B 207 43.21 33.08 -23.83
N VAL B 208 42.26 32.89 -22.92
CA VAL B 208 42.38 31.90 -21.85
C VAL B 208 42.58 30.54 -22.46
N LYS B 209 41.73 30.17 -23.42
CA LYS B 209 41.85 28.89 -24.07
C LYS B 209 43.26 28.74 -24.61
N ASP B 210 43.72 29.69 -25.42
CA ASP B 210 45.01 29.57 -26.12
C ASP B 210 46.18 29.46 -25.11
N THR B 211 46.05 30.15 -23.98
CA THR B 211 47.06 30.16 -22.93
C THR B 211 47.22 28.74 -22.41
N VAL B 212 46.09 28.11 -22.03
CA VAL B 212 46.01 26.72 -21.61
C VAL B 212 46.69 25.73 -22.61
N ILE B 213 46.26 25.72 -23.87
CA ILE B 213 46.88 24.79 -24.83
C ILE B 213 48.38 25.13 -24.96
N GLN B 214 48.65 26.44 -24.93
CA GLN B 214 49.99 27.03 -25.09
C GLN B 214 51.01 26.48 -24.08
N LYS B 215 50.63 26.63 -22.81
CA LYS B 215 51.47 26.25 -21.69
C LYS B 215 51.49 24.73 -21.50
N PHE B 216 50.40 24.05 -21.86
CA PHE B 216 50.38 22.58 -21.89
C PHE B 216 51.42 22.01 -22.89
N ALA B 217 51.48 22.55 -24.12
CA ALA B 217 52.33 22.00 -25.22
C ALA B 217 53.78 22.47 -25.23
N GLY B 218 54.01 23.69 -24.74
CA GLY B 218 55.28 24.35 -24.94
C GLY B 218 55.55 24.52 -26.44
N PRO B 219 56.81 24.92 -26.80
CA PRO B 219 57.23 25.09 -28.23
C PRO B 219 56.86 23.87 -29.11
N TYR B 220 56.45 24.16 -30.34
CA TYR B 220 56.01 23.11 -31.30
C TYR B 220 57.16 22.32 -31.92
N ASP B 221 58.32 22.53 -31.31
CA ASP B 221 59.58 22.03 -31.74
C ASP B 221 60.08 20.96 -30.74
N ARG B 222 60.35 21.38 -29.51
CA ARG B 222 61.05 20.58 -28.52
C ARG B 222 60.12 20.28 -27.33
N GLY B 223 58.96 20.95 -27.29
CA GLY B 223 58.08 20.96 -26.11
C GLY B 223 58.79 21.65 -24.94
N GLU B 224 58.28 21.47 -23.74
CA GLU B 224 58.95 21.95 -22.54
C GLU B 224 58.88 20.84 -21.49
N TYR B 225 60.02 20.48 -20.87
CA TYR B 225 59.98 19.47 -19.83
C TYR B 225 59.10 19.93 -18.67
N SER B 226 58.07 19.14 -18.38
CA SER B 226 57.22 19.35 -17.21
C SER B 226 57.48 18.29 -16.13
N PRO B 227 57.79 18.74 -14.90
CA PRO B 227 58.03 17.77 -13.82
C PRO B 227 56.82 17.49 -12.95
N SER B 228 55.82 18.36 -12.98
CA SER B 228 54.66 18.20 -12.12
C SER B 228 53.46 18.94 -12.70
N VAL B 229 52.29 18.29 -12.68
CA VAL B 229 51.08 18.94 -13.20
C VAL B 229 50.64 20.07 -12.29
N GLN B 230 50.95 20.00 -10.99
CA GLN B 230 50.66 21.10 -10.05
C GLN B 230 51.37 22.36 -10.51
N LYS B 231 52.65 22.22 -10.89
CA LYS B 231 53.37 23.38 -11.43
C LYS B 231 52.78 23.88 -12.76
N THR B 232 52.61 22.99 -13.75
CA THR B 232 51.98 23.36 -15.02
C THR B 232 50.64 24.06 -14.76
N LEU B 233 49.84 23.51 -13.85
CA LEU B 233 48.59 24.14 -13.40
C LEU B 233 48.80 25.55 -12.94
N TYR B 234 49.60 25.70 -11.90
CA TYR B 234 49.86 27.02 -11.32
C TYR B 234 50.47 27.96 -12.36
N ASP B 235 51.41 27.46 -13.17
CA ASP B 235 52.04 28.26 -14.23
C ASP B 235 51.01 28.83 -15.21
N THR B 236 50.05 28.00 -15.62
CA THR B 236 48.93 28.37 -16.49
C THR B 236 48.11 29.48 -15.79
N GLN B 237 47.65 29.23 -14.55
CA GLN B 237 46.92 30.23 -13.73
C GLN B 237 47.51 31.64 -13.71
N LEU B 238 48.81 31.74 -13.53
CA LEU B 238 49.48 33.02 -13.52
C LEU B 238 49.55 33.72 -14.85
N LEU B 239 49.81 32.97 -15.92
CA LEU B 239 49.76 33.53 -17.29
C LEU B 239 48.37 33.96 -17.73
N VAL B 240 47.33 33.30 -17.21
CA VAL B 240 45.95 33.77 -17.42
C VAL B 240 45.80 35.12 -16.75
N LEU B 241 46.22 35.21 -15.48
CA LEU B 241 46.04 36.43 -14.70
C LEU B 241 46.83 37.62 -15.23
N ASP B 242 48.00 37.33 -15.75
CA ASP B 242 48.84 38.37 -16.27
C ASP B 242 48.38 38.91 -17.64
N ARG B 243 47.83 38.05 -18.49
CA ARG B 243 47.40 38.43 -19.85
C ARG B 243 46.01 39.04 -19.92
N ILE B 244 45.12 38.79 -18.94
CA ILE B 244 43.72 39.25 -18.97
C ILE B 244 43.40 39.96 -17.68
N PRO B 245 43.62 41.30 -17.62
CA PRO B 245 43.53 41.99 -16.32
C PRO B 245 42.15 41.89 -15.68
N GLU B 246 41.12 41.57 -16.49
CA GLU B 246 39.75 41.53 -15.99
C GLU B 246 39.33 40.24 -15.31
N VAL B 247 40.11 39.17 -15.47
CA VAL B 247 39.88 37.99 -14.60
C VAL B 247 40.54 38.18 -13.24
N GLU B 248 39.74 38.01 -12.21
CA GLU B 248 40.15 38.19 -10.81
C GLU B 248 40.55 36.86 -10.11
N GLU B 249 39.84 35.78 -10.42
CA GLU B 249 40.09 34.46 -9.82
C GLU B 249 40.01 33.37 -10.88
N ILE B 250 40.84 32.34 -10.76
CA ILE B 250 40.91 31.30 -11.81
C ILE B 250 41.01 29.88 -11.20
N GLU B 251 40.06 29.04 -11.61
CA GLU B 251 40.03 27.67 -11.17
C GLU B 251 40.46 26.78 -12.34
N ILE B 252 41.39 25.86 -12.11
CA ILE B 252 41.74 24.89 -13.12
C ILE B 252 41.74 23.50 -12.53
N ILE B 253 41.00 22.57 -13.19
CA ILE B 253 40.98 21.10 -12.90
C ILE B 253 41.56 20.37 -14.11
N MET B 254 42.64 19.59 -13.88
CA MET B 254 43.27 18.71 -14.89
C MET B 254 43.32 17.23 -14.47
N PRO B 255 42.43 16.40 -15.05
CA PRO B 255 42.56 14.95 -14.92
C PRO B 255 43.86 14.41 -15.56
N ASN B 256 44.34 13.30 -15.03
CA ASN B 256 45.41 12.58 -15.65
C ASN B 256 44.83 11.28 -16.17
N GLN B 257 44.59 11.23 -17.48
CA GLN B 257 43.97 10.07 -18.13
C GLN B 257 45.12 9.22 -18.63
N HIS B 258 45.35 8.09 -17.97
CA HIS B 258 46.62 7.37 -18.08
C HIS B 258 46.80 6.57 -19.38
N TYR B 259 48.01 6.61 -19.94
CA TYR B 259 48.37 5.78 -21.07
C TYR B 259 49.58 5.00 -20.58
N PHE B 260 49.37 3.71 -20.33
CA PHE B 260 50.40 2.82 -19.77
C PHE B 260 51.11 1.94 -20.82
N VAL B 261 52.42 1.78 -20.71
CA VAL B 261 53.18 0.86 -21.60
C VAL B 261 52.73 -0.58 -21.36
N ILE B 262 52.45 -1.31 -22.42
CA ILE B 262 51.93 -2.64 -22.20
C ILE B 262 53.09 -3.61 -22.07
N ASP B 263 53.22 -4.23 -20.89
CA ASP B 263 54.28 -5.22 -20.71
C ASP B 263 53.90 -6.55 -21.40
N MET B 264 54.72 -6.96 -22.35
CA MET B 264 54.41 -8.10 -23.19
C MET B 264 55.41 -9.23 -22.95
N THR B 265 56.21 -9.10 -21.90
CA THR B 265 57.25 -10.11 -21.64
C THR B 265 56.64 -11.45 -21.23
N LYS B 266 55.51 -11.42 -20.50
CA LYS B 266 54.73 -12.65 -20.24
C LYS B 266 54.38 -13.45 -21.52
N ILE B 267 54.34 -12.79 -22.68
CA ILE B 267 54.11 -13.48 -23.96
C ILE B 267 55.34 -13.47 -24.81
N GLY B 268 56.48 -13.17 -24.18
CA GLY B 268 57.80 -13.28 -24.80
C GLY B 268 58.08 -12.20 -25.83
N LEU B 269 57.63 -10.98 -25.53
CA LEU B 269 57.83 -9.84 -26.43
C LEU B 269 58.33 -8.58 -25.72
N SER B 270 59.23 -7.83 -26.37
CA SER B 270 59.65 -6.53 -25.83
C SER B 270 58.88 -5.41 -26.47
N ASN B 271 57.90 -4.91 -25.70
CA ASN B 271 57.20 -3.67 -26.05
C ASN B 271 58.10 -2.52 -25.64
N LYS B 272 58.83 -1.99 -26.64
CA LYS B 272 59.80 -0.91 -26.46
C LYS B 272 59.11 0.44 -26.63
N ASP B 273 58.19 0.73 -25.70
CA ASP B 273 57.44 1.98 -25.70
C ASP B 273 56.75 2.36 -27.04
N GLU B 274 56.22 1.34 -27.72
CA GLU B 274 55.54 1.49 -28.98
C GLU B 274 54.03 1.47 -28.75
N VAL B 275 53.55 0.43 -28.05
CA VAL B 275 52.12 0.15 -27.81
C VAL B 275 51.63 0.50 -26.39
N TYR B 276 50.55 1.27 -26.33
CA TYR B 276 50.00 1.76 -25.07
C TYR B 276 48.53 1.28 -24.81
N LEU B 277 48.19 1.11 -23.54
CA LEU B 277 46.82 0.91 -23.16
C LEU B 277 46.28 2.20 -22.61
N PRO B 278 45.28 2.79 -23.28
CA PRO B 278 44.50 3.92 -22.70
C PRO B 278 43.60 3.42 -21.59
N LEU B 279 43.71 4.00 -20.40
CA LEU B 279 42.85 3.64 -19.27
C LEU B 279 41.86 4.75 -18.88
N ASP B 280 40.58 4.44 -18.94
CA ASP B 280 39.54 5.37 -18.48
C ASP B 280 39.55 5.56 -16.98
N ASN B 281 39.51 4.45 -16.25
CA ASN B 281 39.34 4.50 -14.81
C ASN B 281 40.38 3.66 -14.10
N PRO B 282 41.01 4.20 -13.01
CA PRO B 282 40.86 5.52 -12.38
C PRO B 282 41.71 6.63 -13.01
N SER B 283 41.58 7.85 -12.54
CA SER B 283 42.32 8.97 -13.14
C SER B 283 42.91 9.84 -12.06
N GLY B 284 44.14 10.26 -12.25
CA GLY B 284 44.71 11.28 -11.39
C GLY B 284 43.87 12.52 -11.55
N ASN B 285 43.90 13.38 -10.55
CA ASN B 285 43.13 14.64 -10.59
C ASN B 285 43.84 15.79 -9.83
N ILE B 286 44.07 16.90 -10.51
CA ILE B 286 44.83 17.96 -9.92
C ILE B 286 44.17 19.33 -10.10
N THR B 287 43.74 19.92 -8.97
CA THR B 287 42.93 21.14 -8.92
C THR B 287 43.60 22.28 -8.15
N GLY B 288 43.18 23.51 -8.40
CA GLY B 288 43.72 24.71 -7.76
C GLY B 288 42.96 25.97 -8.11
N THR B 289 42.81 26.85 -7.14
CA THR B 289 42.12 28.10 -7.40
C THR B 289 42.95 29.24 -6.81
N VAL B 290 43.48 30.08 -7.69
CA VAL B 290 44.26 31.24 -7.27
C VAL B 290 43.56 32.52 -7.71
N CYS B 291 43.67 33.55 -6.86
CA CYS B 291 43.17 34.92 -7.16
C CYS B 291 44.21 35.96 -6.85
N ARG B 292 43.92 37.19 -7.30
CA ARG B 292 44.69 38.39 -6.96
C ARG B 292 44.54 38.74 -5.49
N LYS B 293 45.66 39.16 -4.90
CA LYS B 293 45.69 39.61 -3.50
C LYS B 293 45.10 41.02 -3.42
N PRO B 294 44.00 41.18 -2.63
CA PRO B 294 43.24 42.44 -2.58
C PRO B 294 44.14 43.63 -2.27
N ASN C 8 26.28 2.02 -65.15
CA ASN C 8 25.77 2.96 -64.11
C ASN C 8 25.69 2.29 -62.70
N VAL C 9 24.64 2.62 -61.94
CA VAL C 9 24.41 2.15 -60.54
C VAL C 9 23.02 1.54 -60.37
N GLU C 10 22.77 0.95 -59.19
CA GLU C 10 21.44 0.41 -58.83
C GLU C 10 21.15 0.56 -57.34
N PHE C 11 19.89 0.89 -56.99
CA PHE C 11 19.44 0.89 -55.61
C PHE C 11 19.45 -0.52 -55.08
N VAL C 12 20.02 -0.71 -53.91
CA VAL C 12 19.92 -1.96 -53.18
C VAL C 12 18.96 -1.79 -51.99
N ARG C 13 18.69 -0.57 -51.58
CA ARG C 13 17.91 -0.31 -50.37
C ARG C 13 17.63 1.19 -50.17
N THR C 14 16.38 1.53 -49.83
CA THR C 14 16.00 2.90 -49.40
C THR C 14 14.97 2.87 -48.28
N GLY C 15 14.84 4.01 -47.61
CA GLY C 15 13.93 4.19 -46.50
C GLY C 15 14.05 5.58 -45.90
N TYR C 16 12.97 6.02 -45.24
CA TYR C 16 12.96 7.29 -44.55
C TYR C 16 11.77 7.34 -43.59
N GLY C 17 11.73 8.36 -42.73
CA GLY C 17 10.70 8.46 -41.71
C GLY C 17 11.03 9.40 -40.57
N LYS C 18 10.45 9.11 -39.40
CA LYS C 18 10.70 9.92 -38.23
C LYS C 18 11.17 9.03 -37.06
N ASN C 19 12.23 9.46 -36.39
CA ASN C 19 12.81 8.73 -35.27
C ASN C 19 12.62 9.52 -34.00
N MET C 20 12.71 8.82 -32.87
CA MET C 20 12.52 9.42 -31.54
C MET C 20 11.14 10.09 -31.32
N VAL C 21 10.08 9.42 -31.73
CA VAL C 21 8.74 9.94 -31.45
C VAL C 21 8.33 9.47 -30.07
N LYS C 22 8.36 10.35 -29.08
CA LYS C 22 7.93 10.01 -27.73
C LYS C 22 6.42 10.10 -27.49
N VAL C 23 5.86 9.16 -26.73
CA VAL C 23 4.42 9.23 -26.40
C VAL C 23 4.13 8.51 -25.10
N LEU C 24 3.20 9.07 -24.33
CA LEU C 24 2.56 8.36 -23.23
C LEU C 24 1.04 8.28 -23.50
N HIS C 25 0.51 7.06 -23.44
CA HIS C 25 -0.91 6.87 -23.49
C HIS C 25 -1.39 6.47 -22.10
N ILE C 26 -2.45 7.10 -21.65
CA ILE C 26 -3.06 6.84 -20.33
C ILE C 26 -4.49 6.31 -20.50
N ARG C 27 -4.92 5.44 -19.57
CA ARG C 27 -6.26 4.89 -19.55
C ARG C 27 -6.67 4.94 -18.08
N ARG C 28 -7.65 5.79 -17.73
CA ARG C 28 -8.05 6.01 -16.33
C ARG C 28 -9.45 5.52 -15.96
N GLU C 29 -9.55 4.77 -14.86
CA GLU C 29 -10.82 4.21 -14.33
C GLU C 29 -11.13 4.88 -12.99
N GLY C 30 -11.47 6.17 -13.04
CA GLY C 30 -11.71 7.01 -11.84
C GLY C 30 -10.43 7.59 -11.25
N ASN C 31 -9.90 6.91 -10.22
CA ASN C 31 -8.62 7.25 -9.61
C ASN C 31 -7.54 6.22 -9.88
N HIS C 32 -7.91 5.08 -10.46
CA HIS C 32 -6.93 4.01 -10.77
C HIS C 32 -6.40 4.10 -12.22
N HIS C 33 -5.21 4.67 -12.38
CA HIS C 33 -4.67 4.99 -13.71
C HIS C 33 -3.66 3.98 -14.18
N HIS C 34 -3.73 3.67 -15.48
CA HIS C 34 -2.79 2.78 -16.19
C HIS C 34 -2.08 3.55 -17.30
N ILE C 35 -0.76 3.44 -17.35
CA ILE C 35 0.03 4.18 -18.35
C ILE C 35 0.98 3.30 -19.15
N ILE C 36 1.35 3.81 -20.33
CA ILE C 36 2.46 3.26 -21.12
C ILE C 36 3.22 4.45 -21.81
N GLU C 37 4.55 4.48 -21.70
CA GLU C 37 5.36 5.50 -22.41
C GLU C 37 6.42 4.87 -23.31
N LEU C 38 6.52 5.32 -24.56
CA LEU C 38 7.42 4.64 -25.51
C LEU C 38 8.14 5.62 -26.43
N ILE C 39 9.21 5.18 -27.07
CA ILE C 39 9.87 6.05 -28.05
C ILE C 39 9.87 5.27 -29.36
N ALA C 40 9.37 5.88 -30.41
CA ALA C 40 9.13 5.12 -31.63
C ALA C 40 9.81 5.73 -32.83
N ASN C 41 10.30 4.83 -33.69
CA ASN C 41 10.97 5.14 -34.94
C ASN C 41 10.19 4.41 -36.03
N VAL C 42 9.82 5.14 -37.08
CA VAL C 42 9.19 4.50 -38.23
C VAL C 42 9.90 4.84 -39.54
N GLN C 43 9.95 3.83 -40.40
CA GLN C 43 10.59 3.90 -41.69
C GLN C 43 9.66 3.39 -42.80
N LEU C 44 9.63 4.12 -43.90
CA LEU C 44 8.83 3.80 -45.03
C LEU C 44 9.77 3.57 -46.19
N THR C 45 9.39 2.70 -47.13
CA THR C 45 10.05 2.57 -48.44
C THR C 45 9.03 2.86 -49.55
N LEU C 46 9.44 3.66 -50.52
CA LEU C 46 8.53 4.04 -51.57
C LEU C 46 8.84 3.37 -52.88
N LYS C 47 7.75 3.03 -53.58
CA LYS C 47 7.77 2.49 -54.94
C LYS C 47 8.55 3.39 -55.93
N THR C 48 8.29 4.71 -55.91
CA THR C 48 9.09 5.63 -56.72
C THR C 48 10.34 6.02 -55.99
N ARG C 49 11.36 6.30 -56.78
CA ARG C 49 12.61 6.81 -56.28
C ARG C 49 12.86 8.17 -56.94
N LYS C 50 11.81 8.73 -57.54
CA LYS C 50 11.87 10.06 -58.15
C LYS C 50 12.36 11.15 -57.15
N ASP C 51 12.09 10.95 -55.85
CA ASP C 51 12.67 11.79 -54.76
C ASP C 51 14.21 11.76 -54.79
N TYR C 52 14.77 10.56 -54.98
CA TYR C 52 16.23 10.37 -55.04
C TYR C 52 16.81 10.81 -56.39
N LEU C 53 16.20 10.33 -57.49
CA LEU C 53 16.71 10.52 -58.85
C LEU C 53 16.70 12.00 -59.28
N THR C 54 15.61 12.70 -58.99
CA THR C 54 15.35 14.03 -59.57
C THR C 54 14.97 15.15 -58.57
N GLY C 55 14.70 14.79 -57.32
CA GLY C 55 14.29 15.71 -56.26
C GLY C 55 12.78 15.94 -56.24
N ASP C 56 12.04 14.98 -56.73
CA ASP C 56 10.61 15.12 -56.80
C ASP C 56 10.05 14.81 -55.43
N ASN C 57 9.19 15.68 -54.95
CA ASN C 57 8.61 15.44 -53.65
C ASN C 57 7.20 14.95 -53.71
N SER C 58 6.74 14.62 -54.93
CA SER C 58 5.33 14.35 -55.22
C SER C 58 4.76 13.22 -54.40
N ASP C 59 5.59 12.19 -54.17
CA ASP C 59 5.20 10.98 -53.45
C ASP C 59 5.60 10.95 -51.98
N ILE C 60 6.26 12.01 -51.51
CA ILE C 60 6.73 12.04 -50.13
C ILE C 60 5.61 12.27 -49.06
N ILE C 61 5.40 11.30 -48.18
CA ILE C 61 4.67 11.56 -46.93
C ILE C 61 5.68 12.25 -45.98
N PRO C 62 5.41 13.51 -45.57
CA PRO C 62 6.39 14.26 -44.79
C PRO C 62 6.59 13.68 -43.41
N THR C 63 7.82 13.70 -42.94
CA THR C 63 8.18 13.03 -41.68
C THR C 63 7.30 13.53 -40.54
N ASP C 64 6.99 14.82 -40.59
CA ASP C 64 6.05 15.45 -39.66
C ASP C 64 4.67 14.76 -39.68
N THR C 65 4.24 14.29 -40.85
CA THR C 65 3.04 13.48 -40.91
C THR C 65 3.17 12.11 -40.21
N VAL C 66 4.28 11.41 -40.47
CA VAL C 66 4.59 10.19 -39.69
C VAL C 66 4.45 10.47 -38.20
N LYS C 67 4.97 11.61 -37.74
CA LYS C 67 4.90 11.94 -36.35
C LYS C 67 3.44 12.13 -35.96
N ASN C 68 2.72 12.94 -36.74
CA ASN C 68 1.32 13.23 -36.38
C ASN C 68 0.56 11.89 -36.30
N THR C 69 0.85 11.00 -37.25
CA THR C 69 0.19 9.72 -37.30
C THR C 69 0.49 8.90 -36.09
N VAL C 70 1.76 8.76 -35.71
CA VAL C 70 2.07 7.97 -34.51
C VAL C 70 1.22 8.49 -33.33
N HIS C 71 1.19 9.81 -33.14
CA HIS C 71 0.39 10.46 -32.12
C HIS C 71 -1.06 10.11 -32.27
N ALA C 72 -1.57 10.21 -33.50
CA ALA C 72 -2.99 10.03 -33.78
C ALA C 72 -3.44 8.59 -33.51
N LEU C 73 -2.63 7.63 -33.96
CA LEU C 73 -2.95 6.23 -33.75
C LEU C 73 -2.93 5.86 -32.25
N ALA C 74 -2.18 6.57 -31.44
CA ALA C 74 -2.19 6.28 -30.03
C ALA C 74 -3.55 6.68 -29.47
N LYS C 75 -4.11 7.79 -29.95
CA LYS C 75 -5.43 8.14 -29.50
C LYS C 75 -6.51 7.20 -30.06
N LEU C 76 -6.45 6.95 -31.38
CA LEU C 76 -7.51 6.20 -32.05
C LEU C 76 -7.44 4.78 -31.70
N LYS C 77 -6.25 4.17 -31.71
CA LYS C 77 -6.09 2.78 -31.42
C LYS C 77 -5.80 2.47 -29.95
N GLY C 78 -5.39 3.44 -29.14
CA GLY C 78 -4.89 3.12 -27.78
C GLY C 78 -3.62 2.27 -27.85
N ILE C 79 -2.98 2.04 -26.74
CA ILE C 79 -1.74 1.25 -26.79
C ILE C 79 -1.84 0.10 -25.81
N LYS C 80 -2.09 -1.10 -26.34
CA LYS C 80 -2.19 -2.30 -25.52
C LYS C 80 -0.78 -2.80 -25.16
N SER C 81 0.13 -2.82 -26.12
CA SER C 81 1.54 -3.16 -25.91
C SER C 81 2.36 -2.36 -26.93
N ILE C 82 3.70 -2.31 -26.77
CA ILE C 82 4.56 -1.69 -27.82
C ILE C 82 4.52 -2.45 -29.18
N GLU C 83 4.36 -3.77 -29.10
CA GLU C 83 4.20 -4.62 -30.28
C GLU C 83 2.93 -4.35 -31.10
N SER C 84 1.76 -4.29 -30.46
CA SER C 84 0.52 -4.14 -31.25
C SER C 84 0.40 -2.73 -31.84
N PHE C 85 0.97 -1.75 -31.13
CA PHE C 85 1.12 -0.37 -31.62
C PHE C 85 1.98 -0.35 -32.90
N ALA C 86 3.10 -1.07 -32.84
CA ALA C 86 3.98 -1.26 -33.98
C ALA C 86 3.28 -1.89 -35.17
N LEU C 87 2.41 -2.86 -34.88
CA LEU C 87 1.67 -3.47 -35.96
C LEU C 87 0.62 -2.52 -36.53
N ASP C 88 -0.03 -1.73 -35.68
CA ASP C 88 -1.01 -0.75 -36.20
C ASP C 88 -0.36 0.26 -37.15
N ILE C 89 0.82 0.73 -36.79
CA ILE C 89 1.54 1.64 -37.66
C ILE C 89 1.87 0.98 -39.01
N CYS C 90 2.42 -0.24 -38.98
CA CYS C 90 2.73 -0.91 -40.24
C CYS C 90 1.53 -0.98 -41.15
N GLU C 91 0.42 -1.52 -40.64
CA GLU C 91 -0.81 -1.66 -41.39
C GLU C 91 -1.39 -0.32 -41.88
N HIS C 92 -1.37 0.72 -41.05
CA HIS C 92 -1.84 2.05 -41.51
C HIS C 92 -1.13 2.54 -42.80
N PHE C 93 0.21 2.62 -42.82
CA PHE C 93 0.95 3.13 -44.02
C PHE C 93 0.89 2.24 -45.29
N LEU C 94 0.58 0.96 -45.10
CA LEU C 94 0.42 0.01 -46.19
C LEU C 94 -0.98 0.06 -46.80
N THR C 95 -1.96 0.42 -45.97
CA THR C 95 -3.35 0.49 -46.43
C THR C 95 -3.89 1.91 -46.73
N ALA C 96 -3.39 2.95 -46.07
CA ALA C 96 -3.88 4.32 -46.42
C ALA C 96 -3.15 4.89 -47.63
N PHE C 97 -2.22 4.11 -48.20
CA PHE C 97 -1.45 4.52 -49.37
C PHE C 97 -1.24 3.31 -50.28
N ASN C 98 -0.94 3.59 -51.55
CA ASN C 98 -0.80 2.59 -52.62
C ASN C 98 0.65 2.39 -52.94
N HIS C 99 1.43 3.47 -52.74
CA HIS C 99 2.81 3.59 -53.16
C HIS C 99 3.86 3.25 -52.09
N VAL C 100 3.42 2.83 -50.91
CA VAL C 100 4.39 2.41 -49.88
C VAL C 100 4.60 0.91 -49.94
N THR C 101 5.84 0.49 -50.17
CA THR C 101 6.18 -0.94 -50.40
C THR C 101 6.53 -1.74 -49.14
N ARG C 102 6.90 -1.04 -48.08
CA ARG C 102 7.43 -1.65 -46.85
C ARG C 102 7.40 -0.60 -45.75
N VAL C 103 7.14 -1.03 -44.52
CA VAL C 103 7.25 -0.15 -43.36
C VAL C 103 7.90 -0.92 -42.21
N LYS C 104 8.76 -0.24 -41.46
CA LYS C 104 9.47 -0.86 -40.36
C LYS C 104 9.38 0.08 -39.16
N VAL C 105 8.86 -0.43 -38.04
CA VAL C 105 8.82 0.37 -36.80
C VAL C 105 9.58 -0.29 -35.65
N ASN C 106 10.45 0.49 -35.02
CA ASN C 106 11.27 0.03 -33.92
C ASN C 106 10.92 0.91 -32.78
N ILE C 107 10.54 0.26 -31.67
CA ILE C 107 10.08 0.94 -30.50
C ILE C 107 10.66 0.43 -29.17
N ASP C 108 11.01 1.38 -28.29
CA ASP C 108 11.49 1.10 -26.91
C ASP C 108 10.42 1.55 -25.88
N GLU C 109 10.24 0.73 -24.84
CA GLU C 109 9.30 1.07 -23.78
C GLU C 109 10.05 1.78 -22.64
N VAL C 110 9.55 2.95 -22.22
CA VAL C 110 10.05 3.59 -21.02
C VAL C 110 9.50 2.73 -19.89
N PRO C 111 10.39 2.11 -19.10
CA PRO C 111 10.03 1.18 -18.00
C PRO C 111 9.44 1.81 -16.73
N TRP C 112 8.19 2.22 -16.80
CA TRP C 112 7.47 2.62 -15.58
C TRP C 112 6.94 1.43 -14.76
N LYS C 113 7.27 1.43 -13.47
CA LYS C 113 6.76 0.43 -12.54
C LYS C 113 5.83 1.13 -11.53
N ARG C 114 4.66 0.53 -11.28
CA ARG C 114 3.71 1.09 -10.34
C ARG C 114 4.35 1.07 -8.96
N LEU C 115 4.15 2.14 -8.20
CA LEU C 115 4.69 2.24 -6.84
C LEU C 115 4.05 1.20 -5.92
N GLU C 116 4.86 0.50 -5.15
CA GLU C 116 4.42 -0.70 -4.39
C GLU C 116 5.03 -0.74 -2.97
N LYS C 117 4.20 -0.81 -1.94
CA LYS C 117 4.72 -1.01 -0.58
C LYS C 117 3.89 -2.02 0.22
N ASN C 118 4.52 -3.17 0.49
CA ASN C 118 3.97 -4.26 1.34
C ASN C 118 2.62 -4.77 0.84
N GLY C 119 2.56 -5.03 -0.45
CA GLY C 119 1.34 -5.54 -1.07
C GLY C 119 0.41 -4.46 -1.57
N VAL C 120 0.51 -3.25 -1.02
CA VAL C 120 -0.37 -2.14 -1.43
C VAL C 120 0.19 -1.42 -2.70
N GLU C 121 -0.62 -1.28 -3.76
CA GLU C 121 -0.15 -0.60 -4.99
C GLU C 121 -0.84 0.73 -5.29
N HIS C 122 -0.04 1.78 -5.53
CA HIS C 122 -0.55 3.16 -5.77
C HIS C 122 -1.44 3.29 -7.02
N ASN C 123 -2.50 4.10 -6.87
CA ASN C 123 -3.48 4.31 -7.91
C ASN C 123 -2.97 5.15 -9.10
N HIS C 124 -2.01 6.02 -8.84
CA HIS C 124 -1.51 6.93 -9.88
C HIS C 124 -0.03 7.31 -9.79
N ALA C 125 0.80 6.58 -9.04
CA ALA C 125 2.24 6.94 -8.88
C ALA C 125 3.20 5.87 -9.35
N PHE C 126 4.26 6.32 -10.03
CA PHE C 126 5.23 5.43 -10.63
C PHE C 126 6.68 5.82 -10.35
N ILE C 127 7.51 4.78 -10.28
CA ILE C 127 8.93 4.85 -10.04
C ILE C 127 9.57 4.22 -11.29
N HIS C 128 10.85 4.51 -11.49
CA HIS C 128 11.63 4.08 -12.66
C HIS C 128 12.70 3.13 -12.15
N CYS C 129 12.37 1.84 -12.16
CA CYS C 129 13.30 0.82 -11.69
C CYS C 129 13.45 -0.26 -12.78
N PRO C 130 14.20 0.08 -13.84
CA PRO C 130 14.38 -0.80 -14.97
C PRO C 130 15.22 -2.05 -14.64
N GLU C 131 14.56 -3.19 -14.46
CA GLU C 131 15.21 -4.49 -14.35
C GLU C 131 15.94 -4.83 -15.70
N ALA C 132 15.14 -4.69 -16.76
CA ALA C 132 15.56 -4.79 -18.15
C ALA C 132 14.72 -3.81 -18.96
N LEU C 133 15.21 -3.34 -20.12
CA LEU C 133 14.43 -2.41 -20.98
C LEU C 133 13.74 -3.19 -22.04
N ARG C 134 12.49 -2.89 -22.32
CA ARG C 134 11.77 -3.70 -23.29
C ARG C 134 11.88 -3.04 -24.64
N PHE C 135 12.04 -3.84 -25.68
CA PHE C 135 11.90 -3.30 -27.05
C PHE C 135 11.31 -4.29 -28.10
N CYS C 136 10.96 -3.75 -29.28
CA CYS C 136 10.40 -4.58 -30.35
C CYS C 136 10.54 -3.93 -31.72
N GLU C 137 10.33 -4.75 -32.75
CA GLU C 137 10.29 -4.26 -34.12
C GLU C 137 9.20 -5.01 -34.88
N ALA C 138 8.56 -4.33 -35.80
CA ALA C 138 7.59 -4.96 -36.70
C ALA C 138 7.93 -4.50 -38.09
N GLU C 139 8.24 -5.45 -38.96
CA GLU C 139 8.54 -5.14 -40.33
C GLU C 139 7.56 -5.83 -41.29
N GLN C 140 6.95 -5.01 -42.16
CA GLN C 140 5.93 -5.45 -43.11
C GLN C 140 6.14 -4.95 -44.54
N TYR C 141 6.11 -5.90 -45.50
CA TYR C 141 6.06 -5.62 -46.95
C TYR C 141 4.59 -5.57 -47.42
N LEU C 142 4.36 -4.89 -48.54
CA LEU C 142 3.01 -4.75 -49.15
C LEU C 142 2.41 -6.09 -49.44
N SER C 143 1.18 -6.29 -48.96
CA SER C 143 0.41 -7.52 -49.17
C SER C 143 1.05 -8.84 -48.64
N LYS C 144 2.19 -8.76 -47.93
CA LYS C 144 2.76 -9.92 -47.22
C LYS C 144 2.41 -9.82 -45.74
N THR C 145 2.61 -10.91 -45.02
CA THR C 145 2.38 -10.99 -43.58
C THR C 145 3.49 -10.24 -42.76
N PRO C 146 3.10 -9.43 -41.75
CA PRO C 146 4.12 -8.71 -41.00
C PRO C 146 4.93 -9.62 -40.04
N VAL C 147 6.20 -9.27 -39.85
CA VAL C 147 7.13 -10.01 -38.98
C VAL C 147 7.45 -9.19 -37.68
N VAL C 148 7.24 -9.81 -36.52
CA VAL C 148 7.53 -9.10 -35.27
C VAL C 148 8.76 -9.68 -34.54
N HIS C 149 9.75 -8.83 -34.26
CA HIS C 149 10.77 -9.19 -33.28
C HIS C 149 10.48 -8.44 -31.96
N SER C 150 10.73 -9.13 -30.84
CA SER C 150 10.70 -8.55 -29.49
C SER C 150 11.96 -8.97 -28.78
N GLY C 151 12.36 -8.13 -27.82
CA GLY C 151 13.60 -8.33 -27.12
C GLY C 151 13.72 -7.58 -25.82
N LEU C 152 14.80 -7.90 -25.11
CA LEU C 152 15.17 -7.22 -23.90
C LEU C 152 16.62 -6.78 -23.98
N LYS C 153 16.95 -5.71 -23.28
CA LYS C 153 18.31 -5.22 -23.24
C LYS C 153 18.69 -4.59 -21.90
N ASP C 154 20.00 -4.41 -21.71
CA ASP C 154 20.61 -3.77 -20.53
C ASP C 154 20.15 -4.39 -19.19
N MET C 155 20.10 -5.72 -19.13
CA MET C 155 19.76 -6.39 -17.89
C MET C 155 21.02 -6.79 -17.24
N LYS C 156 21.46 -5.98 -16.30
CA LYS C 156 22.73 -6.13 -15.66
C LYS C 156 22.61 -7.04 -14.45
N VAL C 157 23.21 -8.23 -14.52
CA VAL C 157 23.21 -9.21 -13.39
C VAL C 157 24.60 -9.73 -12.98
N LEU C 158 24.73 -10.09 -11.71
CA LEU C 158 26.01 -10.49 -11.14
C LEU C 158 25.89 -11.77 -10.31
N LYS C 159 26.88 -12.63 -10.45
CA LYS C 159 26.96 -13.93 -9.82
C LYS C 159 28.34 -13.89 -9.16
N THR C 160 28.42 -14.14 -7.84
CA THR C 160 29.73 -14.04 -7.14
C THR C 160 30.46 -15.36 -6.99
N THR C 161 29.83 -16.42 -7.44
CA THR C 161 30.38 -17.78 -7.37
C THR C 161 29.59 -18.70 -8.32
N GLN C 162 29.83 -20.00 -8.26
CA GLN C 162 29.16 -20.97 -9.11
C GLN C 162 29.42 -20.79 -10.60
N THR C 163 30.61 -20.33 -10.95
CA THR C 163 31.06 -20.13 -12.35
C THR C 163 32.51 -20.44 -12.41
N GLY C 164 32.92 -21.07 -13.51
CA GLY C 164 34.32 -21.33 -13.75
C GLY C 164 34.71 -21.26 -15.21
N PHE C 165 36.00 -21.51 -15.49
CA PHE C 165 36.52 -21.46 -16.85
C PHE C 165 37.90 -22.11 -16.86
N GLU C 166 37.91 -23.38 -17.22
CA GLU C 166 39.11 -24.21 -17.29
C GLU C 166 39.12 -25.10 -18.52
N GLY C 167 40.32 -25.54 -18.90
CA GLY C 167 40.51 -26.45 -19.99
C GLY C 167 40.35 -25.80 -21.37
N PHE C 168 40.78 -24.55 -21.49
CA PHE C 168 40.82 -23.85 -22.76
C PHE C 168 42.16 -24.07 -23.53
N LEU C 169 42.23 -23.59 -24.76
CA LEU C 169 43.38 -23.82 -25.57
C LEU C 169 44.47 -22.84 -25.17
N ARG C 170 45.75 -23.25 -25.12
CA ARG C 170 46.85 -22.28 -24.93
C ARG C 170 47.65 -22.07 -26.20
N ASP C 171 47.96 -20.82 -26.53
CA ASP C 171 48.82 -20.48 -27.70
C ASP C 171 49.87 -19.49 -27.23
N ARG C 172 50.73 -19.01 -28.13
CA ARG C 172 51.76 -18.00 -27.78
C ARG C 172 51.23 -16.86 -26.89
N PHE C 173 49.94 -16.59 -27.04
CA PHE C 173 49.37 -15.38 -26.50
C PHE C 173 48.43 -15.60 -25.32
N THR C 174 48.33 -16.82 -24.83
CA THR C 174 47.53 -17.09 -23.68
C THR C 174 48.30 -16.76 -22.38
N THR C 175 47.68 -16.04 -21.44
CA THR C 175 48.32 -15.85 -20.10
C THR C 175 47.39 -16.32 -18.98
N LEU C 176 46.15 -16.61 -19.35
CA LEU C 176 45.10 -16.95 -18.40
C LEU C 176 45.28 -18.34 -17.74
N THR C 177 45.05 -18.42 -16.45
CA THR C 177 45.25 -19.70 -15.81
C THR C 177 43.89 -20.23 -15.52
N ASP C 178 43.78 -21.56 -15.47
CA ASP C 178 42.54 -22.20 -15.12
C ASP C 178 41.96 -21.62 -13.82
N ALA C 179 40.62 -21.58 -13.77
CA ALA C 179 39.85 -21.09 -12.63
C ALA C 179 38.60 -21.98 -12.37
N LYS C 180 38.51 -22.45 -11.11
CA LYS C 180 37.43 -23.31 -10.61
C LYS C 180 36.22 -22.43 -10.26
N ASP C 181 36.52 -21.25 -9.67
CA ASP C 181 35.52 -20.31 -9.12
C ASP C 181 35.82 -18.85 -9.53
N ARG C 182 34.79 -18.07 -9.89
CA ARG C 182 34.96 -16.65 -10.32
C ARG C 182 33.63 -15.98 -10.51
N PHE C 183 33.65 -14.64 -10.38
CA PHE C 183 32.53 -13.78 -10.70
C PHE C 183 32.09 -13.93 -12.17
N PHE C 184 30.77 -13.85 -12.40
CA PHE C 184 30.21 -13.70 -13.74
C PHE C 184 29.22 -12.54 -13.77
N CYS C 185 29.58 -11.45 -14.44
CA CYS C 185 28.71 -10.30 -14.52
C CYS C 185 28.31 -10.01 -15.95
N THR C 186 27.03 -9.86 -16.23
CA THR C 186 26.67 -9.53 -17.59
C THR C 186 25.57 -8.51 -17.70
N SER C 187 25.42 -7.98 -18.89
CA SER C 187 24.35 -7.11 -19.17
C SER C 187 23.74 -7.72 -20.44
N VAL C 188 22.70 -8.50 -20.21
CA VAL C 188 22.09 -9.37 -21.24
C VAL C 188 21.25 -8.58 -22.25
N TYR C 189 21.44 -8.95 -23.51
CA TYR C 189 20.68 -8.49 -24.66
C TYR C 189 20.13 -9.75 -25.38
N ALA C 190 18.82 -9.79 -25.62
CA ALA C 190 18.20 -10.90 -26.34
C ALA C 190 17.25 -10.37 -27.42
N ARG C 191 17.17 -11.10 -28.56
CA ARG C 191 16.22 -10.76 -29.63
C ARG C 191 15.63 -11.98 -30.29
N TRP C 192 14.30 -12.00 -30.34
CA TRP C 192 13.56 -13.14 -30.88
C TRP C 192 12.53 -12.79 -31.95
N ARG C 193 12.48 -13.61 -33.00
CA ARG C 193 11.49 -13.47 -34.05
C ARG C 193 10.31 -14.37 -33.73
N TYR C 194 9.10 -13.80 -33.69
CA TYR C 194 7.91 -14.62 -33.53
C TYR C 194 7.49 -15.25 -34.84
N ASN C 195 6.99 -16.48 -34.77
CA ASN C 195 6.54 -17.16 -36.00
C ASN C 195 5.08 -16.77 -36.41
N THR C 196 4.37 -16.13 -35.48
CA THR C 196 3.01 -15.64 -35.68
C THR C 196 2.74 -14.31 -34.95
N ILE C 197 1.76 -13.57 -35.46
CA ILE C 197 1.23 -12.31 -34.88
C ILE C 197 0.34 -12.55 -33.63
N ASN C 198 -0.11 -13.78 -33.48
CA ASN C 198 -1.03 -14.13 -32.43
C ASN C 198 -0.22 -14.56 -31.19
N VAL C 199 0.11 -13.58 -30.35
CA VAL C 199 0.94 -13.81 -29.13
C VAL C 199 0.37 -13.02 -27.97
N ALA C 200 0.39 -13.61 -26.76
CA ALA C 200 0.18 -12.83 -25.54
C ALA C 200 1.47 -12.05 -25.18
N PHE C 201 1.64 -10.84 -25.75
CA PHE C 201 2.94 -10.14 -25.74
C PHE C 201 3.54 -9.88 -24.36
N ASP C 202 2.74 -9.29 -23.46
CA ASP C 202 3.17 -8.99 -22.08
C ASP C 202 3.68 -10.22 -21.38
N ALA C 203 2.86 -11.26 -21.36
CA ALA C 203 3.20 -12.51 -20.67
C ALA C 203 4.43 -13.20 -21.27
N ALA C 204 4.60 -13.09 -22.61
CA ALA C 204 5.75 -13.61 -23.39
C ALA C 204 7.07 -12.92 -23.00
N TRP C 205 7.09 -11.58 -23.12
CA TRP C 205 8.24 -10.82 -22.77
C TRP C 205 8.68 -11.15 -21.35
N LYS C 206 7.74 -11.16 -20.40
CA LYS C 206 8.07 -11.53 -18.98
C LYS C 206 8.62 -12.96 -18.89
N ALA C 207 7.97 -13.90 -19.55
CA ALA C 207 8.44 -15.27 -19.55
C ALA C 207 9.87 -15.42 -20.08
N VAL C 208 10.23 -14.71 -21.18
CA VAL C 208 11.64 -14.73 -21.68
C VAL C 208 12.57 -14.19 -20.60
N LYS C 209 12.19 -13.06 -19.98
CA LYS C 209 13.06 -12.45 -18.97
C LYS C 209 13.31 -13.36 -17.78
N ASP C 210 12.24 -13.95 -17.27
CA ASP C 210 12.29 -14.80 -16.06
C ASP C 210 13.12 -16.03 -16.30
N THR C 211 13.04 -16.53 -17.55
CA THR C 211 13.85 -17.65 -18.02
C THR C 211 15.35 -17.33 -17.95
N VAL C 212 15.73 -16.17 -18.50
CA VAL C 212 17.12 -15.75 -18.53
C VAL C 212 17.65 -15.58 -17.09
N ILE C 213 16.87 -14.87 -16.25
CA ILE C 213 17.25 -14.62 -14.84
C ILE C 213 17.35 -15.93 -14.05
N GLN C 214 16.37 -16.80 -14.19
CA GLN C 214 16.38 -18.07 -13.46
C GLN C 214 17.54 -19.01 -13.88
N LYS C 215 17.85 -19.06 -15.17
CA LYS C 215 18.95 -19.89 -15.62
C LYS C 215 20.30 -19.30 -15.30
N PHE C 216 20.40 -17.98 -15.21
CA PHE C 216 21.67 -17.37 -14.85
C PHE C 216 21.95 -17.63 -13.36
N ALA C 217 20.93 -17.45 -12.54
CA ALA C 217 21.10 -17.45 -11.10
C ALA C 217 21.08 -18.87 -10.54
N GLY C 218 20.17 -19.71 -11.08
CA GLY C 218 19.86 -21.05 -10.54
C GLY C 218 19.17 -20.93 -9.19
N PRO C 219 18.87 -22.08 -8.52
CA PRO C 219 18.11 -22.09 -7.23
C PRO C 219 18.66 -21.16 -6.13
N TYR C 220 17.76 -20.47 -5.42
CA TYR C 220 18.12 -19.37 -4.52
C TYR C 220 18.91 -19.86 -3.31
N ASP C 221 19.03 -21.18 -3.33
CA ASP C 221 19.33 -22.05 -2.24
C ASP C 221 20.82 -22.28 -2.28
N ARG C 222 21.30 -22.62 -3.49
CA ARG C 222 22.65 -23.18 -3.77
C ARG C 222 23.28 -22.68 -5.08
N GLY C 223 22.48 -22.11 -5.98
CA GLY C 223 22.90 -21.70 -7.32
C GLY C 223 23.01 -22.84 -8.31
N GLU C 224 23.56 -22.56 -9.50
CA GLU C 224 23.90 -23.59 -10.50
C GLU C 224 25.24 -23.24 -11.12
N TYR C 225 26.09 -24.25 -11.25
CA TYR C 225 27.41 -24.08 -11.84
C TYR C 225 27.32 -23.96 -13.34
N SER C 226 28.13 -23.04 -13.88
CA SER C 226 28.36 -22.87 -15.32
C SER C 226 29.84 -22.78 -15.65
N PRO C 227 30.32 -23.68 -16.54
CA PRO C 227 31.74 -23.84 -16.94
C PRO C 227 32.21 -23.06 -18.18
N SER C 228 31.27 -22.46 -18.90
CA SER C 228 31.55 -21.61 -20.03
C SER C 228 30.30 -20.75 -20.22
N VAL C 229 30.45 -19.44 -20.48
CA VAL C 229 29.23 -18.68 -20.66
C VAL C 229 28.47 -19.07 -21.93
N GLN C 230 29.18 -19.59 -22.93
CA GLN C 230 28.55 -20.13 -24.13
C GLN C 230 27.52 -21.18 -23.81
N LYS C 231 27.80 -22.06 -22.85
CA LYS C 231 26.80 -23.07 -22.52
C LYS C 231 25.60 -22.46 -21.83
N THR C 232 25.84 -21.57 -20.85
CA THR C 232 24.78 -20.79 -20.22
C THR C 232 23.91 -20.15 -21.32
N LEU C 233 24.55 -19.45 -22.26
CA LEU C 233 23.85 -18.89 -23.39
C LEU C 233 22.99 -19.93 -24.15
N TYR C 234 23.61 -21.06 -24.47
CA TYR C 234 22.94 -22.05 -25.30
C TYR C 234 21.75 -22.65 -24.52
N ASP C 235 21.99 -22.97 -23.25
CA ASP C 235 20.97 -23.53 -22.38
C ASP C 235 19.74 -22.63 -22.27
N THR C 236 19.93 -21.31 -22.23
CA THR C 236 18.83 -20.42 -22.01
C THR C 236 18.05 -20.31 -23.31
N GLN C 237 18.74 -20.42 -24.46
CA GLN C 237 18.07 -20.41 -25.77
C GLN C 237 17.08 -21.58 -25.89
N LEU C 238 17.58 -22.77 -25.54
CA LEU C 238 16.81 -23.97 -25.61
C LEU C 238 15.64 -23.86 -24.65
N LEU C 239 15.95 -23.45 -23.41
CA LEU C 239 14.93 -23.23 -22.42
C LEU C 239 13.88 -22.25 -22.91
N VAL C 240 14.25 -21.24 -23.71
CA VAL C 240 13.28 -20.27 -24.26
C VAL C 240 12.42 -20.96 -25.31
N LEU C 241 13.05 -21.69 -26.24
CA LEU C 241 12.27 -22.46 -27.22
C LEU C 241 11.32 -23.57 -26.63
N ASP C 242 11.59 -24.08 -25.42
CA ASP C 242 10.63 -24.94 -24.71
C ASP C 242 9.49 -24.16 -24.16
N ARG C 243 9.82 -23.08 -23.44
CA ARG C 243 8.84 -22.31 -22.72
C ARG C 243 7.88 -21.56 -23.65
N ILE C 244 8.33 -21.12 -24.83
CA ILE C 244 7.46 -20.29 -25.68
C ILE C 244 7.32 -20.71 -27.18
N PRO C 245 6.24 -21.43 -27.50
CA PRO C 245 5.99 -21.97 -28.85
C PRO C 245 6.09 -20.95 -30.00
N GLU C 246 5.62 -19.71 -29.77
CA GLU C 246 5.49 -18.70 -30.83
C GLU C 246 6.83 -18.00 -31.11
N VAL C 247 7.82 -18.24 -30.24
CA VAL C 247 9.22 -17.86 -30.53
C VAL C 247 9.82 -18.86 -31.56
N GLU C 248 10.27 -18.35 -32.71
CA GLU C 248 10.85 -19.16 -33.77
C GLU C 248 12.39 -19.14 -33.76
N GLU C 249 12.97 -17.98 -33.45
CA GLU C 249 14.41 -17.80 -33.41
C GLU C 249 14.76 -16.89 -32.23
N ILE C 250 15.91 -17.12 -31.61
CA ILE C 250 16.36 -16.30 -30.48
C ILE C 250 17.88 -16.06 -30.56
N GLU C 251 18.26 -14.79 -30.40
CA GLU C 251 19.64 -14.35 -30.41
C GLU C 251 19.96 -13.83 -29.01
N ILE C 252 21.11 -14.19 -28.49
CA ILE C 252 21.54 -13.67 -27.18
C ILE C 252 22.96 -13.09 -27.25
N ILE C 253 23.18 -11.91 -26.68
CA ILE C 253 24.53 -11.40 -26.51
C ILE C 253 24.73 -11.30 -25.02
N MET C 254 25.74 -12.03 -24.55
CA MET C 254 26.23 -11.92 -23.16
C MET C 254 27.66 -11.34 -23.07
N PRO C 255 27.74 -10.05 -22.67
CA PRO C 255 29.04 -9.45 -22.30
C PRO C 255 29.62 -10.14 -21.08
N ASN C 256 30.93 -10.14 -20.90
CA ASN C 256 31.50 -10.64 -19.65
C ASN C 256 32.20 -9.45 -19.05
N GLN C 257 31.46 -8.70 -18.27
CA GLN C 257 32.01 -7.52 -17.66
C GLN C 257 32.77 -7.89 -16.38
N HIS C 258 34.10 -7.79 -16.45
CA HIS C 258 35.02 -8.42 -15.50
C HIS C 258 35.18 -7.80 -14.11
N TYR C 259 35.29 -8.69 -13.11
CA TYR C 259 35.69 -8.30 -11.75
C TYR C 259 36.93 -9.05 -11.35
N PHE C 260 38.06 -8.37 -11.26
CA PHE C 260 39.33 -9.02 -10.92
C PHE C 260 39.77 -8.88 -9.46
N VAL C 261 40.18 -9.99 -8.85
CA VAL C 261 40.82 -9.96 -7.53
C VAL C 261 42.06 -9.08 -7.60
N ILE C 262 42.09 -8.04 -6.77
CA ILE C 262 43.23 -7.14 -6.68
C ILE C 262 44.41 -7.80 -6.00
N ASP C 263 45.52 -7.95 -6.71
CA ASP C 263 46.74 -8.44 -6.08
C ASP C 263 47.38 -7.32 -5.18
N MET C 264 47.54 -7.58 -3.89
CA MET C 264 48.16 -6.61 -2.95
C MET C 264 49.50 -7.08 -2.32
N THR C 265 50.12 -8.11 -2.88
CA THR C 265 51.38 -8.62 -2.36
C THR C 265 52.47 -7.56 -2.54
N LYS C 266 52.38 -6.76 -3.60
CA LYS C 266 53.32 -5.68 -3.82
C LYS C 266 53.22 -4.58 -2.74
N ILE C 267 52.13 -4.61 -1.96
CA ILE C 267 51.95 -3.67 -0.84
C ILE C 267 51.82 -4.47 0.49
N GLY C 268 52.37 -5.69 0.48
CA GLY C 268 52.48 -6.56 1.67
C GLY C 268 51.18 -6.91 2.41
N LEU C 269 50.10 -7.11 1.65
CA LEU C 269 48.84 -7.61 2.18
C LEU C 269 48.43 -8.80 1.34
N SER C 270 47.68 -9.71 1.95
CA SER C 270 47.27 -10.89 1.24
C SER C 270 45.75 -10.86 1.09
N ASN C 271 45.30 -10.51 -0.11
CA ASN C 271 43.89 -10.37 -0.42
C ASN C 271 43.24 -11.73 -0.70
N LYS C 272 42.56 -12.27 0.32
CA LYS C 272 41.86 -13.57 0.22
C LYS C 272 40.51 -13.36 -0.46
N ASP C 273 40.52 -12.88 -1.70
CA ASP C 273 39.28 -12.78 -2.51
C ASP C 273 38.23 -11.89 -1.89
N GLU C 274 38.68 -10.84 -1.21
CA GLU C 274 37.77 -9.92 -0.49
C GLU C 274 37.39 -8.67 -1.32
N VAL C 275 38.43 -8.05 -1.85
CA VAL C 275 38.31 -6.78 -2.52
C VAL C 275 38.60 -7.02 -3.97
N TYR C 276 37.68 -6.57 -4.82
CA TYR C 276 37.76 -6.79 -6.25
C TYR C 276 37.77 -5.44 -7.04
N LEU C 277 38.42 -5.45 -8.21
CA LEU C 277 38.41 -4.31 -9.13
C LEU C 277 37.43 -4.49 -10.27
N PRO C 278 36.32 -3.72 -10.27
CA PRO C 278 35.44 -3.62 -11.45
C PRO C 278 36.17 -2.91 -12.57
N LEU C 279 36.23 -3.55 -13.73
CA LEU C 279 36.98 -3.01 -14.87
C LEU C 279 36.08 -2.82 -16.04
N ASP C 280 36.00 -1.60 -16.57
CA ASP C 280 35.02 -1.34 -17.63
C ASP C 280 35.40 -2.01 -18.92
N ASN C 281 36.70 -1.94 -19.30
CA ASN C 281 37.21 -2.30 -20.64
C ASN C 281 38.56 -3.05 -20.55
N PRO C 282 38.74 -4.13 -21.34
CA PRO C 282 37.76 -4.65 -22.30
C PRO C 282 36.78 -5.64 -21.65
N SER C 283 35.84 -6.15 -22.44
CA SER C 283 34.91 -7.14 -21.94
C SER C 283 34.80 -8.33 -22.87
N GLY C 284 34.64 -9.50 -22.23
CA GLY C 284 34.25 -10.69 -22.95
C GLY C 284 32.96 -10.37 -23.64
N ASN C 285 32.75 -11.00 -24.78
CA ASN C 285 31.50 -10.90 -25.49
C ASN C 285 31.29 -12.26 -26.13
N ILE C 286 30.16 -12.88 -25.74
CA ILE C 286 29.80 -14.20 -26.18
C ILE C 286 28.40 -14.07 -26.74
N THR C 287 28.23 -14.49 -28.00
CA THR C 287 26.94 -14.35 -28.70
C THR C 287 26.51 -15.69 -29.25
N GLY C 288 25.20 -15.84 -29.56
CA GLY C 288 24.62 -17.06 -30.13
C GLY C 288 23.21 -16.85 -30.71
N THR C 289 22.96 -17.47 -31.85
CA THR C 289 21.68 -17.31 -32.50
C THR C 289 21.17 -18.63 -33.04
N VAL C 290 20.10 -19.10 -32.38
CA VAL C 290 19.50 -20.43 -32.57
C VAL C 290 18.02 -20.35 -33.00
N CYS C 291 17.68 -21.07 -34.07
CA CYS C 291 16.29 -21.17 -34.51
C CYS C 291 15.81 -22.61 -34.50
N ARG C 292 14.48 -22.80 -34.58
CA ARG C 292 13.85 -24.14 -34.67
C ARG C 292 14.19 -24.85 -35.98
N LYS C 293 14.53 -26.13 -35.86
CA LYS C 293 14.79 -27.01 -37.00
C LYS C 293 13.47 -27.36 -37.71
N PRO C 294 13.19 -26.69 -38.86
CA PRO C 294 11.95 -26.93 -39.62
C PRO C 294 11.74 -28.41 -40.00
N ASN D 8 15.26 -30.86 -32.76
CA ASN D 8 14.48 -29.63 -32.36
C ASN D 8 15.13 -28.30 -32.85
N VAL D 9 16.43 -28.12 -32.59
CA VAL D 9 17.11 -26.80 -32.77
C VAL D 9 18.25 -26.86 -33.78
N GLU D 10 18.70 -25.69 -34.21
CA GLU D 10 19.79 -25.55 -35.19
C GLU D 10 20.46 -24.16 -35.06
N PHE D 11 21.79 -24.11 -35.20
CA PHE D 11 22.55 -22.86 -35.11
C PHE D 11 22.39 -22.05 -36.38
N VAL D 12 22.04 -20.77 -36.23
CA VAL D 12 22.02 -19.94 -37.41
C VAL D 12 23.31 -19.13 -37.47
N ARG D 13 23.94 -18.93 -36.32
CA ARG D 13 25.07 -18.00 -36.19
C ARG D 13 25.71 -18.13 -34.80
N THR D 14 27.04 -18.15 -34.73
CA THR D 14 27.75 -18.15 -33.44
C THR D 14 28.94 -17.23 -33.52
N GLY D 15 29.31 -16.64 -32.40
CA GLY D 15 30.51 -15.84 -32.37
C GLY D 15 30.80 -15.42 -30.98
N TYR D 16 32.06 -15.08 -30.74
CA TYR D 16 32.48 -14.62 -29.44
C TYR D 16 33.82 -13.93 -29.59
N GLY D 17 34.18 -13.11 -28.59
CA GLY D 17 35.48 -12.48 -28.62
C GLY D 17 35.67 -11.52 -27.50
N LYS D 18 36.43 -10.47 -27.76
CA LYS D 18 36.69 -9.41 -26.78
C LYS D 18 36.40 -8.09 -27.45
N ASN D 19 35.66 -7.24 -26.72
CA ASN D 19 35.22 -5.92 -27.17
C ASN D 19 35.82 -4.84 -26.31
N MET D 20 35.81 -3.61 -26.85
CA MET D 20 36.37 -2.43 -26.19
C MET D 20 37.87 -2.60 -25.88
N VAL D 21 38.62 -3.26 -26.78
CA VAL D 21 40.07 -3.33 -26.60
C VAL D 21 40.64 -1.99 -27.10
N LYS D 22 41.11 -1.16 -26.16
CA LYS D 22 41.63 0.12 -26.50
C LYS D 22 43.10 -0.10 -26.67
N VAL D 23 43.69 0.58 -27.66
CA VAL D 23 45.14 0.53 -27.95
C VAL D 23 45.62 1.80 -28.68
N LEU D 24 46.76 2.33 -28.26
CA LEU D 24 47.44 3.41 -28.97
C LEU D 24 48.83 2.91 -29.35
N HIS D 25 49.22 3.24 -30.58
CA HIS D 25 50.52 2.82 -31.16
C HIS D 25 51.26 4.05 -31.53
N ILE D 26 52.56 4.06 -31.30
CA ILE D 26 53.34 5.24 -31.56
C ILE D 26 54.51 4.90 -32.47
N ARG D 27 54.82 5.83 -33.36
CA ARG D 27 55.92 5.66 -34.30
C ARG D 27 56.71 6.95 -34.21
N ARG D 28 57.87 6.89 -33.55
CA ARG D 28 58.75 8.06 -33.43
C ARG D 28 59.79 8.03 -34.56
N GLU D 29 59.81 9.06 -35.41
CA GLU D 29 60.89 9.26 -36.41
C GLU D 29 61.50 10.61 -36.10
N GLY D 30 62.56 10.61 -35.30
CA GLY D 30 63.15 11.87 -34.91
C GLY D 30 62.28 12.44 -33.81
N ASN D 31 62.08 13.76 -33.75
CA ASN D 31 61.26 14.28 -32.64
C ASN D 31 59.77 14.21 -32.94
N HIS D 32 59.46 13.91 -34.20
CA HIS D 32 58.12 13.93 -34.77
C HIS D 32 57.40 12.59 -34.54
N HIS D 33 56.48 12.61 -33.59
CA HIS D 33 55.76 11.42 -33.12
C HIS D 33 54.46 11.24 -33.92
N HIS D 34 54.26 10.00 -34.42
CA HIS D 34 53.02 9.63 -35.14
C HIS D 34 52.27 8.71 -34.20
N ILE D 35 50.99 9.03 -33.98
CA ILE D 35 50.15 8.26 -33.08
C ILE D 35 48.87 7.85 -33.75
N ILE D 36 48.32 6.73 -33.30
CA ILE D 36 47.02 6.23 -33.76
C ILE D 36 46.38 5.49 -32.60
N GLU D 37 45.23 5.98 -32.12
CA GLU D 37 44.53 5.34 -30.99
C GLU D 37 43.19 4.83 -31.50
N LEU D 38 42.91 3.58 -31.16
CA LEU D 38 41.69 2.91 -31.63
C LEU D 38 41.06 2.00 -30.55
N ILE D 39 39.79 1.67 -30.74
CA ILE D 39 39.04 0.79 -29.86
C ILE D 39 38.61 -0.30 -30.82
N ALA D 40 39.00 -1.51 -30.51
CA ALA D 40 38.78 -2.56 -31.47
C ALA D 40 37.91 -3.62 -30.85
N ASN D 41 37.03 -4.22 -31.65
CA ASN D 41 36.39 -5.45 -31.19
C ASN D 41 36.57 -6.59 -32.19
N VAL D 42 36.97 -7.75 -31.68
CA VAL D 42 37.15 -8.89 -32.56
C VAL D 42 36.18 -10.02 -32.22
N GLN D 43 35.53 -10.55 -33.26
CA GLN D 43 34.68 -11.70 -33.09
C GLN D 43 35.18 -12.92 -33.90
N LEU D 44 35.21 -14.08 -33.24
CA LEU D 44 35.62 -15.30 -33.92
C LEU D 44 34.46 -16.32 -34.09
N THR D 45 34.44 -17.08 -35.18
CA THR D 45 33.56 -18.26 -35.31
C THR D 45 34.36 -19.56 -35.38
N LEU D 46 34.01 -20.49 -34.51
CA LEU D 46 34.73 -21.75 -34.43
C LEU D 46 34.04 -22.85 -35.27
N LYS D 47 34.85 -23.74 -35.87
CA LYS D 47 34.38 -24.95 -36.60
C LYS D 47 33.45 -25.80 -35.74
N THR D 48 33.85 -26.06 -34.49
CA THR D 48 33.16 -26.92 -33.51
C THR D 48 32.20 -26.12 -32.67
N ARG D 49 31.10 -26.73 -32.26
CA ARG D 49 30.14 -26.04 -31.40
C ARG D 49 30.03 -26.76 -30.06
N LYS D 50 30.98 -27.64 -29.77
CA LYS D 50 30.98 -28.43 -28.53
C LYS D 50 31.04 -27.56 -27.24
N ASP D 51 31.61 -26.35 -27.37
CA ASP D 51 31.55 -25.32 -26.32
C ASP D 51 30.12 -24.94 -25.93
N TYR D 52 29.24 -24.71 -26.92
CA TYR D 52 27.85 -24.37 -26.63
C TYR D 52 27.07 -25.57 -26.13
N LEU D 53 27.21 -26.69 -26.83
CA LEU D 53 26.49 -27.92 -26.51
C LEU D 53 26.86 -28.51 -25.15
N THR D 54 28.15 -28.74 -24.88
CA THR D 54 28.57 -29.57 -23.71
C THR D 54 29.47 -28.86 -22.68
N GLY D 55 29.69 -27.56 -22.88
CA GLY D 55 30.61 -26.77 -22.06
C GLY D 55 32.05 -27.23 -22.18
N ASP D 56 32.44 -27.72 -23.36
CA ASP D 56 33.81 -28.16 -23.62
C ASP D 56 34.66 -26.97 -24.13
N ASN D 57 35.64 -26.59 -23.32
CA ASN D 57 36.38 -25.38 -23.63
C ASN D 57 37.60 -25.60 -24.52
N SER D 58 37.98 -26.86 -24.73
CA SER D 58 39.21 -27.24 -25.43
C SER D 58 39.44 -26.55 -26.79
N ASP D 59 38.36 -26.06 -27.41
CA ASP D 59 38.51 -25.25 -28.61
C ASP D 59 38.54 -23.70 -28.42
N ILE D 60 38.31 -23.24 -27.19
CA ILE D 60 38.20 -21.80 -26.91
C ILE D 60 39.57 -21.14 -26.84
N ILE D 61 39.77 -20.17 -27.74
CA ILE D 61 40.85 -19.20 -27.62
C ILE D 61 40.25 -18.16 -26.68
N PRO D 62 40.76 -18.09 -25.45
CA PRO D 62 40.15 -17.22 -24.42
C PRO D 62 40.06 -15.76 -24.85
N THR D 63 39.01 -15.08 -24.42
CA THR D 63 38.87 -13.71 -24.80
C THR D 63 40.10 -12.89 -24.32
N ASP D 64 40.58 -13.16 -23.12
CA ASP D 64 41.86 -12.59 -22.64
C ASP D 64 43.04 -12.74 -23.62
N THR D 65 43.07 -13.88 -24.31
CA THR D 65 44.01 -14.17 -25.40
C THR D 65 43.78 -13.36 -26.69
N VAL D 66 42.50 -13.18 -27.05
CA VAL D 66 42.11 -12.28 -28.11
C VAL D 66 42.62 -10.88 -27.75
N LYS D 67 42.44 -10.49 -26.49
CA LYS D 67 42.92 -9.19 -26.08
C LYS D 67 44.43 -9.17 -26.30
N ASN D 68 45.13 -10.16 -25.76
CA ASN D 68 46.59 -10.23 -25.85
C ASN D 68 47.09 -10.21 -27.29
N THR D 69 46.36 -10.89 -28.17
CA THR D 69 46.74 -10.96 -29.55
C THR D 69 46.62 -9.56 -30.18
N VAL D 70 45.53 -8.86 -29.90
CA VAL D 70 45.39 -7.51 -30.49
C VAL D 70 46.54 -6.58 -30.02
N HIS D 71 46.85 -6.61 -28.73
CA HIS D 71 48.03 -5.92 -28.27
C HIS D 71 49.30 -6.39 -29.01
N ALA D 72 49.43 -7.71 -29.17
CA ALA D 72 50.66 -8.27 -29.74
C ALA D 72 50.87 -7.90 -31.22
N LEU D 73 49.81 -8.04 -32.02
CA LEU D 73 49.90 -7.78 -33.45
C LEU D 73 50.25 -6.34 -33.67
N ALA D 74 49.84 -5.51 -32.72
CA ALA D 74 50.13 -4.09 -32.78
C ALA D 74 51.63 -3.80 -32.72
N LYS D 75 52.36 -4.53 -31.89
CA LYS D 75 53.80 -4.41 -31.79
C LYS D 75 54.41 -4.99 -33.08
N LEU D 76 54.06 -6.25 -33.35
CA LEU D 76 54.60 -7.03 -34.48
C LEU D 76 54.36 -6.43 -35.89
N LYS D 77 53.10 -6.19 -36.25
CA LYS D 77 52.75 -5.58 -37.55
C LYS D 77 52.85 -4.04 -37.56
N GLY D 78 52.83 -3.40 -36.38
CA GLY D 78 52.65 -1.95 -36.28
C GLY D 78 51.23 -1.57 -36.75
N ILE D 79 50.92 -0.26 -36.74
CA ILE D 79 49.60 0.18 -37.16
C ILE D 79 49.65 1.35 -38.14
N LYS D 80 49.45 1.01 -39.40
CA LYS D 80 49.41 2.03 -40.46
C LYS D 80 48.01 2.69 -40.60
N SER D 81 46.97 1.87 -40.70
CA SER D 81 45.58 2.29 -40.61
C SER D 81 44.70 1.27 -39.82
N ILE D 82 43.52 1.69 -39.36
CA ILE D 82 42.64 0.74 -38.69
C ILE D 82 42.22 -0.38 -39.66
N GLU D 83 42.07 -0.05 -40.95
CA GLU D 83 41.70 -1.04 -41.98
C GLU D 83 42.78 -2.10 -42.15
N SER D 84 44.04 -1.70 -42.31
CA SER D 84 45.11 -2.74 -42.40
C SER D 84 45.31 -3.54 -41.10
N PHE D 85 45.23 -2.86 -39.94
CA PHE D 85 45.26 -3.58 -38.66
C PHE D 85 44.15 -4.69 -38.58
N ALA D 86 42.91 -4.29 -38.92
CA ALA D 86 41.80 -5.21 -38.99
C ALA D 86 42.09 -6.37 -39.91
N LEU D 87 42.79 -6.12 -41.00
CA LEU D 87 43.12 -7.16 -41.96
C LEU D 87 44.14 -8.15 -41.43
N ASP D 88 45.06 -7.63 -40.59
CA ASP D 88 46.13 -8.43 -39.97
C ASP D 88 45.56 -9.31 -38.86
N ILE D 89 44.61 -8.78 -38.09
CA ILE D 89 43.89 -9.54 -37.09
C ILE D 89 43.14 -10.70 -37.76
N CYS D 90 42.44 -10.38 -38.85
CA CYS D 90 41.80 -11.41 -39.63
C CYS D 90 42.76 -12.51 -40.08
N GLU D 91 43.89 -12.12 -40.68
CA GLU D 91 44.81 -13.06 -41.27
C GLU D 91 45.42 -13.95 -40.20
N HIS D 92 45.74 -13.37 -39.04
CA HIS D 92 46.37 -14.11 -37.97
C HIS D 92 45.50 -15.25 -37.52
N PHE D 93 44.22 -14.97 -37.25
CA PHE D 93 43.33 -15.95 -36.61
C PHE D 93 42.92 -17.04 -37.59
N LEU D 94 43.00 -16.71 -38.87
CA LEU D 94 42.75 -17.64 -39.93
C LEU D 94 43.94 -18.52 -40.28
N THR D 95 45.14 -17.99 -40.08
CA THR D 95 46.35 -18.71 -40.47
C THR D 95 47.09 -19.33 -39.29
N ALA D 96 47.08 -18.68 -38.14
CA ALA D 96 47.73 -19.26 -36.95
C ALA D 96 46.86 -20.34 -36.25
N PHE D 97 45.61 -20.48 -36.70
CA PHE D 97 44.77 -21.63 -36.33
C PHE D 97 44.18 -22.32 -37.57
N ASN D 98 43.55 -23.47 -37.33
CA ASN D 98 42.80 -24.24 -38.35
C ASN D 98 41.29 -24.47 -38.05
N HIS D 99 40.88 -24.33 -36.80
CA HIS D 99 39.47 -24.44 -36.40
C HIS D 99 38.68 -23.12 -36.30
N VAL D 100 39.26 -22.01 -36.74
CA VAL D 100 38.52 -20.75 -36.74
C VAL D 100 38.04 -20.61 -38.18
N THR D 101 36.72 -20.43 -38.35
CA THR D 101 36.13 -20.42 -39.72
C THR D 101 35.81 -19.02 -40.17
N ARG D 102 35.65 -18.12 -39.22
CA ARG D 102 35.32 -16.75 -39.54
C ARG D 102 35.94 -15.82 -38.48
N VAL D 103 36.42 -14.66 -38.90
CA VAL D 103 36.81 -13.63 -37.96
C VAL D 103 36.31 -12.29 -38.45
N LYS D 104 35.73 -11.50 -37.53
CA LYS D 104 35.29 -10.13 -37.86
C LYS D 104 35.87 -9.09 -36.90
N VAL D 105 36.54 -8.10 -37.48
CA VAL D 105 37.12 -7.06 -36.71
C VAL D 105 36.35 -5.81 -37.07
N ASN D 106 35.76 -5.15 -36.07
CA ASN D 106 35.21 -3.81 -36.22
C ASN D 106 36.08 -2.95 -35.33
N ILE D 107 36.55 -1.81 -35.88
CA ILE D 107 37.44 -0.87 -35.17
C ILE D 107 36.84 0.54 -35.19
N ASP D 108 36.90 1.26 -34.06
CA ASP D 108 36.67 2.69 -34.05
C ASP D 108 38.00 3.47 -33.92
N GLU D 109 38.21 4.55 -34.67
CA GLU D 109 39.39 5.37 -34.44
C GLU D 109 39.10 6.59 -33.57
N VAL D 110 39.98 6.83 -32.59
CA VAL D 110 39.96 8.03 -31.76
C VAL D 110 40.54 9.21 -32.54
N PRO D 111 39.73 10.27 -32.75
CA PRO D 111 40.05 11.36 -33.68
C PRO D 111 41.09 12.36 -33.09
N TRP D 112 42.31 11.88 -32.92
CA TRP D 112 43.45 12.76 -32.59
C TRP D 112 43.87 13.63 -33.75
N LYS D 113 43.86 14.94 -33.55
CA LYS D 113 44.45 15.87 -34.54
C LYS D 113 45.69 16.56 -33.96
N ARG D 114 46.75 16.63 -34.78
CA ARG D 114 48.03 17.25 -34.39
C ARG D 114 47.75 18.71 -34.07
N LEU D 115 48.25 19.16 -32.92
CA LEU D 115 48.13 20.54 -32.52
C LEU D 115 48.82 21.47 -33.48
N GLU D 116 48.21 22.63 -33.69
CA GLU D 116 48.69 23.52 -34.74
C GLU D 116 48.42 25.00 -34.54
N LYS D 117 49.49 25.77 -34.62
CA LYS D 117 49.39 27.20 -34.69
C LYS D 117 50.11 27.70 -35.94
N ASN D 118 49.32 28.35 -36.82
CA ASN D 118 49.77 28.98 -38.07
C ASN D 118 50.81 28.12 -38.83
N GLY D 119 50.40 26.94 -39.27
CA GLY D 119 51.20 26.15 -40.22
C GLY D 119 52.47 25.48 -39.71
N VAL D 120 52.72 25.57 -38.39
CA VAL D 120 53.75 24.72 -37.73
C VAL D 120 53.03 23.71 -36.86
N GLU D 121 53.50 22.46 -36.94
CA GLU D 121 52.81 21.31 -36.35
C GLU D 121 53.63 20.72 -35.22
N HIS D 122 53.05 20.71 -34.03
CA HIS D 122 53.72 20.16 -32.84
C HIS D 122 54.22 18.77 -33.17
N ASN D 123 55.41 18.48 -32.69
CA ASN D 123 56.02 17.15 -32.95
C ASN D 123 55.32 16.05 -32.18
N HIS D 124 54.71 16.40 -31.04
CA HIS D 124 54.17 15.43 -30.12
C HIS D 124 52.94 15.85 -29.31
N ALA D 125 52.28 16.93 -29.71
CA ALA D 125 51.06 17.32 -28.98
C ALA D 125 49.81 17.26 -29.86
N PHE D 126 48.71 16.78 -29.26
CA PHE D 126 47.53 16.53 -30.04
C PHE D 126 46.32 17.08 -29.32
N ILE D 127 45.32 17.43 -30.12
CA ILE D 127 44.04 17.95 -29.62
C ILE D 127 42.95 17.04 -30.21
N HIS D 128 41.82 16.97 -29.52
CA HIS D 128 40.66 16.18 -29.94
C HIS D 128 39.64 17.08 -30.67
N CYS D 129 39.57 16.94 -32.00
CA CYS D 129 38.56 17.66 -32.82
C CYS D 129 37.87 16.70 -33.77
N PRO D 130 36.91 15.94 -33.26
CA PRO D 130 36.14 15.00 -34.04
C PRO D 130 35.10 15.70 -34.99
N GLU D 131 35.60 16.17 -36.13
CA GLU D 131 34.74 16.70 -37.14
C GLU D 131 33.78 15.61 -37.56
N ALA D 132 34.35 14.45 -37.87
CA ALA D 132 33.66 13.18 -38.12
C ALA D 132 34.40 11.99 -37.46
N LEU D 133 33.73 10.91 -37.09
CA LEU D 133 34.48 9.81 -36.43
C LEU D 133 34.70 8.72 -37.42
N ARG D 134 35.91 8.14 -37.47
CA ARG D 134 36.20 7.10 -38.50
C ARG D 134 36.17 5.68 -37.95
N PHE D 135 35.64 4.75 -38.72
CA PHE D 135 35.56 3.32 -38.29
C PHE D 135 35.75 2.41 -39.49
N CYS D 136 36.00 1.12 -39.23
CA CYS D 136 36.02 0.15 -40.32
C CYS D 136 35.57 -1.20 -39.85
N GLU D 137 35.40 -2.09 -40.81
CA GLU D 137 35.20 -3.50 -40.52
C GLU D 137 36.00 -4.39 -41.49
N ALA D 138 36.53 -5.51 -40.99
CA ALA D 138 37.08 -6.54 -41.86
C ALA D 138 36.45 -7.89 -41.52
N GLU D 139 35.89 -8.57 -42.51
CA GLU D 139 35.35 -9.92 -42.30
C GLU D 139 35.98 -10.88 -43.29
N GLN D 140 36.44 -12.03 -42.78
CA GLN D 140 37.03 -13.06 -43.61
C GLN D 140 36.59 -14.47 -43.26
N TYR D 141 36.28 -15.26 -44.28
CA TYR D 141 35.98 -16.72 -44.13
C TYR D 141 37.23 -17.54 -44.44
N LEU D 142 37.41 -18.67 -43.76
CA LEU D 142 38.63 -19.49 -43.85
C LEU D 142 39.11 -19.67 -45.29
N SER D 143 40.38 -19.34 -45.52
CA SER D 143 41.04 -19.32 -46.85
C SER D 143 40.17 -18.72 -47.99
N LYS D 144 39.60 -17.55 -47.71
CA LYS D 144 38.81 -16.77 -48.69
C LYS D 144 39.35 -15.36 -48.81
N THR D 145 38.88 -14.64 -49.81
CA THR D 145 39.29 -13.27 -49.94
C THR D 145 38.52 -12.31 -48.98
N PRO D 146 39.23 -11.62 -48.07
CA PRO D 146 38.52 -10.84 -47.05
C PRO D 146 37.79 -9.65 -47.62
N VAL D 147 36.78 -9.16 -46.90
CA VAL D 147 35.98 -7.98 -47.34
C VAL D 147 36.17 -6.82 -46.34
N VAL D 148 36.42 -5.60 -46.82
CA VAL D 148 36.58 -4.45 -45.92
C VAL D 148 35.48 -3.40 -46.09
N HIS D 149 34.84 -3.00 -45.00
CA HIS D 149 34.02 -1.79 -44.98
C HIS D 149 34.75 -0.60 -44.26
N SER D 150 34.54 0.64 -44.74
CA SER D 150 34.92 1.84 -43.98
C SER D 150 33.73 2.77 -43.96
N GLY D 151 33.73 3.70 -43.01
CA GLY D 151 32.68 4.69 -42.88
C GLY D 151 33.00 5.86 -41.98
N LEU D 152 32.10 6.83 -41.93
CA LEU D 152 32.27 7.93 -41.02
C LEU D 152 30.99 8.05 -40.26
N LYS D 153 31.04 8.52 -39.01
CA LYS D 153 29.84 8.78 -38.20
C LYS D 153 29.92 10.08 -37.39
N ASP D 154 28.75 10.59 -36.98
CA ASP D 154 28.64 11.78 -36.09
C ASP D 154 29.24 13.04 -36.68
N MET D 155 29.07 13.21 -37.99
CA MET D 155 29.51 14.42 -38.63
C MET D 155 28.33 15.36 -38.66
N LYS D 156 28.25 16.18 -37.64
CA LYS D 156 27.20 17.16 -37.46
C LYS D 156 27.47 18.41 -38.32
N VAL D 157 26.64 18.64 -39.34
CA VAL D 157 26.71 19.89 -40.12
C VAL D 157 25.41 20.69 -40.16
N LEU D 158 25.50 22.00 -40.37
CA LEU D 158 24.32 22.86 -40.49
C LEU D 158 24.34 23.83 -41.66
N LYS D 159 23.25 23.86 -42.44
CA LYS D 159 23.02 24.97 -43.38
C LYS D 159 21.86 25.80 -42.89
N THR D 160 21.92 27.09 -43.13
CA THR D 160 20.86 27.97 -42.65
C THR D 160 19.96 28.45 -43.73
N THR D 161 20.24 28.00 -44.96
CA THR D 161 19.41 28.30 -46.14
C THR D 161 19.68 27.37 -47.33
N GLN D 162 19.07 27.65 -48.47
CA GLN D 162 19.28 26.90 -49.71
C GLN D 162 18.70 25.49 -49.62
N THR D 163 17.69 25.32 -48.77
CA THR D 163 16.89 24.08 -48.65
C THR D 163 15.41 24.44 -48.65
N GLY D 164 14.60 23.60 -49.27
CA GLY D 164 13.16 23.69 -49.20
C GLY D 164 12.50 22.34 -49.28
N PHE D 165 11.22 22.32 -48.98
CA PHE D 165 10.45 21.10 -48.91
C PHE D 165 9.08 21.52 -49.31
N GLU D 166 8.82 21.38 -50.61
CA GLU D 166 7.53 21.72 -51.20
C GLU D 166 7.11 20.71 -52.28
N GLY D 167 5.79 20.57 -52.45
CA GLY D 167 5.26 19.67 -53.47
C GLY D 167 5.10 18.24 -52.96
N PHE D 168 4.78 18.10 -51.68
CA PHE D 168 4.61 16.79 -51.02
C PHE D 168 3.14 16.42 -50.91
N LEU D 169 2.84 15.16 -50.60
CA LEU D 169 1.47 14.68 -50.31
C LEU D 169 0.87 15.21 -49.02
N ARG D 170 -0.34 15.79 -49.09
CA ARG D 170 -1.20 16.00 -47.89
C ARG D 170 -2.09 14.78 -47.72
N ASP D 171 -2.24 14.32 -46.49
CA ASP D 171 -3.27 13.35 -46.20
C ASP D 171 -4.06 13.95 -45.06
N ARG D 172 -4.94 13.16 -44.50
CA ARG D 172 -5.71 13.43 -43.28
C ARG D 172 -4.87 13.99 -42.11
N PHE D 173 -3.61 13.55 -42.00
CA PHE D 173 -2.71 13.88 -40.88
C PHE D 173 -1.62 14.94 -41.16
N THR D 174 -1.48 15.35 -42.40
CA THR D 174 -0.53 16.40 -42.73
C THR D 174 -1.02 17.77 -42.21
N THR D 175 -0.15 18.53 -41.54
CA THR D 175 -0.45 19.92 -41.12
C THR D 175 0.57 20.89 -41.68
N LEU D 176 1.77 20.36 -41.97
CA LEU D 176 2.93 21.07 -42.50
C LEU D 176 2.68 21.72 -43.85
N THR D 177 2.91 23.05 -43.94
CA THR D 177 2.80 23.79 -45.24
C THR D 177 4.11 23.87 -45.99
N ASP D 178 4.04 24.19 -47.30
CA ASP D 178 5.24 24.37 -48.13
C ASP D 178 6.22 25.29 -47.42
N ALA D 179 7.50 24.99 -47.60
CA ALA D 179 8.58 25.79 -47.04
C ALA D 179 9.57 26.13 -48.15
N LYS D 180 9.57 27.38 -48.60
CA LYS D 180 10.53 27.88 -49.61
C LYS D 180 12.01 27.76 -49.11
N ASP D 181 12.20 27.98 -47.79
CA ASP D 181 13.51 28.15 -47.10
C ASP D 181 13.47 27.66 -45.62
N ARG D 182 14.52 26.96 -45.19
CA ARG D 182 14.59 26.39 -43.84
C ARG D 182 15.96 25.76 -43.58
N PHE D 183 16.28 25.60 -42.29
CA PHE D 183 17.62 25.17 -41.89
C PHE D 183 17.62 23.72 -42.18
N PHE D 184 18.80 23.18 -42.50
CA PHE D 184 19.05 21.75 -42.62
C PHE D 184 20.29 21.32 -41.80
N CYS D 185 20.00 20.57 -40.75
CA CYS D 185 21.00 20.13 -39.87
C CYS D 185 20.98 18.62 -39.78
N THR D 186 22.16 18.02 -39.82
CA THR D 186 22.26 16.59 -39.75
C THR D 186 23.55 16.13 -39.14
N SER D 187 23.50 14.85 -38.78
CA SER D 187 24.58 14.16 -38.18
C SER D 187 24.75 12.88 -39.00
N VAL D 188 25.57 13.04 -40.05
CA VAL D 188 25.75 12.10 -41.17
C VAL D 188 26.45 10.81 -40.77
N TYR D 189 25.88 9.67 -41.18
CA TYR D 189 26.51 8.36 -41.08
C TYR D 189 26.68 7.80 -42.49
N ALA D 190 27.88 7.33 -42.82
CA ALA D 190 28.18 6.81 -44.14
C ALA D 190 29.00 5.53 -43.98
N ARG D 191 28.78 4.53 -44.85
CA ARG D 191 29.44 3.21 -44.72
C ARG D 191 29.49 2.55 -46.07
N TRP D 192 30.68 2.24 -46.54
CA TRP D 192 30.84 1.77 -47.89
C TRP D 192 31.77 0.56 -47.93
N ARG D 193 31.50 -0.36 -48.87
CA ARG D 193 32.33 -1.56 -49.13
C ARG D 193 33.33 -1.40 -50.29
N TYR D 194 34.54 -1.84 -50.04
CA TYR D 194 35.57 -1.78 -51.07
C TYR D 194 35.58 -3.10 -51.82
N ASN D 195 35.80 -3.01 -53.13
CA ASN D 195 35.76 -4.21 -54.03
C ASN D 195 37.11 -4.88 -54.19
N THR D 196 38.11 -4.30 -53.55
CA THR D 196 39.44 -4.86 -53.47
C THR D 196 40.07 -4.48 -52.13
N ILE D 197 41.03 -5.28 -51.68
CA ILE D 197 41.77 -5.00 -50.46
C ILE D 197 42.85 -3.97 -50.70
N ASN D 198 43.02 -3.64 -51.97
CA ASN D 198 44.16 -2.89 -52.40
C ASN D 198 43.69 -1.47 -52.60
N VAL D 199 43.79 -0.70 -51.53
CA VAL D 199 43.25 0.65 -51.47
C VAL D 199 44.22 1.55 -50.68
N ALA D 200 44.33 2.79 -51.12
CA ALA D 200 44.97 3.76 -50.26
C ALA D 200 43.89 4.30 -49.26
N PHE D 201 43.82 3.64 -48.09
CA PHE D 201 42.74 3.82 -47.07
C PHE D 201 42.61 5.22 -46.43
N ASP D 202 43.72 5.82 -45.96
CA ASP D 202 43.65 7.19 -45.43
C ASP D 202 43.17 8.16 -46.50
N ALA D 203 43.54 7.92 -47.77
CA ALA D 203 43.22 8.83 -48.89
C ALA D 203 41.78 8.74 -49.34
N ALA D 204 41.29 7.50 -49.45
CA ALA D 204 39.91 7.24 -49.83
C ALA D 204 38.94 7.75 -48.77
N TRP D 205 39.23 7.48 -47.49
CA TRP D 205 38.35 7.95 -46.41
C TRP D 205 38.17 9.46 -46.45
N LYS D 206 39.29 10.17 -46.53
CA LYS D 206 39.27 11.63 -46.71
C LYS D 206 38.44 12.03 -47.93
N ALA D 207 38.53 11.26 -49.00
CA ALA D 207 37.88 11.61 -50.25
C ALA D 207 36.40 11.53 -50.05
N VAL D 208 35.94 10.46 -49.38
CA VAL D 208 34.51 10.29 -49.10
C VAL D 208 33.99 11.44 -48.25
N LYS D 209 34.58 11.64 -47.06
CA LYS D 209 34.29 12.80 -46.19
C LYS D 209 34.20 14.10 -46.97
N ASP D 210 35.21 14.43 -47.76
CA ASP D 210 35.20 15.69 -48.53
C ASP D 210 34.04 15.82 -49.50
N THR D 211 33.70 14.68 -50.12
CA THR D 211 32.60 14.62 -51.06
C THR D 211 31.32 14.91 -50.31
N VAL D 212 31.20 14.34 -49.12
CA VAL D 212 29.97 14.47 -48.37
C VAL D 212 29.76 15.92 -48.03
N ILE D 213 30.76 16.58 -47.43
CA ILE D 213 30.60 17.97 -46.98
C ILE D 213 30.41 18.89 -48.21
N GLN D 214 31.13 18.62 -49.29
CA GLN D 214 31.17 19.53 -50.42
C GLN D 214 29.80 19.58 -51.12
N LYS D 215 29.17 18.41 -51.28
CA LYS D 215 27.89 18.32 -51.97
C LYS D 215 26.76 18.72 -51.02
N PHE D 216 27.05 18.73 -49.73
CA PHE D 216 26.14 19.28 -48.74
C PHE D 216 26.19 20.83 -48.70
N ALA D 217 27.37 21.38 -48.79
CA ALA D 217 27.48 22.77 -48.49
C ALA D 217 27.61 23.68 -49.71
N GLY D 218 28.48 23.30 -50.64
CA GLY D 218 29.17 24.25 -51.54
C GLY D 218 28.25 24.59 -52.67
N PRO D 219 28.63 25.55 -53.57
CA PRO D 219 29.82 26.42 -53.51
C PRO D 219 29.78 27.40 -52.33
N TYR D 220 30.93 27.90 -51.92
CA TYR D 220 30.99 28.56 -50.61
C TYR D 220 30.34 29.94 -50.54
N ASP D 221 29.87 30.43 -51.68
CA ASP D 221 29.37 31.81 -51.78
C ASP D 221 27.87 31.90 -51.59
N ARG D 222 27.17 31.26 -52.52
CA ARG D 222 25.74 31.36 -52.54
C ARG D 222 25.17 29.99 -52.14
N GLY D 223 26.03 29.01 -51.87
CA GLY D 223 25.58 27.61 -51.73
C GLY D 223 24.88 27.04 -52.95
N GLU D 224 24.32 25.85 -52.81
CA GLU D 224 23.57 25.21 -53.88
C GLU D 224 22.21 24.74 -53.33
N TYR D 225 21.13 25.09 -54.05
CA TYR D 225 19.77 24.75 -53.64
C TYR D 225 19.56 23.26 -53.73
N SER D 226 19.04 22.68 -52.66
CA SER D 226 18.63 21.29 -52.65
C SER D 226 17.17 21.16 -52.25
N PRO D 227 16.36 20.48 -53.10
CA PRO D 227 14.89 20.42 -52.99
C PRO D 227 14.37 19.29 -52.15
N SER D 228 15.27 18.39 -51.80
CA SER D 228 14.96 17.09 -51.33
C SER D 228 16.25 16.52 -50.71
N VAL D 229 16.17 16.23 -49.40
CA VAL D 229 17.24 15.56 -48.68
C VAL D 229 17.56 14.21 -49.34
N GLN D 230 16.54 13.50 -49.82
CA GLN D 230 16.73 12.26 -50.58
C GLN D 230 17.67 12.48 -51.75
N LYS D 231 17.56 13.64 -52.41
CA LYS D 231 18.32 13.87 -53.63
C LYS D 231 19.75 14.23 -53.31
N THR D 232 19.94 15.03 -52.25
CA THR D 232 21.28 15.36 -51.74
C THR D 232 22.06 14.10 -51.38
N LEU D 233 21.38 13.20 -50.67
CA LEU D 233 21.99 11.97 -50.24
C LEU D 233 22.43 11.17 -51.48
N TYR D 234 21.53 11.08 -52.46
CA TYR D 234 21.75 10.31 -53.67
C TYR D 234 22.87 10.89 -54.54
N ASP D 235 22.82 12.19 -54.82
CA ASP D 235 23.86 12.82 -55.63
C ASP D 235 25.26 12.55 -55.05
N THR D 236 25.35 12.45 -53.71
CA THR D 236 26.58 12.17 -52.96
C THR D 236 27.00 10.71 -53.22
N GLN D 237 26.03 9.80 -53.26
CA GLN D 237 26.35 8.40 -53.57
C GLN D 237 26.94 8.24 -54.98
N LEU D 238 26.39 9.00 -55.95
CA LEU D 238 26.94 9.08 -57.32
C LEU D 238 28.34 9.71 -57.43
N LEU D 239 28.59 10.77 -56.67
CA LEU D 239 29.85 11.49 -56.68
C LEU D 239 30.95 10.69 -56.02
N VAL D 240 30.60 9.85 -55.04
CA VAL D 240 31.60 8.95 -54.40
C VAL D 240 31.98 7.85 -55.38
N LEU D 241 30.98 7.27 -56.03
CA LEU D 241 31.19 6.20 -57.00
C LEU D 241 31.95 6.63 -58.27
N ASP D 242 31.95 7.92 -58.57
CA ASP D 242 32.79 8.47 -59.63
C ASP D 242 34.22 8.67 -59.19
N ARG D 243 34.42 9.26 -58.02
CA ARG D 243 35.77 9.58 -57.54
C ARG D 243 36.59 8.38 -57.01
N ILE D 244 35.93 7.30 -56.62
CA ILE D 244 36.63 6.16 -56.03
C ILE D 244 36.23 4.82 -56.68
N PRO D 245 36.99 4.35 -57.73
CA PRO D 245 36.61 3.08 -58.43
C PRO D 245 36.58 1.88 -57.49
N GLU D 246 37.33 1.92 -56.39
CA GLU D 246 37.41 0.78 -55.43
C GLU D 246 36.23 0.67 -54.43
N VAL D 247 35.38 1.71 -54.36
CA VAL D 247 34.14 1.62 -53.59
C VAL D 247 33.10 0.97 -54.49
N GLU D 248 32.45 -0.04 -53.97
CA GLU D 248 31.53 -0.85 -54.76
C GLU D 248 30.09 -0.50 -54.42
N GLU D 249 29.83 -0.36 -53.12
CA GLU D 249 28.53 -0.06 -52.57
C GLU D 249 28.71 1.03 -51.54
N ILE D 250 27.73 1.92 -51.45
CA ILE D 250 27.73 2.90 -50.38
C ILE D 250 26.35 3.11 -49.78
N GLU D 251 26.35 3.17 -48.45
CA GLU D 251 25.19 3.52 -47.63
C GLU D 251 25.36 4.94 -46.99
N ILE D 252 24.25 5.69 -46.93
CA ILE D 252 24.24 6.95 -46.18
C ILE D 252 22.99 7.10 -45.33
N ILE D 253 23.17 7.55 -44.10
CA ILE D 253 22.01 7.92 -43.29
C ILE D 253 22.18 9.37 -42.92
N MET D 254 21.14 10.18 -43.08
CA MET D 254 21.19 11.58 -42.63
C MET D 254 19.99 11.92 -41.75
N PRO D 255 20.14 11.98 -40.40
CA PRO D 255 19.07 12.56 -39.57
C PRO D 255 18.70 13.95 -40.01
N ASN D 256 17.41 14.30 -39.88
CA ASN D 256 17.02 15.70 -39.96
C ASN D 256 16.76 16.31 -38.58
N GLN D 257 17.77 17.00 -38.05
CA GLN D 257 17.72 17.67 -36.75
C GLN D 257 17.07 19.04 -36.92
N HIS D 258 15.91 19.20 -36.30
CA HIS D 258 15.04 20.35 -36.56
C HIS D 258 15.34 21.64 -35.83
N TYR D 259 15.32 22.74 -36.58
CA TYR D 259 15.40 24.08 -35.99
C TYR D 259 14.18 24.86 -36.44
N PHE D 260 13.27 25.17 -35.52
CA PHE D 260 12.02 25.83 -35.88
C PHE D 260 11.93 27.29 -35.46
N VAL D 261 11.48 28.19 -36.33
CA VAL D 261 11.36 29.60 -35.89
C VAL D 261 10.38 29.66 -34.74
N ILE D 262 10.72 30.31 -33.64
CA ILE D 262 9.81 30.25 -32.49
C ILE D 262 8.70 31.26 -32.65
N ASP D 263 7.44 30.82 -32.73
CA ASP D 263 6.32 31.74 -32.91
C ASP D 263 6.13 32.53 -31.63
N MET D 264 6.34 33.86 -31.72
CA MET D 264 6.17 34.80 -30.57
C MET D 264 4.92 35.72 -30.53
N THR D 265 3.94 35.53 -31.42
CA THR D 265 2.81 36.48 -31.50
C THR D 265 1.90 36.40 -30.29
N LYS D 266 1.72 35.21 -29.72
CA LYS D 266 0.96 35.07 -28.47
C LYS D 266 1.56 35.85 -27.31
N ILE D 267 2.81 36.29 -27.43
CA ILE D 267 3.43 37.18 -26.46
C ILE D 267 3.66 38.57 -27.04
N GLY D 268 3.03 38.81 -28.19
CA GLY D 268 2.94 40.12 -28.81
C GLY D 268 4.19 40.62 -29.50
N LEU D 269 5.03 39.72 -29.97
CA LEU D 269 6.24 40.09 -30.68
C LEU D 269 6.21 39.44 -32.04
N SER D 270 6.99 39.98 -32.96
CA SER D 270 7.06 39.39 -34.26
C SER D 270 8.46 38.83 -34.49
N ASN D 271 8.56 37.51 -34.58
CA ASN D 271 9.83 36.84 -34.83
C ASN D 271 10.00 36.56 -36.32
N LYS D 272 10.70 37.47 -36.99
CA LYS D 272 10.92 37.40 -38.43
C LYS D 272 12.20 36.57 -38.69
N ASP D 273 12.10 35.31 -38.33
CA ASP D 273 13.13 34.30 -38.59
C ASP D 273 14.48 34.57 -37.93
N GLU D 274 14.44 35.06 -36.70
CA GLU D 274 15.67 35.39 -35.96
C GLU D 274 16.01 34.35 -34.90
N VAL D 275 15.04 34.02 -34.05
CA VAL D 275 15.21 33.05 -32.97
C VAL D 275 14.54 31.73 -33.30
N TYR D 276 15.33 30.67 -33.13
CA TYR D 276 14.96 29.31 -33.51
C TYR D 276 14.93 28.41 -32.28
N LEU D 277 14.09 27.41 -32.30
CA LEU D 277 14.13 26.41 -31.27
C LEU D 277 14.89 25.24 -31.87
N PRO D 278 16.06 24.90 -31.29
CA PRO D 278 16.69 23.61 -31.62
C PRO D 278 15.96 22.54 -30.85
N LEU D 279 15.47 21.53 -31.55
CA LEU D 279 14.66 20.50 -30.92
C LEU D 279 15.31 19.15 -31.02
N ASP D 280 15.57 18.53 -29.87
CA ASP D 280 16.27 17.21 -29.88
C ASP D 280 15.39 16.13 -30.47
N ASN D 281 14.15 16.04 -29.99
CA ASN D 281 13.25 14.99 -30.44
C ASN D 281 11.85 15.52 -30.88
N PRO D 282 11.29 14.94 -31.93
CA PRO D 282 11.83 13.86 -32.79
C PRO D 282 12.70 14.37 -33.95
N SER D 283 13.16 13.49 -34.81
CA SER D 283 14.00 13.87 -35.95
C SER D 283 13.57 13.14 -37.23
N GLY D 284 13.60 13.83 -38.36
CA GLY D 284 13.66 13.13 -39.64
C GLY D 284 14.80 12.12 -39.76
N ASN D 285 14.60 11.12 -40.62
CA ASN D 285 15.64 10.13 -40.94
C ASN D 285 15.55 9.76 -42.43
N ILE D 286 16.62 9.93 -43.19
CA ILE D 286 16.56 9.68 -44.60
C ILE D 286 17.72 8.76 -44.95
N THR D 287 17.42 7.58 -45.52
CA THR D 287 18.49 6.58 -45.76
C THR D 287 18.59 6.13 -47.21
N GLY D 288 19.73 5.55 -47.60
CA GLY D 288 19.89 5.02 -48.95
C GLY D 288 21.17 4.26 -49.23
N THR D 289 21.05 3.11 -49.90
CA THR D 289 22.22 2.29 -50.23
C THR D 289 22.19 1.98 -51.73
N VAL D 290 23.21 2.41 -52.48
CA VAL D 290 23.32 2.09 -53.92
C VAL D 290 24.65 1.42 -54.24
N CYS D 291 24.64 0.53 -55.22
CA CYS D 291 25.87 -0.15 -55.56
C CYS D 291 26.06 -0.09 -57.06
N ARG D 292 27.27 -0.41 -57.52
CA ARG D 292 27.56 -0.48 -58.97
C ARG D 292 26.69 -1.52 -59.68
N LYS D 293 26.08 -1.11 -60.80
CA LYS D 293 25.36 -2.01 -61.74
C LYS D 293 26.35 -3.13 -62.16
N PRO D 294 26.19 -4.36 -61.60
CA PRO D 294 27.28 -5.34 -61.71
C PRO D 294 27.70 -5.56 -63.18
N ASN E 8 0.08 20.97 38.38
CA ASN E 8 -0.03 19.53 37.93
C ASN E 8 -1.37 18.82 38.30
N VAL E 9 -1.28 17.52 38.57
CA VAL E 9 -2.46 16.60 38.67
C VAL E 9 -2.54 15.87 40.00
N GLU E 10 -3.61 15.13 40.19
CA GLU E 10 -3.89 14.51 41.47
C GLU E 10 -4.71 13.29 41.13
N PHE E 11 -4.36 12.17 41.73
CA PHE E 11 -5.21 10.99 41.59
C PHE E 11 -6.47 11.16 42.41
N VAL E 12 -7.61 10.79 41.81
CA VAL E 12 -8.85 10.68 42.57
C VAL E 12 -9.12 9.21 42.90
N ARG E 13 -8.56 8.30 42.10
CA ARG E 13 -8.90 6.87 42.20
C ARG E 13 -8.11 6.01 41.19
N THR E 14 -7.52 4.92 41.70
CA THR E 14 -6.87 3.91 40.88
C THR E 14 -7.39 2.56 41.26
N GLY E 15 -7.30 1.63 40.31
CA GLY E 15 -7.69 0.25 40.53
C GLY E 15 -7.24 -0.61 39.37
N TYR E 16 -7.02 -1.89 39.65
CA TYR E 16 -6.77 -2.86 38.59
C TYR E 16 -7.18 -4.23 39.03
N GLY E 17 -7.34 -5.14 38.09
CA GLY E 17 -7.69 -6.50 38.46
C GLY E 17 -7.90 -7.40 37.29
N LYS E 18 -8.61 -8.51 37.53
CA LYS E 18 -9.04 -9.40 36.46
C LYS E 18 -10.55 -9.45 36.46
N ASN E 19 -11.12 -9.38 35.26
CA ASN E 19 -12.57 -9.52 35.10
C ASN E 19 -12.91 -10.80 34.36
N MET E 20 -14.15 -11.23 34.51
CA MET E 20 -14.70 -12.33 33.70
C MET E 20 -14.01 -13.67 34.01
N VAL E 21 -13.63 -13.86 35.27
CA VAL E 21 -13.09 -15.13 35.78
C VAL E 21 -14.28 -16.01 36.07
N LYS E 22 -14.55 -16.93 35.14
CA LYS E 22 -15.67 -17.90 35.28
C LYS E 22 -15.22 -19.09 36.11
N VAL E 23 -16.10 -19.59 36.98
CA VAL E 23 -15.78 -20.76 37.82
C VAL E 23 -17.05 -21.54 38.17
N LEU E 24 -16.91 -22.87 38.23
CA LEU E 24 -17.91 -23.74 38.88
C LEU E 24 -17.27 -24.57 39.99
N HIS E 25 -17.90 -24.54 41.17
CA HIS E 25 -17.49 -25.34 42.33
C HIS E 25 -18.56 -26.35 42.54
N ILE E 26 -18.16 -27.62 42.70
CA ILE E 26 -19.08 -28.77 42.93
C ILE E 26 -18.83 -29.43 44.28
N ARG E 27 -19.93 -29.84 44.92
CA ARG E 27 -19.95 -30.53 46.22
C ARG E 27 -20.82 -31.76 46.06
N ARG E 28 -20.18 -32.93 46.04
CA ARG E 28 -20.86 -34.24 45.86
C ARG E 28 -21.08 -34.85 47.23
N GLU E 29 -22.34 -35.15 47.57
CA GLU E 29 -22.64 -35.73 48.91
C GLU E 29 -22.91 -37.20 48.80
N GLY E 30 -24.04 -37.59 48.25
CA GLY E 30 -24.13 -39.00 47.90
C GLY E 30 -23.72 -39.07 46.46
N ASN E 31 -24.65 -39.56 45.66
CA ASN E 31 -24.67 -39.31 44.24
C ASN E 31 -25.38 -37.97 44.00
N HIS E 32 -25.55 -37.20 45.10
CA HIS E 32 -26.24 -35.89 45.13
C HIS E 32 -25.24 -34.73 45.11
N HIS E 33 -25.21 -34.06 43.94
CA HIS E 33 -24.24 -33.00 43.64
C HIS E 33 -24.86 -31.61 43.76
N HIS E 34 -24.17 -30.72 44.48
CA HIS E 34 -24.50 -29.26 44.55
C HIS E 34 -23.54 -28.43 43.68
N ILE E 35 -24.10 -27.45 42.98
CA ILE E 35 -23.38 -26.73 41.93
C ILE E 35 -23.59 -25.27 42.17
N ILE E 36 -22.51 -24.53 42.03
CA ILE E 36 -22.64 -23.10 41.92
C ILE E 36 -21.65 -22.62 40.87
N GLU E 37 -22.14 -21.86 39.90
CA GLU E 37 -21.27 -21.31 38.89
C GLU E 37 -21.35 -19.83 39.03
N LEU E 38 -20.22 -19.14 38.94
CA LEU E 38 -20.23 -17.67 38.95
C LEU E 38 -19.22 -17.02 37.95
N ILE E 39 -19.40 -15.72 37.66
CA ILE E 39 -18.45 -14.90 36.88
C ILE E 39 -17.94 -13.77 37.77
N ALA E 40 -16.61 -13.66 37.97
CA ALA E 40 -16.08 -12.81 39.06
C ALA E 40 -15.20 -11.68 38.59
N ASN E 41 -15.30 -10.54 39.24
CA ASN E 41 -14.47 -9.42 38.82
C ASN E 41 -13.83 -8.84 40.08
N VAL E 42 -12.51 -8.81 40.10
CA VAL E 42 -11.80 -8.37 41.28
C VAL E 42 -11.00 -7.15 40.91
N GLN E 43 -11.16 -6.09 41.71
CA GLN E 43 -10.36 -4.89 41.54
C GLN E 43 -9.58 -4.65 42.82
N LEU E 44 -8.34 -4.22 42.67
CA LEU E 44 -7.47 -3.97 43.79
C LEU E 44 -6.92 -2.56 43.67
N THR E 45 -6.89 -1.83 44.78
CA THR E 45 -6.15 -0.58 44.83
C THR E 45 -4.88 -0.77 45.66
N LEU E 46 -3.78 -0.22 45.13
CA LEU E 46 -2.52 -0.29 45.78
C LEU E 46 -2.18 1.02 46.55
N LYS E 47 -1.48 0.85 47.68
CA LYS E 47 -0.96 1.94 48.50
C LYS E 47 0.05 2.78 47.74
N THR E 48 0.84 2.19 46.84
CA THR E 48 1.75 2.93 45.94
C THR E 48 1.21 3.15 44.53
N ARG E 49 1.52 4.32 43.99
CA ARG E 49 1.16 4.62 42.61
C ARG E 49 2.42 4.72 41.74
N LYS E 50 3.49 4.04 42.17
CA LYS E 50 4.76 4.05 41.43
C LYS E 50 4.67 3.23 40.13
N ASP E 51 3.61 2.40 40.01
CA ASP E 51 3.25 1.71 38.75
C ASP E 51 2.80 2.69 37.66
N TYR E 52 1.81 3.52 37.97
CA TYR E 52 1.36 4.52 37.00
C TYR E 52 2.44 5.58 36.74
N LEU E 53 3.08 6.05 37.83
CA LEU E 53 4.08 7.13 37.84
C LEU E 53 5.35 6.84 37.06
N THR E 54 6.00 5.71 37.33
CA THR E 54 7.31 5.42 36.71
C THR E 54 7.36 4.12 35.86
N GLY E 55 6.27 3.36 35.84
CA GLY E 55 6.31 2.05 35.18
C GLY E 55 6.92 0.93 36.01
N ASP E 56 7.05 1.16 37.33
CA ASP E 56 7.57 0.18 38.30
C ASP E 56 6.50 -0.86 38.61
N ASN E 57 6.79 -2.12 38.31
CA ASN E 57 5.82 -3.18 38.52
C ASN E 57 6.05 -4.03 39.77
N SER E 58 6.92 -3.58 40.68
CA SER E 58 7.38 -4.41 41.81
C SER E 58 6.30 -4.70 42.86
N ASP E 59 5.29 -3.82 42.92
CA ASP E 59 4.14 -3.95 43.83
C ASP E 59 2.91 -4.61 43.20
N ILE E 60 2.99 -4.93 41.92
CA ILE E 60 1.87 -5.47 41.20
C ILE E 60 1.69 -6.95 41.47
N ILE E 61 0.58 -7.31 42.06
CA ILE E 61 0.16 -8.68 41.98
C ILE E 61 -0.42 -8.84 40.57
N PRO E 62 0.24 -9.64 39.71
CA PRO E 62 -0.15 -9.70 38.29
C PRO E 62 -1.61 -10.15 38.12
N THR E 63 -2.27 -9.64 37.08
CA THR E 63 -3.68 -10.02 36.85
C THR E 63 -3.81 -11.54 36.69
N ASP E 64 -2.86 -12.20 36.03
CA ASP E 64 -2.88 -13.67 35.95
C ASP E 64 -2.94 -14.35 37.33
N THR E 65 -2.34 -13.71 38.33
CA THR E 65 -2.30 -14.22 39.70
C THR E 65 -3.63 -14.10 40.41
N VAL E 66 -4.27 -12.94 40.25
CA VAL E 66 -5.57 -12.75 40.85
C VAL E 66 -6.52 -13.81 40.27
N LYS E 67 -6.39 -14.10 38.98
CA LYS E 67 -7.10 -15.23 38.38
C LYS E 67 -6.80 -16.52 39.15
N ASN E 68 -5.51 -16.86 39.27
CA ASN E 68 -5.11 -18.04 40.00
C ASN E 68 -5.60 -18.02 41.45
N THR E 69 -5.56 -16.86 42.09
CA THR E 69 -6.03 -16.74 43.47
C THR E 69 -7.53 -17.00 43.64
N VAL E 70 -8.35 -16.45 42.76
CA VAL E 70 -9.79 -16.73 42.77
C VAL E 70 -10.05 -18.23 42.63
N HIS E 71 -9.33 -18.87 41.70
CA HIS E 71 -9.41 -20.31 41.50
C HIS E 71 -9.06 -21.07 42.77
N ALA E 72 -7.96 -20.68 43.40
CA ALA E 72 -7.47 -21.42 44.55
C ALA E 72 -8.46 -21.31 45.68
N LEU E 73 -8.83 -20.07 45.98
CA LEU E 73 -9.77 -19.77 47.06
C LEU E 73 -10.99 -20.68 46.94
N ALA E 74 -11.39 -21.00 45.72
CA ALA E 74 -12.55 -21.84 45.57
C ALA E 74 -12.33 -23.28 46.07
N LYS E 75 -11.13 -23.84 45.84
CA LYS E 75 -10.77 -25.12 46.44
C LYS E 75 -10.64 -24.97 47.96
N LEU E 76 -9.90 -23.95 48.39
CA LEU E 76 -9.54 -23.78 49.80
C LEU E 76 -10.68 -23.42 50.71
N LYS E 77 -11.36 -22.31 50.44
CA LYS E 77 -12.49 -21.87 51.27
C LYS E 77 -13.83 -22.47 50.89
N GLY E 78 -13.96 -23.03 49.69
CA GLY E 78 -15.25 -23.48 49.19
C GLY E 78 -16.09 -22.29 48.77
N ILE E 79 -17.22 -22.55 48.12
CA ILE E 79 -18.11 -21.43 47.78
C ILE E 79 -19.48 -21.72 48.30
N LYS E 80 -19.84 -21.00 49.37
CA LYS E 80 -21.15 -21.16 49.98
C LYS E 80 -22.19 -20.42 49.13
N SER E 81 -21.95 -19.14 48.94
CA SER E 81 -22.82 -18.25 48.18
C SER E 81 -21.84 -17.25 47.61
N ILE E 82 -22.30 -16.46 46.66
CA ILE E 82 -21.46 -15.46 46.03
C ILE E 82 -20.98 -14.38 47.03
N GLU E 83 -21.80 -14.04 48.02
CA GLU E 83 -21.39 -12.99 48.96
C GLU E 83 -20.23 -13.43 49.85
N SER E 84 -20.32 -14.64 50.43
CA SER E 84 -19.29 -15.05 51.37
C SER E 84 -17.98 -15.21 50.62
N PHE E 85 -18.08 -15.68 49.38
CA PHE E 85 -16.92 -15.84 48.50
C PHE E 85 -16.19 -14.52 48.25
N ALA E 86 -16.95 -13.52 47.83
CA ALA E 86 -16.45 -12.17 47.65
C ALA E 86 -15.81 -11.69 48.94
N LEU E 87 -16.48 -11.91 50.08
CA LEU E 87 -15.91 -11.56 51.41
C LEU E 87 -14.55 -12.25 51.70
N ASP E 88 -14.43 -13.54 51.32
CA ASP E 88 -13.19 -14.32 51.48
C ASP E 88 -12.11 -13.83 50.53
N ILE E 89 -12.48 -13.51 49.28
CA ILE E 89 -11.55 -12.89 48.30
C ILE E 89 -11.06 -11.59 48.86
N CYS E 90 -11.98 -10.79 49.37
CA CYS E 90 -11.64 -9.52 50.00
C CYS E 90 -10.64 -9.70 51.10
N GLU E 91 -10.90 -10.63 52.01
CA GLU E 91 -10.03 -10.82 53.18
C GLU E 91 -8.63 -11.27 52.77
N HIS E 92 -8.58 -12.10 51.72
CA HIS E 92 -7.30 -12.62 51.29
C HIS E 92 -6.36 -11.48 50.90
N PHE E 93 -6.81 -10.57 50.05
CA PHE E 93 -5.93 -9.47 49.59
C PHE E 93 -5.51 -8.50 50.70
N LEU E 94 -6.37 -8.38 51.70
CA LEU E 94 -6.13 -7.52 52.83
C LEU E 94 -5.24 -8.13 53.90
N THR E 95 -5.19 -9.46 53.96
CA THR E 95 -4.35 -10.11 54.98
C THR E 95 -3.09 -10.81 54.48
N ALA E 96 -3.11 -11.38 53.27
CA ALA E 96 -1.84 -11.94 52.70
C ALA E 96 -0.84 -10.89 52.15
N PHE E 97 -1.31 -9.63 52.11
CA PHE E 97 -0.57 -8.44 51.64
C PHE E 97 -0.93 -7.25 52.55
N ASN E 98 -0.15 -6.19 52.53
CA ASN E 98 -0.46 -5.03 53.36
C ASN E 98 -0.47 -3.72 52.59
N HIS E 99 0.02 -3.76 51.36
CA HIS E 99 0.05 -2.58 50.50
C HIS E 99 -1.25 -2.42 49.68
N VAL E 100 -2.25 -3.28 49.90
CA VAL E 100 -3.52 -3.21 49.15
C VAL E 100 -4.51 -2.42 50.00
N THR E 101 -4.90 -1.24 49.51
CA THR E 101 -5.67 -0.27 50.33
C THR E 101 -7.14 -0.59 50.30
N ARG E 102 -7.54 -1.24 49.21
CA ARG E 102 -8.93 -1.52 48.94
C ARG E 102 -9.08 -2.71 47.97
N VAL E 103 -10.00 -3.61 48.27
CA VAL E 103 -10.41 -4.59 47.28
C VAL E 103 -11.93 -4.45 47.05
N LYS E 104 -12.41 -4.64 45.82
CA LYS E 104 -13.83 -4.60 45.51
C LYS E 104 -14.10 -5.77 44.61
N VAL E 105 -15.01 -6.65 45.01
CA VAL E 105 -15.35 -7.80 44.20
C VAL E 105 -16.80 -7.63 43.79
N ASN E 106 -17.10 -7.81 42.50
CA ASN E 106 -18.45 -7.91 41.97
C ASN E 106 -18.57 -9.24 41.32
N ILE E 107 -19.56 -10.04 41.69
CA ILE E 107 -19.75 -11.30 40.99
C ILE E 107 -21.19 -11.53 40.59
N ASP E 108 -21.37 -12.18 39.47
CA ASP E 108 -22.69 -12.54 38.92
C ASP E 108 -22.84 -14.08 39.01
N GLU E 109 -24.03 -14.55 39.37
CA GLU E 109 -24.25 -15.98 39.55
C GLU E 109 -24.92 -16.54 38.31
N VAL E 110 -24.40 -17.63 37.77
CA VAL E 110 -25.07 -18.31 36.65
C VAL E 110 -26.29 -19.05 37.17
N PRO E 111 -27.49 -18.73 36.65
CA PRO E 111 -28.81 -19.20 37.17
C PRO E 111 -29.19 -20.67 36.83
N TRP E 112 -28.38 -21.60 37.32
CA TRP E 112 -28.70 -23.03 37.27
C TRP E 112 -29.78 -23.37 38.27
N LYS E 113 -30.84 -23.98 37.76
CA LYS E 113 -31.94 -24.50 38.59
C LYS E 113 -31.85 -26.03 38.45
N ARG E 114 -31.90 -26.74 39.58
CA ARG E 114 -31.89 -28.21 39.57
C ARG E 114 -33.15 -28.76 38.88
N LEU E 115 -32.98 -29.76 38.01
CA LEU E 115 -34.13 -30.33 37.30
C LEU E 115 -35.11 -30.97 38.27
N GLU E 116 -36.38 -30.70 38.00
CA GLU E 116 -37.47 -31.22 38.82
C GLU E 116 -38.64 -31.58 37.93
N LYS E 117 -39.12 -32.79 38.14
CA LYS E 117 -40.43 -33.16 37.67
C LYS E 117 -41.16 -33.86 38.82
N ASN E 118 -42.18 -33.19 39.35
CA ASN E 118 -43.09 -33.68 40.41
C ASN E 118 -42.39 -34.00 41.74
N GLY E 119 -41.86 -32.98 42.42
CA GLY E 119 -41.32 -33.15 43.77
C GLY E 119 -40.09 -34.05 43.91
N VAL E 120 -39.74 -34.77 42.84
CA VAL E 120 -38.46 -35.52 42.73
C VAL E 120 -37.42 -34.70 41.97
N GLU E 121 -36.28 -34.42 42.61
CA GLU E 121 -35.23 -33.57 42.06
C GLU E 121 -34.03 -34.36 41.61
N HIS E 122 -33.65 -34.17 40.35
CA HIS E 122 -32.48 -34.86 39.80
C HIS E 122 -31.25 -34.65 40.65
N ASN E 123 -30.56 -35.75 40.96
CA ASN E 123 -29.37 -35.69 41.80
C ASN E 123 -28.15 -34.96 41.21
N HIS E 124 -28.08 -34.90 39.87
CA HIS E 124 -26.90 -34.34 39.19
C HIS E 124 -27.09 -33.65 37.82
N ALA E 125 -28.31 -33.19 37.55
CA ALA E 125 -28.62 -32.51 36.27
C ALA E 125 -29.33 -31.20 36.50
N PHE E 126 -29.05 -30.23 35.64
CA PHE E 126 -29.53 -28.87 35.80
C PHE E 126 -29.98 -28.25 34.48
N ILE E 127 -30.88 -27.27 34.57
CA ILE E 127 -31.35 -26.54 33.39
C ILE E 127 -31.21 -25.08 33.77
N HIS E 128 -31.12 -24.24 32.75
CA HIS E 128 -30.84 -22.83 32.91
C HIS E 128 -32.15 -22.07 32.91
N CYS E 129 -32.49 -21.44 34.03
CA CYS E 129 -33.72 -20.61 34.15
C CYS E 129 -33.39 -19.19 34.67
N PRO E 130 -33.50 -18.18 33.78
CA PRO E 130 -33.18 -16.76 34.02
C PRO E 130 -34.38 -15.95 34.55
N GLU E 131 -34.91 -16.40 35.68
CA GLU E 131 -36.09 -15.80 36.28
C GLU E 131 -35.71 -14.37 36.68
N ALA E 132 -34.61 -14.31 37.41
CA ALA E 132 -34.01 -13.09 37.91
C ALA E 132 -32.56 -13.46 38.12
N LEU E 133 -31.59 -12.60 37.78
CA LEU E 133 -30.17 -12.96 37.90
C LEU E 133 -29.53 -12.49 39.18
N ARG E 134 -28.87 -13.37 39.92
CA ARG E 134 -28.30 -12.94 41.18
C ARG E 134 -26.91 -12.36 40.99
N PHE E 135 -26.66 -11.26 41.69
CA PHE E 135 -25.32 -10.66 41.76
C PHE E 135 -25.05 -10.01 43.11
N CYS E 136 -23.79 -9.68 43.34
CA CYS E 136 -23.45 -9.07 44.58
C CYS E 136 -22.17 -8.37 44.39
N GLU E 137 -21.78 -7.64 45.44
CA GLU E 137 -20.53 -6.92 45.54
C GLU E 137 -20.10 -6.88 47.00
N ALA E 138 -18.80 -6.98 47.24
CA ALA E 138 -18.25 -6.78 48.56
C ALA E 138 -17.10 -5.85 48.41
N GLU E 139 -17.12 -4.75 49.16
CA GLU E 139 -16.03 -3.78 49.11
C GLU E 139 -15.48 -3.57 50.52
N GLN E 140 -14.17 -3.75 50.68
CA GLN E 140 -13.54 -3.62 51.96
C GLN E 140 -12.31 -2.77 51.82
N TYR E 141 -12.22 -1.78 52.71
CA TYR E 141 -10.99 -1.05 52.95
C TYR E 141 -10.23 -1.75 54.08
N LEU E 142 -8.91 -1.69 53.99
CA LEU E 142 -7.99 -2.08 55.06
C LEU E 142 -8.00 -1.03 56.21
N SER E 143 -7.93 -1.47 57.47
CA SER E 143 -8.55 -2.69 57.93
C SER E 143 -9.81 -2.25 58.67
N LYS E 144 -10.83 -1.86 57.89
CA LYS E 144 -12.17 -1.54 58.38
C LYS E 144 -13.09 -2.70 58.02
N THR E 145 -14.29 -2.71 58.59
CA THR E 145 -15.30 -3.74 58.27
C THR E 145 -15.69 -3.63 56.80
N PRO E 146 -15.92 -4.79 56.14
CA PRO E 146 -16.35 -4.72 54.74
C PRO E 146 -17.82 -4.25 54.63
N VAL E 147 -18.19 -3.64 53.49
CA VAL E 147 -19.57 -3.28 53.06
C VAL E 147 -20.00 -4.23 51.93
N VAL E 148 -21.15 -4.87 52.04
CA VAL E 148 -21.62 -5.72 50.94
C VAL E 148 -22.97 -5.30 50.28
N HIS E 149 -23.03 -5.30 48.96
CA HIS E 149 -24.33 -5.12 48.31
C HIS E 149 -24.76 -6.43 47.63
N SER E 150 -26.07 -6.67 47.54
CA SER E 150 -26.64 -7.78 46.80
C SER E 150 -27.79 -7.26 45.95
N GLY E 151 -28.19 -8.01 44.93
CA GLY E 151 -29.28 -7.58 44.10
C GLY E 151 -29.77 -8.55 43.06
N LEU E 152 -30.85 -8.17 42.40
CA LEU E 152 -31.38 -8.94 41.29
C LEU E 152 -31.49 -8.04 40.08
N LYS E 153 -31.50 -8.64 38.88
CA LYS E 153 -31.70 -7.93 37.61
C LYS E 153 -32.30 -8.85 36.57
N ASP E 154 -32.85 -8.24 35.52
CA ASP E 154 -33.50 -8.96 34.37
C ASP E 154 -34.64 -9.89 34.81
N MET E 155 -35.35 -9.49 35.87
CA MET E 155 -36.59 -10.12 36.26
C MET E 155 -37.73 -9.54 35.44
N LYS E 156 -37.98 -10.16 34.30
CA LYS E 156 -39.03 -9.70 33.39
C LYS E 156 -40.41 -10.17 33.91
N VAL E 157 -41.25 -9.21 34.24
CA VAL E 157 -42.61 -9.49 34.70
C VAL E 157 -43.63 -8.68 33.90
N LEU E 158 -44.78 -9.31 33.66
CA LEU E 158 -45.90 -8.66 32.98
C LEU E 158 -47.26 -8.88 33.66
N LYS E 159 -48.00 -7.79 33.85
CA LYS E 159 -49.41 -7.87 34.23
C LYS E 159 -50.26 -7.12 33.19
N THR E 160 -51.43 -7.67 32.84
CA THR E 160 -52.26 -7.13 31.75
C THR E 160 -53.45 -6.30 32.23
N THR E 161 -53.56 -6.14 33.55
CA THR E 161 -54.51 -5.21 34.14
C THR E 161 -54.08 -4.83 35.57
N GLN E 162 -54.97 -4.15 36.32
CA GLN E 162 -54.74 -3.68 37.69
C GLN E 162 -53.61 -2.64 37.73
N THR E 163 -53.54 -1.84 36.66
CA THR E 163 -52.59 -0.72 36.50
C THR E 163 -53.27 0.38 35.74
N GLY E 164 -53.02 1.61 36.14
CA GLY E 164 -53.45 2.75 35.38
C GLY E 164 -52.58 3.97 35.65
N PHE E 165 -52.83 5.01 34.86
CA PHE E 165 -52.10 6.26 34.96
C PHE E 165 -53.04 7.37 34.48
N GLU E 166 -53.54 8.13 35.47
CA GLU E 166 -54.48 9.22 35.28
C GLU E 166 -54.25 10.41 36.24
N GLY E 167 -54.79 11.59 35.87
CA GLY E 167 -54.66 12.81 36.70
C GLY E 167 -53.28 13.44 36.83
N PHE E 168 -52.51 13.38 35.74
CA PHE E 168 -51.12 13.88 35.66
C PHE E 168 -51.08 15.27 35.03
N LEU E 169 -49.94 15.94 35.17
CA LEU E 169 -49.75 17.28 34.67
C LEU E 169 -49.68 17.30 33.15
N ARG E 170 -50.39 18.25 32.52
CA ARG E 170 -50.38 18.35 31.06
C ARG E 170 -49.78 19.69 30.66
N ASP E 171 -48.91 19.67 29.64
CA ASP E 171 -48.31 20.89 29.03
C ASP E 171 -48.48 20.86 27.50
N ARG E 172 -47.90 21.81 26.76
CA ARG E 172 -48.05 21.87 25.28
C ARG E 172 -47.47 20.67 24.49
N PHE E 173 -46.55 19.94 25.12
CA PHE E 173 -46.02 18.71 24.52
C PHE E 173 -46.75 17.41 24.89
N THR E 174 -47.63 17.48 25.87
CA THR E 174 -48.36 16.31 26.33
C THR E 174 -49.42 15.93 25.31
N THR E 175 -49.52 14.63 24.96
CA THR E 175 -50.59 14.04 24.07
C THR E 175 -51.26 12.76 24.63
N LEU E 176 -50.66 12.19 25.66
CA LEU E 176 -51.11 10.96 26.27
C LEU E 176 -52.40 11.25 27.04
N THR E 177 -53.40 10.40 26.82
CA THR E 177 -54.69 10.61 27.51
C THR E 177 -54.74 9.77 28.77
N ASP E 178 -55.60 10.17 29.72
CA ASP E 178 -55.81 9.39 30.93
C ASP E 178 -56.16 7.91 30.61
N ALA E 179 -55.76 6.98 31.47
CA ALA E 179 -56.08 5.54 31.30
C ALA E 179 -56.38 4.90 32.65
N LYS E 180 -57.50 4.18 32.74
CA LYS E 180 -57.94 3.50 33.97
C LYS E 180 -57.23 2.15 34.05
N ASP E 181 -57.01 1.58 32.86
CA ASP E 181 -56.54 0.20 32.69
C ASP E 181 -55.47 0.13 31.59
N ARG E 182 -54.37 -0.56 31.86
CA ARG E 182 -53.26 -0.75 30.90
C ARG E 182 -52.29 -1.79 31.37
N PHE E 183 -51.49 -2.27 30.42
CA PHE E 183 -50.42 -3.22 30.71
C PHE E 183 -49.31 -2.54 31.53
N PHE E 184 -48.65 -3.32 32.35
CA PHE E 184 -47.41 -2.91 33.00
C PHE E 184 -46.33 -3.99 32.88
N CYS E 185 -45.30 -3.67 32.11
CA CYS E 185 -44.23 -4.63 31.88
C CYS E 185 -42.90 -4.08 32.31
N THR E 186 -42.23 -4.80 33.18
CA THR E 186 -40.91 -4.35 33.59
C THR E 186 -39.93 -5.48 33.60
N SER E 187 -38.66 -5.09 33.69
CA SER E 187 -37.52 -5.97 33.86
C SER E 187 -36.85 -5.45 35.12
N VAL E 188 -37.23 -5.98 36.30
CA VAL E 188 -36.87 -5.31 37.56
C VAL E 188 -35.39 -5.40 37.83
N TYR E 189 -34.85 -4.32 38.40
CA TYR E 189 -33.49 -4.27 38.91
C TYR E 189 -33.54 -3.77 40.37
N ALA E 190 -32.86 -4.49 41.26
CA ALA E 190 -32.83 -4.07 42.66
C ALA E 190 -31.44 -4.27 43.34
N ARG E 191 -31.04 -3.34 44.20
CA ARG E 191 -29.71 -3.41 44.81
C ARG E 191 -29.78 -2.82 46.19
N TRP E 192 -29.35 -3.60 47.16
CA TRP E 192 -29.45 -3.23 48.54
C TRP E 192 -28.15 -3.39 49.29
N ARG E 193 -27.95 -2.57 50.31
CA ARG E 193 -26.75 -2.66 51.15
C ARG E 193 -27.10 -3.33 52.48
N TYR E 194 -26.34 -4.33 52.92
CA TYR E 194 -26.58 -4.85 54.29
C TYR E 194 -25.87 -3.99 55.35
N ASN E 195 -26.46 -3.86 56.54
CA ASN E 195 -25.82 -3.11 57.64
C ASN E 195 -24.87 -3.98 58.49
N THR E 196 -24.85 -5.28 58.21
CA THR E 196 -23.97 -6.25 58.86
C THR E 196 -23.53 -7.34 57.86
N ILE E 197 -22.30 -7.89 58.00
CA ILE E 197 -21.84 -9.01 57.12
C ILE E 197 -22.48 -10.35 57.50
N ASN E 198 -23.24 -10.32 58.61
CA ASN E 198 -23.76 -11.49 59.27
C ASN E 198 -25.26 -11.64 58.95
N VAL E 199 -25.55 -12.32 57.84
CA VAL E 199 -26.86 -12.29 57.19
C VAL E 199 -27.04 -13.65 56.63
N ALA E 200 -28.27 -14.15 56.56
CA ALA E 200 -28.57 -15.42 55.86
C ALA E 200 -28.79 -15.21 54.33
N PHE E 201 -27.67 -14.88 53.66
CA PHE E 201 -27.65 -14.39 52.26
C PHE E 201 -28.64 -15.01 51.25
N ASP E 202 -28.71 -16.34 51.26
CA ASP E 202 -29.59 -17.07 50.38
C ASP E 202 -31.02 -16.70 50.63
N ALA E 203 -31.36 -16.61 51.92
CA ALA E 203 -32.74 -16.41 52.34
C ALA E 203 -33.11 -14.95 52.12
N ALA E 204 -32.18 -14.04 52.40
CA ALA E 204 -32.46 -12.62 52.27
C ALA E 204 -32.76 -12.30 50.80
N TRP E 205 -31.87 -12.77 49.90
CA TRP E 205 -32.14 -12.67 48.46
C TRP E 205 -33.56 -13.20 48.08
N LYS E 206 -33.84 -14.45 48.42
CA LYS E 206 -35.12 -15.06 48.08
C LYS E 206 -36.21 -14.15 48.60
N ALA E 207 -36.04 -13.66 49.83
CA ALA E 207 -37.06 -12.81 50.47
C ALA E 207 -37.32 -11.53 49.64
N VAL E 208 -36.23 -10.83 49.24
CA VAL E 208 -36.34 -9.59 48.45
C VAL E 208 -37.12 -9.86 47.18
N LYS E 209 -36.69 -10.89 46.49
CA LYS E 209 -37.30 -11.27 45.24
C LYS E 209 -38.82 -11.38 45.40
N ASP E 210 -39.24 -12.28 46.30
CA ASP E 210 -40.66 -12.59 46.50
C ASP E 210 -41.50 -11.40 46.91
N THR E 211 -40.88 -10.50 47.68
CA THR E 211 -41.46 -9.19 47.98
C THR E 211 -41.66 -8.40 46.68
N VAL E 212 -40.63 -8.31 45.83
CA VAL E 212 -40.80 -7.55 44.58
C VAL E 212 -41.99 -8.11 43.80
N ILE E 213 -41.97 -9.41 43.50
CA ILE E 213 -42.98 -10.02 42.61
C ILE E 213 -44.39 -9.88 43.22
N GLN E 214 -44.45 -10.00 44.55
CA GLN E 214 -45.68 -10.02 45.36
C GLN E 214 -46.39 -8.67 45.32
N LYS E 215 -45.66 -7.59 45.65
CA LYS E 215 -46.24 -6.24 45.60
C LYS E 215 -46.65 -5.77 44.16
N PHE E 216 -45.92 -6.24 43.16
CA PHE E 216 -46.20 -6.01 41.77
C PHE E 216 -47.44 -6.77 41.24
N ALA E 217 -47.63 -8.02 41.65
CA ALA E 217 -48.70 -8.83 41.10
C ALA E 217 -49.96 -8.79 41.96
N GLY E 218 -49.74 -8.68 43.27
CA GLY E 218 -50.80 -8.83 44.26
C GLY E 218 -51.43 -10.21 44.24
N PRO E 219 -52.48 -10.42 45.05
CA PRO E 219 -53.19 -11.74 45.15
C PRO E 219 -53.53 -12.37 43.80
N TYR E 220 -53.44 -13.71 43.73
CA TYR E 220 -53.53 -14.47 42.47
C TYR E 220 -54.94 -14.45 41.95
N ASP E 221 -55.80 -13.89 42.78
CA ASP E 221 -57.23 -14.05 42.78
C ASP E 221 -57.86 -12.79 42.18
N ARG E 222 -57.64 -11.66 42.84
CA ARG E 222 -58.35 -10.40 42.65
C ARG E 222 -57.41 -9.28 42.14
N GLY E 223 -56.09 -9.53 42.26
CA GLY E 223 -55.06 -8.58 41.81
C GLY E 223 -54.87 -7.48 42.83
N GLU E 224 -54.09 -6.48 42.49
CA GLU E 224 -54.00 -5.27 43.32
C GLU E 224 -53.74 -4.06 42.42
N TYR E 225 -54.62 -3.06 42.54
CA TYR E 225 -54.59 -1.90 41.67
C TYR E 225 -53.33 -1.09 41.95
N SER E 226 -52.59 -0.82 40.89
CA SER E 226 -51.41 0.03 40.95
C SER E 226 -51.65 1.37 40.21
N PRO E 227 -51.70 2.50 40.97
CA PRO E 227 -52.03 3.85 40.47
C PRO E 227 -50.86 4.62 39.84
N SER E 228 -49.64 4.31 40.27
CA SER E 228 -48.39 4.77 39.65
C SER E 228 -47.29 3.80 40.05
N VAL E 229 -46.35 3.58 39.14
CA VAL E 229 -45.24 2.66 39.40
C VAL E 229 -44.29 3.16 40.50
N GLN E 230 -44.22 4.48 40.69
CA GLN E 230 -43.51 5.11 41.82
C GLN E 230 -44.04 4.52 43.14
N LYS E 231 -45.37 4.52 43.30
CA LYS E 231 -45.99 4.04 44.53
C LYS E 231 -45.90 2.51 44.69
N THR E 232 -45.99 1.76 43.57
CA THR E 232 -45.68 0.31 43.60
C THR E 232 -44.22 0.11 44.02
N LEU E 233 -43.32 0.97 43.49
CA LEU E 233 -41.90 0.89 43.79
C LEU E 233 -41.62 1.23 45.25
N TYR E 234 -42.19 2.34 45.71
CA TYR E 234 -41.92 2.79 47.07
C TYR E 234 -42.50 1.84 48.13
N ASP E 235 -43.66 1.23 47.86
CA ASP E 235 -44.20 0.24 48.78
C ASP E 235 -43.29 -0.96 48.84
N THR E 236 -42.75 -1.33 47.66
CA THR E 236 -41.85 -2.48 47.55
C THR E 236 -40.60 -2.22 48.42
N GLN E 237 -39.94 -1.07 48.22
CA GLN E 237 -38.87 -0.60 49.14
C GLN E 237 -39.23 -0.81 50.62
N LEU E 238 -40.46 -0.46 51.00
CA LEU E 238 -40.90 -0.46 52.40
C LEU E 238 -41.12 -1.82 52.99
N LEU E 239 -41.78 -2.72 52.24
CA LEU E 239 -41.91 -4.13 52.69
C LEU E 239 -40.54 -4.82 52.82
N VAL E 240 -39.61 -4.52 51.91
CA VAL E 240 -38.26 -5.08 52.04
C VAL E 240 -37.67 -4.73 53.43
N LEU E 241 -37.70 -3.44 53.78
CA LEU E 241 -37.08 -2.93 55.00
C LEU E 241 -37.69 -3.45 56.29
N ASP E 242 -38.97 -3.84 56.23
CA ASP E 242 -39.64 -4.42 57.39
C ASP E 242 -39.42 -5.91 57.46
N ARG E 243 -39.32 -6.56 56.32
CA ARG E 243 -39.06 -7.99 56.32
C ARG E 243 -37.58 -8.37 56.47
N ILE E 244 -36.66 -7.44 56.21
CA ILE E 244 -35.21 -7.75 56.27
C ILE E 244 -34.47 -6.72 57.12
N PRO E 245 -34.40 -6.96 58.45
CA PRO E 245 -33.81 -5.93 59.33
C PRO E 245 -32.37 -5.61 58.95
N GLU E 246 -31.72 -6.54 58.25
CA GLU E 246 -30.30 -6.43 57.91
C GLU E 246 -29.99 -5.62 56.61
N VAL E 247 -31.05 -5.37 55.79
CA VAL E 247 -31.00 -4.41 54.66
C VAL E 247 -31.11 -3.02 55.21
N GLU E 248 -30.13 -2.19 54.88
CA GLU E 248 -30.07 -0.79 55.32
C GLU E 248 -30.55 0.18 54.27
N GLU E 249 -30.29 -0.11 52.99
CA GLU E 249 -30.68 0.74 51.87
C GLU E 249 -31.15 -0.20 50.79
N ILE E 250 -32.10 0.25 49.97
CA ILE E 250 -32.58 -0.48 48.80
C ILE E 250 -32.86 0.45 47.61
N GLU E 251 -32.18 0.18 46.50
CA GLU E 251 -32.43 0.84 45.25
C GLU E 251 -33.20 -0.09 44.33
N ILE E 252 -34.20 0.46 43.64
CA ILE E 252 -34.98 -0.28 42.64
C ILE E 252 -35.14 0.53 41.36
N ILE E 253 -34.83 -0.09 40.22
CA ILE E 253 -35.08 0.51 38.90
C ILE E 253 -36.12 -0.36 38.18
N MET E 254 -37.24 0.27 37.80
CA MET E 254 -38.30 -0.38 37.01
C MET E 254 -38.45 0.26 35.61
N PRO E 255 -37.91 -0.40 34.56
CA PRO E 255 -38.23 0.08 33.21
C PRO E 255 -39.70 -0.02 33.04
N ASN E 256 -40.23 0.75 32.10
CA ASN E 256 -41.60 0.57 31.64
C ASN E 256 -41.59 0.10 30.16
N GLN E 257 -41.63 -1.22 29.97
CA GLN E 257 -41.66 -1.82 28.62
C GLN E 257 -43.06 -1.82 27.99
N HIS E 258 -43.24 -0.95 26.99
CA HIS E 258 -44.55 -0.55 26.55
C HIS E 258 -45.18 -1.55 25.61
N TYR E 259 -46.46 -1.80 25.83
CA TYR E 259 -47.30 -2.55 24.87
C TYR E 259 -48.46 -1.65 24.48
N PHE E 260 -48.55 -1.28 23.21
CA PHE E 260 -49.65 -0.40 22.79
C PHE E 260 -50.72 -1.15 22.03
N VAL E 261 -51.96 -0.74 22.23
CA VAL E 261 -53.06 -1.35 21.50
C VAL E 261 -52.94 -0.86 20.04
N ILE E 262 -52.78 -1.76 19.07
CA ILE E 262 -52.76 -1.34 17.67
C ILE E 262 -54.11 -0.73 17.18
N ASP E 263 -54.10 0.56 16.84
CA ASP E 263 -55.29 1.16 16.20
C ASP E 263 -55.46 0.64 14.76
N MET E 264 -56.62 0.08 14.44
CA MET E 264 -56.77 -0.52 13.12
C MET E 264 -57.76 0.21 12.21
N THR E 265 -58.11 1.46 12.58
CA THR E 265 -59.19 2.21 11.92
C THR E 265 -58.83 2.60 10.49
N LYS E 266 -57.60 3.02 10.26
CA LYS E 266 -57.13 3.27 8.89
C LYS E 266 -57.21 2.08 7.92
N ILE E 267 -57.32 0.84 8.44
CA ILE E 267 -57.61 -0.35 7.61
C ILE E 267 -59.06 -0.84 7.76
N GLY E 268 -59.86 0.02 8.40
CA GLY E 268 -61.27 -0.23 8.66
C GLY E 268 -61.62 -1.28 9.72
N LEU E 269 -60.79 -1.45 10.74
CA LEU E 269 -61.18 -2.40 11.74
C LEU E 269 -61.26 -1.73 13.11
N SER E 270 -62.02 -2.35 14.00
CA SER E 270 -62.08 -1.92 15.38
C SER E 270 -61.51 -3.06 16.23
N ASN E 271 -60.37 -2.77 16.83
CA ASN E 271 -59.59 -3.70 17.62
C ASN E 271 -59.86 -3.26 19.04
N LYS E 272 -60.82 -3.93 19.69
CA LYS E 272 -61.20 -3.56 21.06
C LYS E 272 -60.28 -4.41 21.91
N ASP E 273 -59.09 -3.85 22.10
CA ASP E 273 -57.99 -4.35 22.92
C ASP E 273 -57.69 -5.84 22.85
N GLU E 274 -57.63 -6.39 21.64
CA GLU E 274 -57.24 -7.78 21.46
C GLU E 274 -55.76 -7.87 20.99
N VAL E 275 -55.34 -6.96 20.08
CA VAL E 275 -54.02 -7.02 19.47
C VAL E 275 -53.13 -5.87 19.89
N TYR E 276 -51.98 -6.23 20.42
CA TYR E 276 -51.08 -5.26 20.99
C TYR E 276 -49.77 -5.29 20.24
N LEU E 277 -49.08 -4.15 20.23
CA LEU E 277 -47.79 -4.05 19.61
C LEU E 277 -46.77 -3.90 20.74
N PRO E 278 -45.83 -4.87 20.88
CA PRO E 278 -44.69 -4.68 21.80
C PRO E 278 -43.66 -3.73 21.19
N LEU E 279 -43.36 -2.66 21.91
CA LEU E 279 -42.40 -1.68 21.48
C LEU E 279 -41.13 -1.74 22.34
N ASP E 280 -40.02 -2.16 21.73
CA ASP E 280 -38.73 -2.19 22.42
C ASP E 280 -38.28 -0.81 22.91
N ASN E 281 -38.41 0.20 22.02
CA ASN E 281 -37.75 1.50 22.20
C ASN E 281 -38.69 2.59 21.75
N PRO E 282 -38.84 3.66 22.56
CA PRO E 282 -38.19 3.91 23.86
C PRO E 282 -38.98 3.31 25.02
N SER E 283 -38.49 3.51 26.24
CA SER E 283 -39.09 2.94 27.41
C SER E 283 -39.04 3.92 28.55
N GLY E 284 -40.15 3.98 29.30
CA GLY E 284 -40.22 4.69 30.58
C GLY E 284 -39.18 4.09 31.52
N ASN E 285 -38.78 4.89 32.50
CA ASN E 285 -37.77 4.44 33.42
C ASN E 285 -38.01 5.10 34.75
N ILE E 286 -38.17 4.28 35.79
CA ILE E 286 -38.61 4.73 37.11
C ILE E 286 -37.73 4.23 38.25
N THR E 287 -37.02 5.15 38.91
CA THR E 287 -35.97 4.82 39.94
C THR E 287 -36.22 5.40 41.34
N GLY E 288 -35.53 4.80 42.32
CA GLY E 288 -35.53 5.25 43.70
C GLY E 288 -34.59 4.45 44.59
N THR E 289 -34.02 5.15 45.57
CA THR E 289 -33.14 4.57 46.59
C THR E 289 -33.60 5.07 47.96
N VAL E 290 -34.05 4.16 48.83
CA VAL E 290 -34.54 4.52 50.19
C VAL E 290 -33.86 3.74 51.28
N CYS E 291 -33.44 4.45 52.33
CA CYS E 291 -32.80 3.86 53.50
C CYS E 291 -33.48 4.21 54.83
N ARG E 292 -32.96 3.59 55.90
CA ARG E 292 -33.47 3.70 57.26
C ARG E 292 -33.15 5.06 57.78
N LYS E 293 -34.12 5.69 58.43
CA LYS E 293 -33.94 7.01 59.06
C LYS E 293 -32.97 6.83 60.21
N PRO E 294 -31.70 7.28 60.03
CA PRO E 294 -30.68 7.03 61.03
C PRO E 294 -31.18 7.44 62.44
N ASN F 8 -39.22 4.91 61.04
CA ASN F 8 -39.25 4.18 59.74
C ASN F 8 -38.11 4.61 58.76
N VAL F 9 -38.41 5.27 57.62
CA VAL F 9 -37.42 5.47 56.49
C VAL F 9 -37.21 6.92 56.03
N GLU F 10 -36.33 7.10 55.03
CA GLU F 10 -36.12 8.38 54.34
C GLU F 10 -35.51 8.19 52.96
N PHE F 11 -35.97 8.97 51.99
CA PHE F 11 -35.47 8.93 50.61
C PHE F 11 -34.02 9.34 50.51
N VAL F 12 -33.18 8.58 49.78
CA VAL F 12 -31.85 9.10 49.43
C VAL F 12 -31.83 9.72 48.02
N ARG F 13 -32.65 9.24 47.09
CA ARG F 13 -32.51 9.57 45.64
C ARG F 13 -33.70 9.08 44.79
N THR F 14 -34.34 9.97 44.05
CA THR F 14 -35.49 9.56 43.25
C THR F 14 -35.29 10.13 41.88
N GLY F 15 -35.70 9.38 40.86
CA GLY F 15 -35.55 9.81 39.47
C GLY F 15 -36.52 9.04 38.60
N TYR F 16 -36.94 9.67 37.51
CA TYR F 16 -37.72 8.99 36.50
C TYR F 16 -37.55 9.72 35.14
N GLY F 17 -38.01 9.08 34.06
CA GLY F 17 -37.96 9.65 32.72
C GLY F 17 -38.09 8.64 31.58
N LYS F 18 -37.58 8.99 30.39
CA LYS F 18 -37.57 8.05 29.27
C LYS F 18 -36.17 7.69 28.81
N ASN F 19 -35.96 6.44 28.44
CA ASN F 19 -34.66 5.92 27.95
C ASN F 19 -34.84 5.35 26.56
N MET F 20 -33.76 5.23 25.81
CA MET F 20 -33.82 4.64 24.47
C MET F 20 -34.64 5.52 23.49
N VAL F 21 -34.50 6.86 23.55
CA VAL F 21 -35.19 7.74 22.60
C VAL F 21 -34.28 7.94 21.39
N LYS F 22 -34.41 7.02 20.40
CA LYS F 22 -33.73 7.10 19.10
C LYS F 22 -34.29 8.22 18.22
N VAL F 23 -33.39 9.05 17.69
CA VAL F 23 -33.74 10.26 16.86
C VAL F 23 -32.58 10.65 15.91
N LEU F 24 -32.94 11.00 14.67
CA LEU F 24 -31.99 11.54 13.68
C LEU F 24 -32.48 12.86 13.11
N HIS F 25 -31.60 13.88 13.16
CA HIS F 25 -31.81 15.20 12.53
C HIS F 25 -30.94 15.38 11.28
N ILE F 26 -31.57 15.85 10.21
CA ILE F 26 -30.91 16.06 8.92
C ILE F 26 -30.97 17.54 8.52
N ARG F 27 -29.90 18.01 7.90
CA ARG F 27 -29.79 19.39 7.46
C ARG F 27 -29.37 19.40 5.98
N ARG F 28 -30.24 19.92 5.12
CA ARG F 28 -29.97 20.02 3.68
C ARG F 28 -29.38 21.39 3.27
N GLU F 29 -28.26 21.34 2.51
CA GLU F 29 -27.63 22.52 1.90
C GLU F 29 -27.47 22.30 0.39
N GLY F 30 -28.57 22.05 -0.30
CA GLY F 30 -28.52 21.82 -1.74
C GLY F 30 -28.39 20.33 -1.94
N ASN F 31 -27.43 19.91 -2.75
CA ASN F 31 -27.10 18.49 -2.92
C ASN F 31 -26.19 17.95 -1.80
N HIS F 32 -26.35 18.40 -0.54
CA HIS F 32 -25.38 18.11 0.55
C HIS F 32 -26.02 17.99 1.95
N HIS F 33 -26.10 16.75 2.39
CA HIS F 33 -26.95 16.38 3.51
C HIS F 33 -26.08 16.05 4.72
N HIS F 34 -26.38 16.67 5.86
CA HIS F 34 -25.68 16.42 7.15
C HIS F 34 -26.60 15.63 8.03
N ILE F 35 -26.09 14.55 8.63
CA ILE F 35 -26.92 13.78 9.55
C ILE F 35 -26.23 13.60 10.88
N ILE F 36 -27.05 13.60 11.93
CA ILE F 36 -26.63 13.14 13.24
C ILE F 36 -27.76 12.27 13.79
N GLU F 37 -27.42 11.04 14.13
CA GLU F 37 -28.37 10.10 14.70
C GLU F 37 -27.89 9.74 16.07
N LEU F 38 -28.80 9.78 17.04
CA LEU F 38 -28.42 9.55 18.42
C LEU F 38 -29.48 8.73 19.14
N ILE F 39 -29.11 8.18 20.28
CA ILE F 39 -30.07 7.57 21.17
C ILE F 39 -29.94 8.19 22.58
N ALA F 40 -31.07 8.72 23.08
CA ALA F 40 -31.10 9.66 24.22
C ALA F 40 -31.76 9.06 25.46
N ASN F 41 -31.30 9.47 26.64
CA ASN F 41 -31.89 8.98 27.91
C ASN F 41 -32.04 10.15 28.87
N VAL F 42 -33.25 10.36 29.36
CA VAL F 42 -33.59 11.56 30.16
C VAL F 42 -34.23 11.20 31.53
N GLN F 43 -33.74 11.83 32.58
CA GLN F 43 -34.18 11.53 33.89
C GLN F 43 -34.38 12.82 34.65
N LEU F 44 -35.48 12.88 35.40
CA LEU F 44 -35.85 14.08 36.11
C LEU F 44 -36.04 13.76 37.58
N THR F 45 -35.74 14.71 38.47
CA THR F 45 -36.08 14.60 39.90
C THR F 45 -37.05 15.71 40.27
N LEU F 46 -38.01 15.41 41.13
CA LEU F 46 -39.06 16.36 41.53
C LEU F 46 -38.95 16.82 43.00
N LYS F 47 -39.53 17.99 43.29
CA LYS F 47 -39.56 18.60 44.64
C LYS F 47 -40.43 17.74 45.55
N THR F 48 -41.58 17.34 45.02
CA THR F 48 -42.62 16.72 45.76
C THR F 48 -42.36 15.23 45.70
N ARG F 49 -42.61 14.52 46.79
CA ARG F 49 -42.57 13.04 46.80
C ARG F 49 -43.93 12.32 46.83
N LYS F 50 -44.99 13.09 46.64
CA LYS F 50 -46.39 12.61 46.66
C LYS F 50 -46.65 11.44 45.72
N ASP F 51 -45.86 11.35 44.66
CA ASP F 51 -45.92 10.26 43.69
C ASP F 51 -45.52 8.95 44.35
N TYR F 52 -44.43 9.00 45.10
CA TYR F 52 -43.95 7.84 45.78
C TYR F 52 -44.75 7.48 47.04
N LEU F 53 -45.08 8.48 47.88
CA LEU F 53 -45.80 8.23 49.15
C LEU F 53 -47.22 7.67 48.96
N THR F 54 -48.01 8.39 48.17
CA THR F 54 -49.46 8.15 48.12
C THR F 54 -49.99 7.85 46.70
N GLY F 55 -49.09 7.85 45.71
CA GLY F 55 -49.43 7.61 44.29
C GLY F 55 -50.24 8.74 43.72
N ASP F 56 -49.87 9.96 44.09
CA ASP F 56 -50.51 11.19 43.59
C ASP F 56 -49.73 11.59 42.32
N ASN F 57 -50.46 11.83 41.25
CA ASN F 57 -49.81 12.06 39.98
C ASN F 57 -49.81 13.55 39.52
N SER F 58 -50.59 14.39 40.22
CA SER F 58 -50.81 15.80 39.85
C SER F 58 -49.55 16.63 39.49
N ASP F 59 -48.36 16.14 39.91
CA ASP F 59 -47.04 16.78 39.60
C ASP F 59 -46.27 16.02 38.50
N ILE F 60 -46.87 14.99 37.88
CA ILE F 60 -46.13 14.13 36.94
C ILE F 60 -46.15 14.62 35.48
N ILE F 61 -44.96 14.86 34.93
CA ILE F 61 -44.80 14.96 33.48
C ILE F 61 -44.69 13.57 32.90
N PRO F 62 -45.65 13.17 32.08
CA PRO F 62 -45.65 11.77 31.58
C PRO F 62 -44.38 11.46 30.79
N THR F 63 -43.88 10.22 30.94
CA THR F 63 -42.68 9.81 30.22
C THR F 63 -42.91 9.94 28.71
N ASP F 64 -44.15 9.73 28.24
CA ASP F 64 -44.42 9.90 26.81
C ASP F 64 -44.13 11.35 26.44
N THR F 65 -44.39 12.24 27.39
CA THR F 65 -44.23 13.65 27.15
C THR F 65 -42.76 14.02 27.04
N VAL F 66 -41.92 13.45 27.91
CA VAL F 66 -40.48 13.68 27.83
C VAL F 66 -39.93 13.20 26.48
N LYS F 67 -40.43 12.06 26.00
CA LYS F 67 -40.16 11.61 24.63
C LYS F 67 -40.51 12.72 23.66
N ASN F 68 -41.77 13.14 23.65
CA ASN F 68 -42.24 14.19 22.72
C ASN F 68 -41.35 15.45 22.75
N THR F 69 -40.97 15.84 23.96
CA THR F 69 -40.06 16.97 24.16
C THR F 69 -38.70 16.80 23.48
N VAL F 70 -38.13 15.61 23.58
CA VAL F 70 -36.85 15.34 22.92
C VAL F 70 -37.02 15.46 21.42
N HIS F 71 -38.13 14.93 20.90
CA HIS F 71 -38.48 15.06 19.48
C HIS F 71 -38.64 16.56 19.09
N ALA F 72 -39.30 17.30 19.99
CA ALA F 72 -39.71 18.67 19.74
C ALA F 72 -38.48 19.52 19.62
N LEU F 73 -37.64 19.38 20.65
CA LEU F 73 -36.44 20.21 20.77
C LEU F 73 -35.47 20.01 19.63
N ALA F 74 -35.30 18.76 19.19
CA ALA F 74 -34.49 18.42 18.02
C ALA F 74 -34.93 19.23 16.77
N LYS F 75 -36.23 19.41 16.60
CA LYS F 75 -36.72 20.27 15.55
C LYS F 75 -36.46 21.71 15.93
N LEU F 76 -36.91 22.12 17.12
CA LEU F 76 -36.87 23.52 17.51
C LEU F 76 -35.43 24.05 17.57
N LYS F 77 -34.57 23.37 18.34
CA LYS F 77 -33.19 23.81 18.57
C LYS F 77 -32.17 23.25 17.57
N GLY F 78 -32.53 22.23 16.78
CA GLY F 78 -31.55 21.50 15.98
C GLY F 78 -30.64 20.64 16.84
N ILE F 79 -29.76 19.88 16.21
CA ILE F 79 -28.81 19.10 16.97
C ILE F 79 -27.44 19.41 16.35
N LYS F 80 -26.70 20.29 17.00
CA LYS F 80 -25.33 20.54 16.56
C LYS F 80 -24.40 19.36 16.96
N SER F 81 -24.46 18.94 18.22
CA SER F 81 -23.67 17.84 18.74
C SER F 81 -24.48 17.28 19.88
N ILE F 82 -24.11 16.07 20.31
CA ILE F 82 -24.86 15.38 21.33
C ILE F 82 -24.80 16.12 22.69
N GLU F 83 -23.64 16.70 22.99
CA GLU F 83 -23.45 17.47 24.22
C GLU F 83 -24.37 18.70 24.24
N SER F 84 -24.42 19.44 23.13
CA SER F 84 -25.29 20.63 23.01
C SER F 84 -26.81 20.31 23.08
N PHE F 85 -27.18 19.17 22.51
CA PHE F 85 -28.57 18.72 22.59
C PHE F 85 -28.94 18.47 24.06
N ALA F 86 -28.06 17.75 24.75
CA ALA F 86 -28.24 17.41 26.13
C ALA F 86 -28.49 18.63 27.02
N LEU F 87 -27.84 19.75 26.72
CA LEU F 87 -27.92 20.96 27.54
C LEU F 87 -29.30 21.61 27.36
N ASP F 88 -29.84 21.46 26.16
CA ASP F 88 -31.16 21.99 25.86
C ASP F 88 -32.22 21.23 26.64
N ILE F 89 -32.08 19.91 26.70
CA ILE F 89 -33.06 19.07 27.39
C ILE F 89 -33.01 19.43 28.87
N CYS F 90 -31.81 19.56 29.42
CA CYS F 90 -31.60 20.14 30.77
C CYS F 90 -32.25 21.51 30.96
N GLU F 91 -31.88 22.48 30.11
CA GLU F 91 -32.40 23.87 30.12
C GLU F 91 -33.90 23.82 30.17
N HIS F 92 -34.46 23.11 29.22
CA HIS F 92 -35.87 23.06 29.04
C HIS F 92 -36.60 22.68 30.33
N PHE F 93 -36.16 21.60 31.00
CA PHE F 93 -36.97 20.99 32.07
C PHE F 93 -36.91 21.77 33.37
N LEU F 94 -35.78 22.45 33.59
CA LEU F 94 -35.62 23.38 34.71
C LEU F 94 -36.27 24.77 34.56
N THR F 95 -36.59 25.19 33.33
CA THR F 95 -37.26 26.49 33.08
C THR F 95 -38.76 26.45 32.72
N ALA F 96 -39.21 25.42 31.99
CA ALA F 96 -40.62 25.24 31.63
C ALA F 96 -41.45 24.80 32.84
N PHE F 97 -40.78 24.44 33.92
CA PHE F 97 -41.46 23.93 35.09
C PHE F 97 -40.73 24.45 36.33
N ASN F 98 -41.46 24.50 37.45
CA ASN F 98 -40.90 25.01 38.70
C ASN F 98 -40.54 23.90 39.67
N HIS F 99 -41.26 22.78 39.57
CA HIS F 99 -41.17 21.72 40.56
C HIS F 99 -40.12 20.60 40.22
N VAL F 100 -39.35 20.79 39.16
CA VAL F 100 -38.29 19.84 38.75
C VAL F 100 -36.94 20.27 39.31
N THR F 101 -36.35 19.46 40.19
CA THR F 101 -35.16 19.83 40.98
C THR F 101 -33.80 19.52 40.36
N ARG F 102 -33.75 18.55 39.43
CA ARG F 102 -32.49 18.12 38.76
C ARG F 102 -32.86 17.36 37.49
N VAL F 103 -32.04 17.47 36.45
CA VAL F 103 -32.27 16.73 35.20
C VAL F 103 -30.95 16.11 34.69
N LYS F 104 -30.97 14.83 34.32
CA LYS F 104 -29.76 14.19 33.82
C LYS F 104 -30.08 13.50 32.53
N VAL F 105 -29.27 13.80 31.52
CA VAL F 105 -29.45 13.25 30.20
C VAL F 105 -28.18 12.54 29.72
N ASN F 106 -28.34 11.26 29.42
CA ASN F 106 -27.27 10.47 28.83
C ASN F 106 -27.56 10.16 27.38
N ILE F 107 -26.61 10.48 26.50
CA ILE F 107 -26.79 10.32 25.04
C ILE F 107 -25.65 9.52 24.40
N ASP F 108 -26.02 8.66 23.46
CA ASP F 108 -25.09 7.92 22.62
C ASP F 108 -25.25 8.27 21.17
N GLU F 109 -24.13 8.46 20.48
CA GLU F 109 -24.18 8.88 19.09
C GLU F 109 -24.02 7.67 18.26
N VAL F 110 -24.83 7.58 17.22
CA VAL F 110 -24.71 6.51 16.26
C VAL F 110 -23.62 6.95 15.28
N PRO F 111 -22.50 6.20 15.24
CA PRO F 111 -21.29 6.56 14.50
C PRO F 111 -21.47 6.46 13.00
N TRP F 112 -22.22 7.37 12.39
CA TRP F 112 -22.32 7.38 10.94
C TRP F 112 -21.11 8.07 10.33
N LYS F 113 -20.55 7.52 9.25
CA LYS F 113 -19.38 8.15 8.58
C LYS F 113 -19.67 8.43 7.09
N ARG F 114 -19.55 9.69 6.69
CA ARG F 114 -19.74 10.07 5.29
C ARG F 114 -18.95 9.15 4.33
N LEU F 115 -19.62 8.62 3.32
CA LEU F 115 -18.96 7.79 2.32
C LEU F 115 -17.95 8.54 1.48
N GLU F 116 -16.84 7.87 1.18
CA GLU F 116 -15.68 8.57 0.63
C GLU F 116 -14.85 7.68 -0.27
N LYS F 117 -14.65 8.13 -1.50
CA LYS F 117 -13.72 7.49 -2.43
C LYS F 117 -12.92 8.55 -3.17
N ASN F 118 -11.59 8.33 -3.17
CA ASN F 118 -10.60 9.12 -3.94
C ASN F 118 -10.55 10.60 -3.51
N GLY F 119 -10.75 10.86 -2.21
CA GLY F 119 -10.89 12.22 -1.66
C GLY F 119 -12.24 12.89 -1.90
N VAL F 120 -13.08 12.34 -2.77
CA VAL F 120 -14.45 12.87 -2.97
C VAL F 120 -15.50 12.27 -2.03
N GLU F 121 -16.17 13.15 -1.33
CA GLU F 121 -17.15 12.76 -0.35
C GLU F 121 -18.55 12.76 -0.92
N HIS F 122 -19.25 11.66 -0.72
CA HIS F 122 -20.64 11.56 -1.12
C HIS F 122 -21.53 12.53 -0.36
N ASN F 123 -22.42 13.16 -1.12
CA ASN F 123 -23.28 14.21 -0.62
C ASN F 123 -24.44 13.75 0.23
N HIS F 124 -24.83 12.50 0.03
CA HIS F 124 -25.97 11.92 0.73
C HIS F 124 -25.87 10.40 0.97
N ALA F 125 -24.66 9.85 0.91
CA ALA F 125 -24.45 8.48 1.33
C ALA F 125 -23.54 8.42 2.56
N PHE F 126 -23.80 7.42 3.42
CA PHE F 126 -23.08 7.23 4.69
C PHE F 126 -22.92 5.78 5.00
N ILE F 127 -21.87 5.45 5.75
CA ILE F 127 -21.55 4.07 6.13
C ILE F 127 -21.30 4.02 7.65
N HIS F 128 -21.39 2.83 8.24
CA HIS F 128 -21.25 2.65 9.71
C HIS F 128 -19.84 2.17 9.99
N CYS F 129 -19.08 2.95 10.76
CA CYS F 129 -17.69 2.60 11.11
C CYS F 129 -17.46 2.91 12.60
N PRO F 130 -17.75 1.91 13.46
CA PRO F 130 -17.53 2.07 14.90
C PRO F 130 -16.01 2.00 15.22
N GLU F 131 -15.28 3.05 14.83
CA GLU F 131 -13.87 3.16 15.21
C GLU F 131 -13.87 3.23 16.72
N ALA F 132 -14.74 4.10 17.21
CA ALA F 132 -14.97 4.36 18.61
C ALA F 132 -16.34 4.98 18.74
N LEU F 133 -17.05 4.58 19.78
CA LEU F 133 -18.40 5.11 20.06
C LEU F 133 -18.45 6.32 20.98
N ARG F 134 -19.14 7.39 20.54
CA ARG F 134 -19.23 8.63 21.29
C ARG F 134 -20.46 8.71 22.19
N PHE F 135 -20.27 9.26 23.38
CA PHE F 135 -21.40 9.48 24.29
C PHE F 135 -21.15 10.64 25.19
N CYS F 136 -22.21 11.11 25.82
CA CYS F 136 -22.07 12.17 26.80
C CYS F 136 -23.10 12.11 27.91
N GLU F 137 -22.93 13.01 28.85
CA GLU F 137 -23.86 13.20 29.94
C GLU F 137 -23.87 14.67 30.36
N ALA F 138 -25.05 15.17 30.72
CA ALA F 138 -25.23 16.54 31.16
C ALA F 138 -26.20 16.54 32.31
N GLU F 139 -25.78 17.06 33.47
CA GLU F 139 -26.58 17.01 34.68
C GLU F 139 -26.61 18.40 35.27
N GLN F 140 -27.82 18.92 35.47
CA GLN F 140 -28.03 20.26 36.00
C GLN F 140 -28.99 20.21 37.19
N TYR F 141 -28.57 20.82 38.30
CA TYR F 141 -29.48 21.08 39.44
C TYR F 141 -30.20 22.41 39.20
N LEU F 142 -31.44 22.52 39.73
CA LEU F 142 -32.28 23.70 39.50
C LEU F 142 -31.51 24.97 39.80
N SER F 143 -31.44 25.82 38.77
CA SER F 143 -30.82 27.14 38.77
C SER F 143 -29.31 27.13 39.06
N LYS F 144 -28.71 25.94 39.19
CA LYS F 144 -27.27 25.87 39.33
C LYS F 144 -26.69 25.71 37.95
N THR F 145 -25.37 25.78 37.87
CA THR F 145 -24.66 25.74 36.60
C THR F 145 -24.43 24.28 36.15
N PRO F 146 -24.73 23.94 34.86
CA PRO F 146 -24.73 22.51 34.42
C PRO F 146 -23.34 21.86 34.35
N VAL F 147 -23.30 20.53 34.48
CA VAL F 147 -22.06 19.75 34.36
C VAL F 147 -22.17 18.87 33.13
N VAL F 148 -21.19 18.90 32.22
CA VAL F 148 -21.19 17.92 31.16
C VAL F 148 -19.97 17.03 31.29
N HIS F 149 -20.20 15.73 31.03
CA HIS F 149 -19.14 14.74 30.74
C HIS F 149 -19.21 14.31 29.27
N SER F 150 -18.08 13.93 28.71
CA SER F 150 -18.02 13.25 27.42
C SER F 150 -17.14 12.01 27.53
N GLY F 151 -17.35 11.08 26.61
CA GLY F 151 -16.44 9.97 26.51
C GLY F 151 -16.47 9.25 25.19
N LEU F 152 -15.53 8.31 25.05
CA LEU F 152 -15.48 7.31 24.00
C LEU F 152 -15.43 5.89 24.57
N LYS F 153 -15.95 4.93 23.82
CA LYS F 153 -15.91 3.51 24.21
C LYS F 153 -15.89 2.52 23.03
N ASP F 154 -15.60 1.26 23.33
CA ASP F 154 -15.48 0.19 22.32
C ASP F 154 -14.55 0.63 21.22
N MET F 155 -13.41 1.15 21.65
CA MET F 155 -12.35 1.41 20.72
C MET F 155 -11.30 0.33 20.86
N LYS F 156 -11.49 -0.73 20.07
CA LYS F 156 -10.65 -1.90 20.10
C LYS F 156 -9.39 -1.63 19.28
N VAL F 157 -8.22 -1.58 19.91
CA VAL F 157 -6.99 -1.39 19.20
C VAL F 157 -6.16 -2.63 19.40
N LEU F 158 -5.25 -2.92 18.49
CA LEU F 158 -4.29 -3.99 18.75
C LEU F 158 -2.90 -3.71 18.20
N LYS F 159 -1.90 -4.01 19.02
CA LYS F 159 -0.50 -4.05 18.59
C LYS F 159 0.16 -5.39 18.86
N THR F 160 1.11 -5.76 18.01
CA THR F 160 1.71 -7.11 18.03
C THR F 160 3.07 -7.19 18.71
N THR F 161 3.60 -6.04 19.12
CA THR F 161 4.90 -5.97 19.79
C THR F 161 5.11 -4.64 20.56
N GLN F 162 6.29 -4.44 21.15
CA GLN F 162 6.61 -3.20 21.89
C GLN F 162 5.78 -3.02 23.18
N THR F 163 5.52 -4.13 23.85
CA THR F 163 4.81 -4.16 25.13
C THR F 163 5.54 -5.19 25.95
N GLY F 164 5.61 -4.95 27.26
CA GLY F 164 6.21 -5.90 28.18
C GLY F 164 5.58 -5.92 29.56
N PHE F 165 5.90 -6.98 30.33
CA PHE F 165 5.49 -7.12 31.73
C PHE F 165 6.47 -8.01 32.47
N GLU F 166 7.34 -7.34 33.21
CA GLU F 166 8.35 -8.01 34.00
C GLU F 166 8.64 -7.24 35.26
N GLY F 167 9.24 -7.92 36.23
CA GLY F 167 9.63 -7.30 37.49
C GLY F 167 8.46 -7.06 38.42
N PHE F 168 7.51 -8.01 38.41
CA PHE F 168 6.27 -7.95 39.17
C PHE F 168 6.44 -8.75 40.46
N LEU F 169 5.42 -8.72 41.33
CA LEU F 169 5.46 -9.42 42.60
C LEU F 169 5.00 -10.85 42.41
N ARG F 170 5.79 -11.78 42.94
CA ARG F 170 5.45 -13.21 42.97
C ARG F 170 4.97 -13.54 44.35
N ASP F 171 3.98 -14.42 44.45
CA ASP F 171 3.48 -14.88 45.73
C ASP F 171 3.17 -16.35 45.50
N ARG F 172 2.65 -17.01 46.54
CA ARG F 172 2.32 -18.43 46.48
C ARG F 172 1.53 -18.81 45.23
N PHE F 173 0.80 -17.84 44.65
CA PHE F 173 -0.20 -18.10 43.56
C PHE F 173 0.16 -17.64 42.13
N THR F 174 1.41 -17.23 41.96
CA THR F 174 1.89 -16.77 40.68
C THR F 174 2.48 -17.91 39.85
N THR F 175 2.09 -18.01 38.58
CA THR F 175 2.73 -18.93 37.63
C THR F 175 3.42 -18.14 36.53
N LEU F 176 3.16 -16.85 36.50
CA LEU F 176 3.53 -16.03 35.34
C LEU F 176 5.03 -15.77 35.33
N THR F 177 5.65 -16.05 34.19
CA THR F 177 7.10 -15.80 34.06
C THR F 177 7.29 -14.46 33.37
N ASP F 178 8.44 -13.80 33.62
CA ASP F 178 8.78 -12.53 32.99
C ASP F 178 8.56 -12.57 31.48
N ALA F 179 8.09 -11.46 30.92
CA ALA F 179 7.78 -11.38 29.49
C ALA F 179 8.31 -10.09 28.94
N LYS F 180 9.32 -10.20 28.07
CA LYS F 180 10.03 -9.06 27.46
C LYS F 180 9.23 -8.48 26.29
N ASP F 181 8.62 -9.36 25.51
CA ASP F 181 7.79 -8.98 24.37
C ASP F 181 6.49 -9.82 24.33
N ARG F 182 5.37 -9.14 24.08
CA ARG F 182 4.02 -9.74 23.98
C ARG F 182 3.04 -8.81 23.26
N PHE F 183 1.90 -9.37 22.87
CA PHE F 183 0.79 -8.61 22.30
C PHE F 183 0.10 -7.74 23.36
N PHE F 184 -0.36 -6.58 22.92
CA PHE F 184 -1.32 -5.83 23.73
C PHE F 184 -2.58 -5.42 22.97
N CYS F 185 -3.68 -6.01 23.37
CA CYS F 185 -4.97 -5.66 22.80
C CYS F 185 -5.98 -5.10 23.83
N THR F 186 -6.54 -3.94 23.56
CA THR F 186 -7.46 -3.33 24.51
C THR F 186 -8.63 -2.75 23.80
N SER F 187 -9.66 -2.50 24.60
CA SER F 187 -10.86 -1.88 24.09
C SER F 187 -11.11 -0.65 24.96
N VAL F 188 -10.62 0.49 24.50
CA VAL F 188 -10.49 1.63 25.36
C VAL F 188 -11.83 2.17 25.77
N TYR F 189 -11.94 2.61 27.01
CA TYR F 189 -13.09 3.34 27.46
C TYR F 189 -12.49 4.60 28.14
N ALA F 190 -13.00 5.79 27.79
CA ALA F 190 -12.62 7.02 28.48
C ALA F 190 -13.82 7.96 28.78
N ARG F 191 -13.76 8.65 29.92
CA ARG F 191 -14.83 9.55 30.36
C ARG F 191 -14.20 10.72 31.05
N TRP F 192 -14.62 11.91 30.66
CA TRP F 192 -14.08 13.12 31.24
C TRP F 192 -15.11 14.19 31.59
N ARG F 193 -14.83 14.95 32.65
CA ARG F 193 -15.65 16.12 33.02
C ARG F 193 -15.05 17.43 32.46
N TYR F 194 -15.89 18.27 31.83
CA TYR F 194 -15.46 19.59 31.39
C TYR F 194 -15.70 20.61 32.49
N ASN F 195 -14.75 21.54 32.63
CA ASN F 195 -14.86 22.56 33.68
C ASN F 195 -15.76 23.70 33.23
N THR F 196 -15.93 23.82 31.92
CA THR F 196 -16.89 24.74 31.31
C THR F 196 -17.84 24.02 30.36
N ILE F 197 -19.03 24.59 30.25
CA ILE F 197 -20.03 24.14 29.31
C ILE F 197 -19.76 24.79 27.93
N ASN F 198 -18.71 25.61 27.88
CA ASN F 198 -18.38 26.33 26.68
C ASN F 198 -17.15 25.71 25.98
N VAL F 199 -17.39 24.72 25.10
CA VAL F 199 -16.31 23.88 24.54
C VAL F 199 -16.61 23.52 23.10
N ALA F 200 -15.58 23.53 22.25
CA ALA F 200 -15.70 23.04 20.88
C ALA F 200 -15.77 21.49 20.86
N PHE F 201 -16.99 20.97 21.04
CA PHE F 201 -17.22 19.55 21.38
C PHE F 201 -16.67 18.54 20.40
N ASP F 202 -16.98 18.71 19.11
CA ASP F 202 -16.54 17.74 18.12
C ASP F 202 -15.04 17.65 18.05
N ALA F 203 -14.37 18.81 18.20
CA ALA F 203 -12.92 18.86 18.13
C ALA F 203 -12.31 18.32 19.43
N ALA F 204 -12.85 18.75 20.57
CA ALA F 204 -12.41 18.24 21.87
C ALA F 204 -12.46 16.70 21.87
N TRP F 205 -13.63 16.15 21.61
CA TRP F 205 -13.78 14.71 21.47
C TRP F 205 -12.66 14.17 20.62
N LYS F 206 -12.54 14.64 19.36
CA LYS F 206 -11.57 14.08 18.39
C LYS F 206 -10.14 14.13 18.91
N ALA F 207 -9.85 15.22 19.64
CA ALA F 207 -8.54 15.41 20.25
C ALA F 207 -8.22 14.30 21.25
N VAL F 208 -9.21 13.92 22.09
CA VAL F 208 -9.03 12.85 23.10
C VAL F 208 -8.78 11.53 22.43
N LYS F 209 -9.73 11.18 21.56
CA LYS F 209 -9.60 10.00 20.69
C LYS F 209 -8.20 9.86 20.13
N ASP F 210 -7.76 10.86 19.35
CA ASP F 210 -6.45 10.83 18.68
C ASP F 210 -5.27 10.70 19.65
N THR F 211 -5.37 11.37 20.81
CA THR F 211 -4.32 11.35 21.82
C THR F 211 -4.17 9.94 22.32
N VAL F 212 -5.30 9.28 22.52
CA VAL F 212 -5.32 7.89 22.97
C VAL F 212 -4.61 6.96 21.95
N ILE F 213 -5.00 7.04 20.69
CA ILE F 213 -4.50 6.11 19.68
C ILE F 213 -3.01 6.28 19.53
N GLN F 214 -2.61 7.55 19.37
CA GLN F 214 -1.20 7.95 19.23
C GLN F 214 -0.31 7.43 20.38
N LYS F 215 -0.67 7.74 21.63
CA LYS F 215 0.11 7.27 22.77
C LYS F 215 0.07 5.76 22.94
N PHE F 216 -1.00 5.15 22.41
CA PHE F 216 -1.08 3.70 22.35
C PHE F 216 -0.07 3.14 21.32
N ALA F 217 -0.13 3.63 20.09
CA ALA F 217 0.66 3.07 18.98
C ALA F 217 2.12 3.53 19.02
N GLY F 218 2.30 4.81 19.34
CA GLY F 218 3.58 5.46 19.19
C GLY F 218 3.88 5.64 17.71
N PRO F 219 5.16 5.93 17.37
CA PRO F 219 5.56 6.14 15.93
C PRO F 219 5.17 4.96 15.01
N TYR F 220 4.83 5.28 13.75
CA TYR F 220 4.29 4.26 12.83
C TYR F 220 5.41 3.36 12.29
N ASP F 221 6.59 3.73 12.75
CA ASP F 221 7.84 3.14 12.39
C ASP F 221 8.28 1.98 13.33
N ARG F 222 8.70 2.34 14.53
CA ARG F 222 9.26 1.37 15.44
C ARG F 222 8.35 1.15 16.65
N GLY F 223 7.28 1.96 16.75
CA GLY F 223 6.43 2.00 17.95
C GLY F 223 7.19 2.62 19.11
N GLU F 224 6.71 2.38 20.32
CA GLU F 224 7.32 2.88 21.55
C GLU F 224 7.10 1.80 22.58
N TYR F 225 8.18 1.34 23.20
CA TYR F 225 8.07 0.30 24.20
C TYR F 225 7.24 0.81 25.39
N SER F 226 6.35 -0.03 25.89
CA SER F 226 5.67 0.25 27.13
C SER F 226 5.83 -0.93 28.11
N PRO F 227 6.31 -0.63 29.33
CA PRO F 227 6.63 -1.63 30.35
C PRO F 227 5.45 -1.99 31.26
N SER F 228 4.42 -1.15 31.28
CA SER F 228 3.19 -1.44 32.02
C SER F 228 2.05 -0.64 31.47
N VAL F 229 0.88 -1.29 31.40
CA VAL F 229 -0.31 -0.64 30.84
C VAL F 229 -0.75 0.52 31.73
N GLN F 230 -0.50 0.42 33.05
CA GLN F 230 -0.79 1.49 34.02
C GLN F 230 -0.09 2.82 33.68
N LYS F 231 1.15 2.72 33.20
CA LYS F 231 1.90 3.89 32.78
C LYS F 231 1.43 4.46 31.43
N THR F 232 1.12 3.59 30.47
CA THR F 232 0.49 4.05 29.22
C THR F 232 -0.79 4.81 29.55
N LEU F 233 -1.60 4.22 30.43
CA LEU F 233 -2.82 4.81 30.95
C LEU F 233 -2.63 6.19 31.54
N TYR F 234 -1.70 6.27 32.49
CA TYR F 234 -1.47 7.50 33.23
C TYR F 234 -0.88 8.55 32.29
N ASP F 235 0.06 8.11 31.44
CA ASP F 235 0.66 8.97 30.42
C ASP F 235 -0.42 9.59 29.54
N THR F 236 -1.36 8.76 29.11
CA THR F 236 -2.48 9.18 28.27
C THR F 236 -3.31 10.25 29.01
N GLN F 237 -3.59 10.01 30.28
CA GLN F 237 -4.34 10.98 31.07
C GLN F 237 -3.73 12.36 31.00
N LEU F 238 -2.44 12.42 31.32
CA LEU F 238 -1.69 13.65 31.29
C LEU F 238 -1.75 14.40 29.96
N LEU F 239 -1.56 13.69 28.85
CA LEU F 239 -1.57 14.30 27.51
C LEU F 239 -2.95 14.82 27.14
N VAL F 240 -4.02 14.23 27.70
CA VAL F 240 -5.37 14.81 27.51
C VAL F 240 -5.44 16.17 28.22
N LEU F 241 -5.01 16.18 29.47
CA LEU F 241 -5.07 17.37 30.27
C LEU F 241 -4.22 18.53 29.71
N ASP F 242 -3.17 18.22 28.94
CA ASP F 242 -2.35 19.24 28.28
C ASP F 242 -2.86 19.75 27.00
N ARG F 243 -3.54 18.90 26.26
CA ARG F 243 -4.08 19.30 24.98
C ARG F 243 -5.42 19.99 25.12
N ILE F 244 -6.20 19.65 26.14
CA ILE F 244 -7.55 20.20 26.22
C ILE F 244 -7.76 20.85 27.55
N PRO F 245 -7.46 22.17 27.67
CA PRO F 245 -7.49 22.78 29.01
C PRO F 245 -8.85 22.70 29.68
N GLU F 246 -9.93 22.54 28.90
CA GLU F 246 -11.29 22.52 29.46
C GLU F 246 -11.71 21.19 30.05
N VAL F 247 -10.91 20.15 29.82
CA VAL F 247 -11.07 18.87 30.54
C VAL F 247 -10.51 19.10 31.93
N GLU F 248 -11.29 18.74 32.94
CA GLU F 248 -10.90 18.91 34.34
C GLU F 248 -10.45 17.63 35.01
N GLU F 249 -11.08 16.51 34.60
CA GLU F 249 -10.88 15.17 35.19
C GLU F 249 -11.02 14.12 34.09
N ILE F 250 -10.14 13.12 34.11
CA ILE F 250 -10.10 12.12 33.05
C ILE F 250 -10.04 10.73 33.64
N GLU F 251 -10.99 9.91 33.16
CA GLU F 251 -11.10 8.50 33.50
C GLU F 251 -10.83 7.59 32.26
N ILE F 252 -9.94 6.61 32.40
CA ILE F 252 -9.67 5.68 31.32
C ILE F 252 -9.72 4.27 31.89
N ILE F 253 -10.48 3.38 31.25
CA ILE F 253 -10.40 1.96 31.54
C ILE F 253 -9.83 1.22 30.33
N MET F 254 -8.80 0.38 30.56
CA MET F 254 -8.24 -0.50 29.53
C MET F 254 -8.29 -1.99 29.90
N PRO F 255 -9.19 -2.76 29.28
CA PRO F 255 -9.05 -4.20 29.39
C PRO F 255 -7.73 -4.70 28.78
N ASN F 256 -7.27 -5.84 29.22
CA ASN F 256 -6.20 -6.53 28.54
C ASN F 256 -6.76 -7.81 27.92
N GLN F 257 -7.29 -7.70 26.69
CA GLN F 257 -7.85 -8.88 25.94
C GLN F 257 -6.72 -9.73 25.32
N HIS F 258 -6.50 -10.91 25.88
CA HIS F 258 -5.23 -11.62 25.76
C HIS F 258 -5.11 -12.43 24.47
N TYR F 259 -3.90 -12.41 23.87
CA TYR F 259 -3.54 -13.35 22.80
C TYR F 259 -2.33 -14.19 23.24
N PHE F 260 -2.49 -15.50 23.38
CA PHE F 260 -1.39 -16.35 23.86
C PHE F 260 -0.71 -17.14 22.72
N VAL F 261 0.60 -17.29 22.77
CA VAL F 261 1.25 -18.17 21.80
C VAL F 261 0.83 -19.62 22.10
N ILE F 262 0.33 -20.31 21.10
CA ILE F 262 -0.10 -21.70 21.29
C ILE F 262 1.12 -22.63 21.35
N ASP F 263 1.34 -23.24 22.52
CA ASP F 263 2.33 -24.32 22.65
C ASP F 263 1.92 -25.59 21.87
N MET F 264 2.68 -25.90 20.83
CA MET F 264 2.43 -27.09 20.01
C MET F 264 3.42 -28.23 20.22
N THR F 265 4.21 -28.14 21.30
CA THR F 265 5.21 -29.17 21.61
C THR F 265 4.50 -30.51 21.78
N LYS F 266 3.39 -30.48 22.50
CA LYS F 266 2.62 -31.68 22.71
C LYS F 266 2.13 -32.41 21.42
N ILE F 267 2.15 -31.73 20.28
CA ILE F 267 1.80 -32.38 19.01
C ILE F 267 3.00 -32.44 18.12
N GLY F 268 4.17 -32.18 18.72
CA GLY F 268 5.46 -32.35 18.06
C GLY F 268 5.77 -31.28 17.03
N LEU F 269 5.38 -30.05 17.29
CA LEU F 269 5.77 -28.94 16.43
C LEU F 269 6.30 -27.78 17.26
N SER F 270 7.16 -27.00 16.62
CA SER F 270 7.65 -25.77 17.23
C SER F 270 6.95 -24.53 16.64
N ASN F 271 5.97 -24.02 17.40
CA ASN F 271 5.26 -22.82 17.00
C ASN F 271 6.13 -21.57 17.30
N LYS F 272 6.85 -21.09 16.27
CA LYS F 272 7.78 -20.00 16.44
C LYS F 272 7.09 -18.65 16.46
N ASP F 273 6.17 -18.46 17.41
CA ASP F 273 5.38 -17.23 17.55
C ASP F 273 4.62 -16.84 16.31
N GLU F 274 4.03 -17.83 15.66
CA GLU F 274 3.33 -17.56 14.45
C GLU F 274 1.82 -17.60 14.67
N VAL F 275 1.38 -18.55 15.50
CA VAL F 275 -0.02 -18.84 15.72
C VAL F 275 -0.38 -18.56 17.16
N TYR F 276 -1.41 -17.74 17.32
CA TYR F 276 -1.87 -17.27 18.62
C TYR F 276 -3.33 -17.59 18.86
N LEU F 277 -3.70 -17.79 20.12
CA LEU F 277 -5.07 -18.09 20.47
C LEU F 277 -5.66 -16.84 21.08
N PRO F 278 -6.69 -16.26 20.44
CA PRO F 278 -7.44 -15.16 21.07
C PRO F 278 -8.35 -15.69 22.18
N LEU F 279 -8.25 -15.11 23.38
CA LEU F 279 -9.04 -15.50 24.54
C LEU F 279 -9.98 -14.41 24.94
N ASP F 280 -11.29 -14.61 24.73
CA ASP F 280 -12.32 -13.67 25.28
C ASP F 280 -12.28 -13.42 26.81
N ASN F 281 -12.25 -14.49 27.63
CA ASN F 281 -12.38 -14.48 29.10
C ASN F 281 -11.42 -15.49 29.70
N PRO F 282 -10.73 -15.10 30.82
CA PRO F 282 -10.84 -13.78 31.45
C PRO F 282 -9.99 -12.68 30.78
N SER F 283 -10.09 -11.45 31.28
CA SER F 283 -9.33 -10.32 30.75
C SER F 283 -8.82 -9.48 31.83
N GLY F 284 -7.54 -9.12 31.77
CA GLY F 284 -7.01 -8.08 32.63
C GLY F 284 -7.85 -6.80 32.49
N ASN F 285 -7.86 -6.03 33.57
CA ASN F 285 -8.55 -4.76 33.53
C ASN F 285 -7.70 -3.75 34.28
N ILE F 286 -7.45 -2.60 33.67
CA ILE F 286 -6.61 -1.55 34.26
C ILE F 286 -7.28 -0.17 34.19
N THR F 287 -7.55 0.43 35.35
CA THR F 287 -8.35 1.68 35.45
C THR F 287 -7.60 2.81 36.14
N GLY F 288 -8.09 4.04 35.95
CA GLY F 288 -7.48 5.21 36.58
C GLY F 288 -8.29 6.48 36.38
N THR F 289 -8.34 7.31 37.43
CA THR F 289 -9.00 8.60 37.32
C THR F 289 -8.17 9.68 37.95
N VAL F 290 -7.65 10.57 37.09
CA VAL F 290 -6.81 11.70 37.53
C VAL F 290 -7.48 13.03 37.20
N CYS F 291 -7.38 14.00 38.11
CA CYS F 291 -7.94 15.36 37.89
C CYS F 291 -6.88 16.39 38.17
N ARG F 292 -7.21 17.64 37.84
CA ARG F 292 -6.33 18.78 38.03
C ARG F 292 -6.23 19.20 39.50
N LYS F 293 -5.02 19.66 39.88
CA LYS F 293 -4.73 20.29 41.17
C LYS F 293 -5.73 21.44 41.44
N PRO F 294 -6.44 21.38 42.59
CA PRO F 294 -7.41 22.41 43.07
C PRO F 294 -6.83 23.82 43.20
N ASN G 8 -26.91 -15.25 -21.24
CA ASN G 8 -26.33 -14.36 -20.20
C ASN G 8 -26.57 -14.92 -18.76
N VAL G 9 -27.57 -14.37 -18.04
CA VAL G 9 -27.86 -14.61 -16.59
C VAL G 9 -29.28 -15.20 -16.36
N GLU G 10 -29.48 -15.98 -15.30
CA GLU G 10 -30.83 -16.53 -14.94
C GLU G 10 -31.18 -16.46 -13.43
N PHE G 11 -32.47 -16.32 -13.06
CA PHE G 11 -32.91 -16.30 -11.64
C PHE G 11 -32.91 -17.71 -11.07
N VAL G 12 -32.41 -17.87 -9.84
CA VAL G 12 -32.52 -19.17 -9.13
C VAL G 12 -33.46 -19.09 -7.93
N ARG G 13 -33.72 -17.86 -7.48
CA ARG G 13 -34.50 -17.58 -6.28
C ARG G 13 -34.74 -16.06 -6.13
N THR G 14 -36.00 -15.64 -5.94
CA THR G 14 -36.30 -14.26 -5.45
C THR G 14 -37.25 -14.32 -4.26
N GLY G 15 -37.29 -13.24 -3.48
CA GLY G 15 -38.15 -13.16 -2.30
C GLY G 15 -38.06 -11.89 -1.49
N TYR G 16 -39.17 -11.49 -0.86
CA TYR G 16 -39.25 -10.18 -0.18
C TYR G 16 -40.39 -10.14 0.84
N GLY G 17 -40.25 -9.34 1.89
CA GLY G 17 -41.34 -9.22 2.84
C GLY G 17 -41.07 -8.29 3.98
N LYS G 18 -41.64 -8.63 5.14
CA LYS G 18 -41.39 -7.84 6.34
C LYS G 18 -40.93 -8.76 7.42
N ASN G 19 -39.87 -8.33 8.11
CA ASN G 19 -39.28 -9.11 9.20
C ASN G 19 -39.36 -8.35 10.53
N MET G 20 -39.21 -9.12 11.61
CA MET G 20 -39.28 -8.58 12.96
C MET G 20 -40.64 -7.93 13.31
N VAL G 21 -41.75 -8.59 12.94
CA VAL G 21 -43.11 -8.10 13.27
C VAL G 21 -43.67 -8.60 14.63
N LYS G 22 -43.61 -7.74 15.64
CA LYS G 22 -44.00 -8.07 17.02
C LYS G 22 -45.47 -7.80 17.19
N VAL G 23 -46.12 -8.70 17.91
CA VAL G 23 -47.57 -8.67 18.12
C VAL G 23 -47.91 -9.56 19.33
N LEU G 24 -48.73 -9.03 20.24
CA LEU G 24 -49.29 -9.81 21.37
C LEU G 24 -50.81 -9.88 21.25
N HIS G 25 -51.34 -11.10 21.33
CA HIS G 25 -52.79 -11.29 21.29
C HIS G 25 -53.29 -11.67 22.68
N ILE G 26 -54.42 -11.09 23.09
CA ILE G 26 -54.99 -11.28 24.44
C ILE G 26 -56.45 -11.71 24.40
N ARG G 27 -56.83 -12.52 25.37
CA ARG G 27 -58.19 -13.02 25.50
C ARG G 27 -58.50 -13.01 26.97
N ARG G 28 -59.44 -12.16 27.38
CA ARG G 28 -59.70 -11.90 28.80
C ARG G 28 -61.01 -12.57 29.23
N GLU G 29 -60.94 -13.47 30.21
CA GLU G 29 -62.15 -13.94 30.94
C GLU G 29 -62.39 -13.09 32.20
N GLY G 30 -62.77 -11.83 32.02
CA GLY G 30 -62.78 -10.82 33.08
C GLY G 30 -61.39 -10.48 33.63
N ASN G 31 -61.02 -11.16 34.71
CA ASN G 31 -59.77 -10.92 35.41
C ASN G 31 -58.75 -11.94 35.01
N HIS G 32 -59.24 -13.06 34.46
CA HIS G 32 -58.39 -14.16 34.01
C HIS G 32 -57.96 -13.83 32.57
N HIS G 33 -56.67 -13.51 32.40
CA HIS G 33 -56.14 -13.13 31.09
C HIS G 33 -55.28 -14.24 30.47
N HIS G 34 -55.43 -14.44 29.16
CA HIS G 34 -54.74 -15.49 28.42
C HIS G 34 -53.93 -14.87 27.30
N ILE G 35 -52.62 -15.19 27.27
CA ILE G 35 -51.61 -14.40 26.48
C ILE G 35 -50.85 -15.19 25.40
N ILE G 36 -50.49 -14.52 24.29
CA ILE G 36 -49.49 -15.05 23.34
C ILE G 36 -48.73 -13.93 22.63
N GLU G 37 -47.41 -13.97 22.71
CA GLU G 37 -46.58 -12.92 22.10
C GLU G 37 -45.58 -13.55 21.17
N LEU G 38 -45.53 -13.03 19.96
CA LEU G 38 -44.64 -13.59 18.96
C LEU G 38 -43.89 -12.51 18.18
N ILE G 39 -42.90 -12.96 17.44
CA ILE G 39 -42.15 -12.10 16.56
C ILE G 39 -42.15 -12.76 15.19
N ALA G 40 -42.68 -12.09 14.18
CA ALA G 40 -42.93 -12.76 12.92
C ALA G 40 -42.13 -12.24 11.72
N ASN G 41 -41.77 -13.16 10.81
CA ASN G 41 -41.11 -12.81 9.54
C ASN G 41 -41.89 -13.43 8.41
N VAL G 42 -42.19 -12.64 7.38
CA VAL G 42 -43.01 -13.06 6.22
C VAL G 42 -42.27 -12.77 4.94
N GLN G 43 -42.23 -13.78 4.08
CA GLN G 43 -41.56 -13.66 2.77
C GLN G 43 -42.44 -14.13 1.60
N LEU G 44 -42.39 -13.35 0.51
CA LEU G 44 -43.20 -13.58 -0.69
C LEU G 44 -42.29 -13.69 -1.91
N THR G 45 -42.60 -14.63 -2.84
CA THR G 45 -42.03 -14.67 -4.22
C THR G 45 -43.15 -14.44 -5.31
N LEU G 46 -43.04 -13.34 -6.06
CA LEU G 46 -44.01 -12.97 -7.11
C LEU G 46 -43.77 -13.67 -8.47
N LYS G 47 -44.82 -13.93 -9.25
CA LYS G 47 -44.69 -14.62 -10.57
C LYS G 47 -43.94 -13.76 -11.59
N THR G 48 -44.09 -12.43 -11.51
CA THR G 48 -43.32 -11.47 -12.32
C THR G 48 -42.05 -10.92 -11.61
N ARG G 49 -41.02 -10.69 -12.42
CA ARG G 49 -39.75 -10.12 -12.00
C ARG G 49 -39.44 -8.74 -12.59
N LYS G 50 -40.45 -8.08 -13.15
CA LYS G 50 -40.30 -6.66 -13.56
C LYS G 50 -39.70 -5.70 -12.46
N ASP G 51 -40.01 -6.01 -11.20
CA ASP G 51 -39.53 -5.26 -10.03
C ASP G 51 -38.02 -5.29 -10.02
N TYR G 52 -37.45 -6.47 -10.26
CA TYR G 52 -36.00 -6.66 -10.39
C TYR G 52 -35.42 -6.07 -11.67
N LEU G 53 -35.95 -6.52 -12.81
CA LEU G 53 -35.40 -6.25 -14.15
C LEU G 53 -35.45 -4.77 -14.55
N THR G 54 -36.57 -4.11 -14.23
CA THR G 54 -36.89 -2.76 -14.73
C THR G 54 -37.17 -1.70 -13.61
N GLY G 55 -37.34 -2.13 -12.36
CA GLY G 55 -37.71 -1.20 -11.27
C GLY G 55 -39.19 -0.79 -11.25
N ASP G 56 -40.03 -1.65 -11.83
CA ASP G 56 -41.44 -1.45 -11.94
C ASP G 56 -42.17 -2.03 -10.73
N ASN G 57 -42.98 -1.18 -10.13
CA ASN G 57 -43.54 -1.50 -8.83
C ASN G 57 -44.98 -1.98 -8.88
N SER G 58 -45.59 -1.99 -10.07
CA SER G 58 -47.04 -2.19 -10.18
C SER G 58 -47.56 -3.55 -9.67
N ASP G 59 -46.66 -4.49 -9.38
CA ASP G 59 -47.02 -5.80 -8.80
C ASP G 59 -46.60 -6.00 -7.34
N ILE G 60 -46.02 -4.96 -6.75
CA ILE G 60 -45.46 -5.02 -5.39
C ILE G 60 -46.52 -4.81 -4.31
N ILE G 61 -46.74 -5.81 -3.45
CA ILE G 61 -47.47 -5.62 -2.17
C ILE G 61 -46.47 -5.01 -1.19
N PRO G 62 -46.65 -3.72 -0.85
CA PRO G 62 -45.67 -3.07 0.04
C PRO G 62 -45.47 -3.80 1.37
N THR G 63 -44.24 -3.80 1.86
CA THR G 63 -43.94 -4.54 3.07
C THR G 63 -44.75 -3.96 4.23
N ASP G 64 -44.91 -2.64 4.19
CA ASP G 64 -45.79 -1.92 5.12
C ASP G 64 -47.22 -2.51 5.17
N THR G 65 -47.73 -2.99 4.03
CA THR G 65 -48.98 -3.74 3.99
C THR G 65 -48.81 -5.13 4.63
N VAL G 66 -47.74 -5.84 4.27
CA VAL G 66 -47.46 -7.17 4.83
C VAL G 66 -47.47 -7.14 6.37
N LYS G 67 -46.94 -6.04 6.92
CA LYS G 67 -47.07 -5.76 8.38
C LYS G 67 -48.53 -5.53 8.85
N ASN G 68 -49.18 -4.56 8.23
CA ASN G 68 -50.59 -4.31 8.53
C ASN G 68 -51.34 -5.65 8.47
N THR G 69 -51.10 -6.46 7.43
CA THR G 69 -51.73 -7.76 7.28
C THR G 69 -51.49 -8.61 8.52
N VAL G 70 -50.25 -8.75 8.97
CA VAL G 70 -50.02 -9.62 10.13
C VAL G 70 -50.82 -9.14 11.36
N HIS G 71 -50.85 -7.81 11.55
CA HIS G 71 -51.62 -7.21 12.62
C HIS G 71 -53.10 -7.51 12.47
N ALA G 72 -53.60 -7.26 11.27
CA ALA G 72 -54.98 -7.45 10.94
C ALA G 72 -55.40 -8.84 11.25
N LEU G 73 -54.62 -9.82 10.80
CA LEU G 73 -55.01 -11.22 10.94
C LEU G 73 -55.09 -11.58 12.38
N ALA G 74 -54.15 -11.07 13.17
CA ALA G 74 -54.14 -11.33 14.59
C ALA G 74 -55.53 -10.98 15.14
N LYS G 75 -56.09 -9.85 14.70
CA LYS G 75 -57.39 -9.39 15.20
C LYS G 75 -58.50 -10.27 14.70
N LEU G 76 -58.56 -10.47 13.38
CA LEU G 76 -59.66 -11.23 12.75
C LEU G 76 -59.59 -12.71 13.11
N LYS G 77 -58.44 -13.34 12.93
CA LYS G 77 -58.38 -14.79 12.99
C LYS G 77 -58.00 -15.31 14.35
N GLY G 78 -57.47 -14.43 15.20
CA GLY G 78 -56.93 -14.87 16.48
C GLY G 78 -55.65 -15.64 16.31
N ILE G 79 -54.92 -15.77 17.40
CA ILE G 79 -53.69 -16.56 17.42
C ILE G 79 -53.87 -17.73 18.37
N LYS G 80 -54.06 -18.92 17.82
CA LYS G 80 -54.19 -20.15 18.60
C LYS G 80 -52.81 -20.66 19.06
N SER G 81 -51.87 -20.66 18.11
CA SER G 81 -50.48 -21.10 18.30
C SER G 81 -49.69 -20.44 17.19
N ILE G 82 -48.35 -20.40 17.32
CA ILE G 82 -47.48 -19.74 16.31
C ILE G 82 -47.56 -20.47 14.98
N GLU G 83 -47.78 -21.79 15.03
CA GLU G 83 -47.97 -22.62 13.85
C GLU G 83 -49.25 -22.26 13.01
N SER G 84 -50.43 -22.26 13.66
CA SER G 84 -51.71 -21.97 12.97
C SER G 84 -51.80 -20.53 12.52
N PHE G 85 -51.07 -19.63 13.20
CA PHE G 85 -50.89 -18.24 12.74
C PHE G 85 -50.01 -18.16 11.47
N ALA G 86 -48.95 -18.96 11.42
CA ALA G 86 -48.15 -19.09 10.22
C ALA G 86 -49.01 -19.63 9.05
N LEU G 87 -49.79 -20.67 9.34
CA LEU G 87 -50.62 -21.22 8.29
C LEU G 87 -51.61 -20.20 7.70
N ASP G 88 -52.07 -19.25 8.54
CA ASP G 88 -53.09 -18.26 8.18
C ASP G 88 -52.51 -17.13 7.37
N ILE G 89 -51.30 -16.75 7.71
CA ILE G 89 -50.61 -15.75 6.93
C ILE G 89 -50.27 -16.33 5.53
N CYS G 90 -49.75 -17.56 5.50
CA CYS G 90 -49.55 -18.30 4.23
C CYS G 90 -50.79 -18.32 3.33
N GLU G 91 -51.91 -18.80 3.90
CA GLU G 91 -53.15 -18.93 3.19
C GLU G 91 -53.66 -17.58 2.72
N HIS G 92 -53.42 -16.53 3.52
CA HIS G 92 -53.93 -15.20 3.15
C HIS G 92 -53.31 -14.65 1.86
N PHE G 93 -51.99 -14.84 1.72
CA PHE G 93 -51.27 -14.25 0.57
C PHE G 93 -51.50 -14.96 -0.75
N LEU G 94 -51.72 -16.26 -0.67
CA LEU G 94 -51.91 -17.07 -1.86
C LEU G 94 -53.35 -16.98 -2.44
N THR G 95 -54.32 -16.72 -1.56
CA THR G 95 -55.70 -16.75 -1.99
C THR G 95 -56.16 -15.34 -2.33
N ALA G 96 -55.73 -14.36 -1.56
CA ALA G 96 -56.12 -12.97 -1.80
C ALA G 96 -55.38 -12.31 -3.01
N PHE G 97 -54.35 -12.98 -3.54
CA PHE G 97 -53.59 -12.51 -4.70
C PHE G 97 -53.29 -13.67 -5.66
N ASN G 98 -53.14 -13.35 -6.95
CA ASN G 98 -52.89 -14.32 -8.02
C ASN G 98 -51.41 -14.45 -8.32
N HIS G 99 -50.73 -13.30 -8.36
CA HIS G 99 -49.36 -13.25 -8.76
C HIS G 99 -48.36 -13.64 -7.67
N VAL G 100 -48.84 -14.21 -6.56
CA VAL G 100 -47.92 -14.67 -5.50
C VAL G 100 -47.77 -16.16 -5.68
N THR G 101 -46.53 -16.62 -5.80
CA THR G 101 -46.23 -18.04 -6.14
C THR G 101 -45.84 -18.81 -4.90
N ARG G 102 -45.43 -18.08 -3.86
CA ARG G 102 -44.96 -18.71 -2.66
C ARG G 102 -45.02 -17.76 -1.45
N VAL G 103 -45.27 -18.32 -0.28
CA VAL G 103 -45.07 -17.59 0.99
C VAL G 103 -44.33 -18.46 2.05
N LYS G 104 -43.42 -17.80 2.77
CA LYS G 104 -42.58 -18.39 3.81
C LYS G 104 -42.66 -17.49 5.05
N VAL G 105 -43.13 -18.06 6.16
CA VAL G 105 -43.19 -17.31 7.44
C VAL G 105 -42.46 -18.05 8.52
N ASN G 106 -41.70 -17.28 9.28
CA ASN G 106 -40.90 -17.78 10.39
C ASN G 106 -41.25 -16.99 11.60
N ILE G 107 -41.67 -17.70 12.65
CA ILE G 107 -42.18 -17.06 13.86
C ILE G 107 -41.49 -17.59 15.08
N ASP G 108 -41.14 -16.67 15.98
CA ASP G 108 -40.56 -16.98 17.29
C ASP G 108 -41.55 -16.59 18.40
N GLU G 109 -41.72 -17.44 19.41
CA GLU G 109 -42.66 -17.11 20.48
C GLU G 109 -41.90 -16.56 21.65
N VAL G 110 -42.40 -15.48 22.23
CA VAL G 110 -41.80 -14.86 23.39
C VAL G 110 -42.29 -15.66 24.58
N PRO G 111 -41.39 -16.35 25.25
CA PRO G 111 -41.70 -17.37 26.27
C PRO G 111 -42.24 -16.86 27.59
N TRP G 112 -43.48 -16.39 27.59
CA TRP G 112 -44.17 -16.02 28.82
C TRP G 112 -44.65 -17.23 29.63
N LYS G 113 -44.51 -17.17 30.94
CA LYS G 113 -45.03 -18.21 31.82
C LYS G 113 -45.93 -17.53 32.87
N ARG G 114 -47.15 -18.05 33.03
CA ARG G 114 -48.01 -17.61 34.12
C ARG G 114 -47.33 -17.71 35.50
N LEU G 115 -47.47 -16.67 36.32
CA LEU G 115 -46.91 -16.65 37.69
C LEU G 115 -47.50 -17.78 38.54
N GLU G 116 -46.72 -18.33 39.46
CA GLU G 116 -47.14 -19.54 40.14
C GLU G 116 -46.43 -19.76 41.50
N LYS G 117 -47.23 -19.92 42.56
CA LYS G 117 -46.75 -20.44 43.87
C LYS G 117 -47.63 -21.53 44.44
N ASN G 118 -47.02 -22.67 44.74
CA ASN G 118 -47.72 -23.76 45.46
C ASN G 118 -49.06 -24.22 44.79
N GLY G 119 -49.01 -24.54 43.50
CA GLY G 119 -50.19 -24.94 42.73
C GLY G 119 -51.17 -23.82 42.34
N VAL G 120 -51.02 -22.63 42.91
CA VAL G 120 -51.88 -21.46 42.59
C VAL G 120 -51.34 -20.61 41.38
N GLU G 121 -52.15 -20.43 40.34
CA GLU G 121 -51.73 -19.60 39.17
C GLU G 121 -52.36 -18.21 39.08
N HIS G 122 -51.55 -17.15 39.03
CA HIS G 122 -52.06 -15.77 38.88
C HIS G 122 -52.89 -15.60 37.64
N ASN G 123 -54.01 -14.89 37.78
CA ASN G 123 -54.94 -14.64 36.67
C ASN G 123 -54.31 -13.80 35.55
N HIS G 124 -53.47 -12.83 35.94
CA HIS G 124 -52.96 -11.82 35.00
C HIS G 124 -51.50 -11.35 35.23
N ALA G 125 -50.67 -12.19 35.83
CA ALA G 125 -49.28 -11.83 35.92
C ALA G 125 -48.40 -12.92 35.37
N PHE G 126 -47.33 -12.50 34.68
CA PHE G 126 -46.41 -13.42 34.01
C PHE G 126 -44.95 -13.09 34.34
N ILE G 127 -44.13 -14.14 34.28
CA ILE G 127 -42.68 -14.05 34.47
C ILE G 127 -42.00 -14.58 33.21
N HIS G 128 -40.72 -14.26 33.03
CA HIS G 128 -39.94 -14.79 31.92
C HIS G 128 -38.88 -15.77 32.45
N CYS G 129 -39.18 -17.07 32.36
CA CYS G 129 -38.25 -18.19 32.71
C CYS G 129 -38.29 -19.35 31.66
N PRO G 130 -37.74 -19.08 30.44
CA PRO G 130 -37.81 -20.09 29.39
C PRO G 130 -36.88 -21.27 29.66
N GLU G 131 -37.45 -22.47 29.68
CA GLU G 131 -36.65 -23.66 29.59
C GLU G 131 -35.95 -23.74 28.22
N ALA G 132 -36.75 -23.46 27.17
CA ALA G 132 -36.37 -23.48 25.78
C ALA G 132 -37.21 -22.44 25.00
N LEU G 133 -36.70 -21.89 23.89
CA LEU G 133 -37.50 -20.95 23.12
C LEU G 133 -38.12 -21.69 21.95
N ARG G 134 -39.38 -21.38 21.65
CA ARG G 134 -40.12 -22.10 20.62
C ARG G 134 -40.18 -21.35 19.28
N PHE G 135 -40.07 -22.08 18.17
CA PHE G 135 -40.23 -21.46 16.83
C PHE G 135 -40.84 -22.38 15.83
N CYS G 136 -41.19 -21.79 14.68
CA CYS G 136 -41.80 -22.52 13.59
C CYS G 136 -41.61 -21.83 12.21
N GLU G 137 -41.91 -22.62 11.18
CA GLU G 137 -41.94 -22.15 9.82
C GLU G 137 -43.12 -22.76 9.05
N ALA G 138 -43.76 -21.96 8.21
CA ALA G 138 -44.75 -22.46 7.26
C ALA G 138 -44.43 -21.98 5.86
N GLU G 139 -44.26 -22.94 4.96
CA GLU G 139 -43.93 -22.62 3.60
C GLU G 139 -44.96 -23.24 2.63
N GLN G 140 -45.63 -22.38 1.87
CA GLN G 140 -46.68 -22.83 0.98
C GLN G 140 -46.40 -22.30 -0.40
N TYR G 141 -46.53 -23.20 -1.38
CA TYR G 141 -46.54 -22.93 -2.83
C TYR G 141 -48.01 -22.84 -3.29
N LEU G 142 -48.28 -22.11 -4.40
CA LEU G 142 -49.63 -21.93 -4.96
C LEU G 142 -50.32 -23.26 -5.34
N SER G 143 -51.50 -23.51 -4.76
CA SER G 143 -52.25 -24.79 -4.92
C SER G 143 -51.59 -26.06 -4.33
N LYS G 144 -50.39 -25.93 -3.75
CA LYS G 144 -49.77 -27.09 -3.11
C LYS G 144 -50.06 -27.08 -1.63
N THR G 145 -49.99 -28.26 -1.05
CA THR G 145 -50.20 -28.44 0.37
C THR G 145 -49.01 -27.81 1.18
N PRO G 146 -49.32 -27.07 2.27
CA PRO G 146 -48.27 -26.39 3.04
C PRO G 146 -47.33 -27.32 3.82
N VAL G 147 -46.11 -26.86 4.08
CA VAL G 147 -45.12 -27.59 4.89
C VAL G 147 -44.90 -26.81 6.20
N VAL G 148 -44.92 -27.51 7.32
CA VAL G 148 -44.70 -26.84 8.59
C VAL G 148 -43.50 -27.47 9.27
N HIS G 149 -42.55 -26.64 9.75
CA HIS G 149 -41.55 -27.14 10.68
C HIS G 149 -41.80 -26.44 12.00
N SER G 150 -41.54 -27.13 13.11
CA SER G 150 -41.49 -26.50 14.44
C SER G 150 -40.18 -26.89 15.06
N GLY G 151 -39.76 -26.14 16.07
CA GLY G 151 -38.50 -26.40 16.71
C GLY G 151 -38.34 -25.72 18.02
N LEU G 152 -37.34 -26.18 18.75
CA LEU G 152 -36.87 -25.59 20.01
C LEU G 152 -35.40 -25.20 19.89
N LYS G 153 -35.00 -24.19 20.68
CA LYS G 153 -33.61 -23.73 20.69
C LYS G 153 -33.18 -23.18 22.05
N ASP G 154 -31.89 -22.91 22.20
CA ASP G 154 -31.31 -22.38 23.44
C ASP G 154 -31.80 -23.11 24.73
N MET G 155 -31.95 -24.43 24.69
CA MET G 155 -32.23 -25.17 25.92
C MET G 155 -30.95 -25.60 26.60
N LYS G 156 -30.52 -24.82 27.60
CA LYS G 156 -29.24 -25.05 28.21
C LYS G 156 -29.31 -26.01 29.37
N VAL G 157 -28.69 -27.17 29.19
CA VAL G 157 -28.71 -28.26 30.20
C VAL G 157 -27.31 -28.79 30.59
N LEU G 158 -27.13 -29.16 31.84
CA LEU G 158 -25.82 -29.59 32.31
C LEU G 158 -26.02 -30.82 33.13
N LYS G 159 -25.04 -31.73 33.08
CA LYS G 159 -25.15 -33.07 33.67
C LYS G 159 -23.79 -33.21 34.29
N THR G 160 -23.68 -33.50 35.59
CA THR G 160 -22.30 -33.46 36.23
C THR G 160 -21.55 -34.80 36.28
N THR G 161 -22.24 -35.86 35.91
CA THR G 161 -21.67 -37.18 35.90
C THR G 161 -22.46 -38.07 34.93
N GLN G 162 -22.03 -39.32 34.80
CA GLN G 162 -22.68 -40.31 33.95
C GLN G 162 -22.47 -40.03 32.46
N THR G 163 -21.32 -39.40 32.13
CA THR G 163 -20.87 -39.15 30.74
C THR G 163 -19.37 -39.45 30.71
N GLY G 164 -18.92 -39.97 29.57
CA GLY G 164 -17.51 -40.26 29.35
C GLY G 164 -17.25 -40.33 27.87
N PHE G 165 -15.97 -40.53 27.51
CA PHE G 165 -15.53 -40.46 26.12
C PHE G 165 -14.17 -41.10 25.98
N GLU G 166 -14.22 -42.37 25.58
CA GLU G 166 -13.04 -43.21 25.47
C GLU G 166 -13.12 -44.12 24.28
N GLY G 167 -11.94 -44.64 23.89
CA GLY G 167 -11.79 -45.50 22.74
C GLY G 167 -11.88 -44.79 21.39
N PHE G 168 -11.32 -43.59 21.28
CA PHE G 168 -11.35 -42.83 20.00
C PHE G 168 -10.09 -43.00 19.17
N LEU G 169 -10.21 -42.65 17.91
CA LEU G 169 -9.07 -42.63 17.03
C LEU G 169 -7.99 -41.60 17.44
N ARG G 170 -6.75 -42.07 17.69
CA ARG G 170 -5.61 -41.17 17.96
C ARG G 170 -4.83 -40.94 16.68
N ASP G 171 -4.54 -39.68 16.35
CA ASP G 171 -3.67 -39.40 15.21
C ASP G 171 -2.46 -38.61 15.71
N ARG G 172 -1.71 -38.04 14.75
CA ARG G 172 -0.62 -37.11 15.01
C ARG G 172 -0.94 -35.92 15.94
N PHE G 173 -2.18 -35.47 15.87
CA PHE G 173 -2.60 -34.24 16.55
C PHE G 173 -3.54 -34.51 17.74
N THR G 174 -3.68 -35.77 18.12
CA THR G 174 -4.50 -36.13 19.26
C THR G 174 -3.72 -35.98 20.56
N THR G 175 -4.29 -35.33 21.58
CA THR G 175 -3.61 -35.15 22.90
C THR G 175 -4.56 -35.54 24.02
N LEU G 176 -5.80 -35.77 23.62
CA LEU G 176 -6.86 -36.09 24.55
C LEU G 176 -6.75 -37.52 25.10
N THR G 177 -6.74 -37.65 26.44
CA THR G 177 -6.77 -38.99 27.06
C THR G 177 -8.18 -39.43 27.35
N ASP G 178 -8.30 -40.73 27.60
CA ASP G 178 -9.56 -41.34 27.96
C ASP G 178 -10.09 -40.72 29.26
N ALA G 179 -11.42 -40.62 29.36
CA ALA G 179 -12.10 -40.10 30.53
C ALA G 179 -13.34 -40.96 30.82
N LYS G 180 -13.39 -41.55 32.01
CA LYS G 180 -14.54 -42.38 32.46
C LYS G 180 -15.76 -41.53 32.85
N ASP G 181 -15.50 -40.35 33.44
CA ASP G 181 -16.51 -39.43 33.99
C ASP G 181 -16.17 -37.95 33.62
N ARG G 182 -17.14 -37.22 33.06
CA ARG G 182 -16.97 -35.78 32.75
C ARG G 182 -18.32 -35.08 32.72
N PHE G 183 -18.31 -33.76 32.92
CA PHE G 183 -19.49 -32.91 32.64
C PHE G 183 -19.89 -33.00 31.16
N PHE G 184 -21.20 -32.90 30.94
CA PHE G 184 -21.82 -32.70 29.63
C PHE G 184 -22.84 -31.53 29.67
N CYS G 185 -22.50 -30.45 29.00
CA CYS G 185 -23.34 -29.29 28.98
C CYS G 185 -23.63 -28.97 27.53
N THR G 186 -24.90 -28.85 27.21
CA THR G 186 -25.26 -28.48 25.87
C THR G 186 -26.36 -27.44 25.85
N SER G 187 -26.57 -26.84 24.68
CA SER G 187 -27.63 -25.90 24.55
C SER G 187 -28.34 -26.41 23.30
N VAL G 188 -29.48 -27.07 23.51
CA VAL G 188 -30.09 -27.91 22.45
C VAL G 188 -30.79 -27.07 21.39
N TYR G 189 -30.69 -27.50 20.14
CA TYR G 189 -31.43 -26.97 19.04
C TYR G 189 -32.01 -28.17 18.29
N ALA G 190 -33.34 -28.18 18.14
CA ALA G 190 -34.06 -29.26 17.41
C ALA G 190 -35.06 -28.66 16.43
N ARG G 191 -35.21 -29.28 15.25
CA ARG G 191 -36.12 -28.79 14.21
C ARG G 191 -36.69 -29.97 13.50
N TRP G 192 -38.01 -30.03 13.48
CA TRP G 192 -38.71 -31.17 12.92
C TRP G 192 -39.72 -30.79 11.83
N ARG G 193 -39.78 -31.63 10.79
CA ARG G 193 -40.79 -31.47 9.74
C ARG G 193 -41.96 -32.33 10.12
N TYR G 194 -43.16 -31.74 10.13
CA TYR G 194 -44.40 -32.47 10.28
C TYR G 194 -44.87 -32.95 8.91
N ASN G 195 -45.48 -34.13 8.87
CA ASN G 195 -46.04 -34.69 7.61
C ASN G 195 -47.53 -34.37 7.43
N THR G 196 -48.12 -33.69 8.42
CA THR G 196 -49.51 -33.19 8.40
C THR G 196 -49.68 -31.77 8.96
N ILE G 197 -50.67 -31.04 8.43
CA ILE G 197 -51.07 -29.75 8.95
C ILE G 197 -52.02 -29.85 10.17
N ASN G 198 -52.53 -31.05 10.45
CA ASN G 198 -53.31 -31.12 11.68
C ASN G 198 -52.58 -31.79 12.84
N VAL G 199 -52.05 -30.95 13.72
CA VAL G 199 -51.24 -31.40 14.87
C VAL G 199 -51.74 -30.64 16.10
N ALA G 200 -51.63 -31.24 17.30
CA ALA G 200 -51.79 -30.48 18.55
C ALA G 200 -50.46 -29.79 18.90
N PHE G 201 -50.24 -28.63 18.27
CA PHE G 201 -48.92 -28.03 18.19
C PHE G 201 -48.29 -27.71 19.54
N ASP G 202 -49.12 -27.21 20.47
CA ASP G 202 -48.76 -27.02 21.89
C ASP G 202 -48.40 -28.30 22.63
N ALA G 203 -49.12 -29.40 22.35
CA ALA G 203 -48.83 -30.69 22.99
C ALA G 203 -47.58 -31.35 22.40
N ALA G 204 -47.42 -31.23 21.08
CA ALA G 204 -46.28 -31.80 20.33
C ALA G 204 -44.94 -31.11 20.65
N TRP G 205 -44.90 -29.77 20.53
CA TRP G 205 -43.71 -29.02 20.92
C TRP G 205 -43.25 -29.40 22.33
N LYS G 206 -44.20 -29.46 23.27
CA LYS G 206 -43.95 -29.83 24.65
C LYS G 206 -43.49 -31.29 24.76
N ALA G 207 -44.12 -32.15 23.97
CA ALA G 207 -43.73 -33.57 23.93
C ALA G 207 -42.27 -33.73 23.47
N VAL G 208 -41.91 -33.20 22.29
CA VAL G 208 -40.51 -33.15 21.82
C VAL G 208 -39.57 -32.68 22.94
N LYS G 209 -39.86 -31.51 23.53
CA LYS G 209 -39.03 -30.92 24.59
C LYS G 209 -38.84 -31.90 25.73
N ASP G 210 -39.95 -32.41 26.27
CA ASP G 210 -39.91 -33.35 27.40
C ASP G 210 -39.08 -34.60 27.13
N THR G 211 -39.12 -35.04 25.87
CA THR G 211 -38.33 -36.18 25.38
C THR G 211 -36.84 -35.92 25.49
N VAL G 212 -36.43 -34.69 25.15
CA VAL G 212 -35.05 -34.29 25.13
C VAL G 212 -34.52 -34.14 26.58
N ILE G 213 -35.29 -33.50 27.43
CA ILE G 213 -34.86 -33.25 28.79
C ILE G 213 -34.72 -34.60 29.47
N GLN G 214 -35.70 -35.48 29.24
CA GLN G 214 -35.74 -36.78 29.90
C GLN G 214 -34.62 -37.77 29.48
N LYS G 215 -34.33 -37.83 28.17
CA LYS G 215 -33.26 -38.66 27.61
C LYS G 215 -31.84 -38.10 27.88
N PHE G 216 -31.73 -36.78 28.02
CA PHE G 216 -30.47 -36.18 28.40
C PHE G 216 -30.13 -36.54 29.86
N ALA G 217 -31.12 -36.48 30.75
CA ALA G 217 -30.87 -36.54 32.20
C ALA G 217 -30.93 -37.96 32.74
N GLY G 218 -31.74 -38.80 32.07
CA GLY G 218 -32.02 -40.17 32.48
C GLY G 218 -32.78 -40.22 33.81
N PRO G 219 -32.82 -41.38 34.52
CA PRO G 219 -33.43 -41.42 35.88
C PRO G 219 -32.93 -40.31 36.85
N TYR G 220 -33.86 -39.67 37.59
CA TYR G 220 -33.51 -38.51 38.47
C TYR G 220 -32.72 -38.96 39.71
N ASP G 221 -32.54 -40.26 39.71
CA ASP G 221 -32.11 -41.00 40.82
C ASP G 221 -30.60 -41.21 40.73
N ARG G 222 -30.16 -41.99 39.71
CA ARG G 222 -28.78 -42.43 39.53
C ARG G 222 -28.27 -42.15 38.12
N GLY G 223 -29.09 -41.49 37.30
CA GLY G 223 -28.77 -41.15 35.92
C GLY G 223 -28.64 -42.34 34.99
N GLU G 224 -28.42 -42.04 33.71
CA GLU G 224 -28.18 -43.04 32.65
C GLU G 224 -26.85 -42.69 32.01
N TYR G 225 -25.94 -43.66 31.98
CA TYR G 225 -24.59 -43.49 31.42
C TYR G 225 -24.66 -43.23 29.89
N SER G 226 -23.82 -42.32 29.40
CA SER G 226 -23.76 -42.01 27.96
C SER G 226 -22.30 -41.95 27.55
N PRO G 227 -21.90 -42.83 26.60
CA PRO G 227 -20.47 -42.92 26.24
C PRO G 227 -20.08 -42.04 25.05
N SER G 228 -21.07 -41.52 24.33
CA SER G 228 -20.88 -40.63 23.16
C SER G 228 -22.13 -39.82 22.90
N VAL G 229 -21.98 -38.52 22.81
CA VAL G 229 -23.16 -37.69 22.57
C VAL G 229 -23.89 -38.10 21.26
N GLN G 230 -23.15 -38.56 20.24
CA GLN G 230 -23.76 -39.03 18.97
C GLN G 230 -24.83 -40.11 19.18
N LYS G 231 -24.57 -41.06 20.09
CA LYS G 231 -25.57 -42.07 20.42
C LYS G 231 -26.75 -41.44 21.14
N THR G 232 -26.43 -40.56 22.11
CA THR G 232 -27.44 -39.85 22.89
C THR G 232 -28.36 -39.08 21.93
N LEU G 233 -27.75 -38.34 21.01
CA LEU G 233 -28.48 -37.53 20.03
C LEU G 233 -29.42 -38.38 19.13
N TYR G 234 -28.83 -39.38 18.46
CA TYR G 234 -29.60 -40.30 17.65
C TYR G 234 -30.65 -41.01 18.50
N ASP G 235 -30.30 -41.47 19.71
CA ASP G 235 -31.29 -42.07 20.62
C ASP G 235 -32.48 -41.13 20.86
N THR G 236 -32.19 -39.85 21.11
CA THR G 236 -33.19 -38.80 21.28
C THR G 236 -34.02 -38.68 20.01
N GLN G 237 -33.37 -38.78 18.85
CA GLN G 237 -34.09 -38.77 17.56
C GLN G 237 -35.15 -39.90 17.42
N LEU G 238 -34.76 -41.11 17.84
CA LEU G 238 -35.64 -42.28 17.74
C LEU G 238 -36.80 -42.22 18.72
N LEU G 239 -36.52 -41.83 19.97
CA LEU G 239 -37.56 -41.56 21.01
C LEU G 239 -38.56 -40.42 20.68
N VAL G 240 -38.18 -39.49 19.78
CA VAL G 240 -39.13 -38.53 19.19
C VAL G 240 -39.95 -39.13 18.03
N LEU G 241 -39.34 -40.03 17.25
CA LEU G 241 -40.12 -40.65 16.15
C LEU G 241 -41.16 -41.69 16.66
N ASP G 242 -41.06 -42.08 17.95
CA ASP G 242 -42.02 -42.97 18.63
C ASP G 242 -43.20 -42.26 19.24
N ARG G 243 -42.91 -41.27 20.08
CA ARG G 243 -43.98 -40.63 20.82
C ARG G 243 -44.83 -39.68 19.97
N ILE G 244 -44.32 -39.25 18.81
CA ILE G 244 -45.07 -38.29 17.99
C ILE G 244 -45.16 -38.67 16.51
N PRO G 245 -46.24 -39.39 16.13
CA PRO G 245 -46.35 -39.96 14.76
C PRO G 245 -46.30 -38.91 13.65
N GLU G 246 -46.80 -37.70 13.92
CA GLU G 246 -46.88 -36.61 12.90
C GLU G 246 -45.53 -35.89 12.58
N VAL G 247 -44.49 -36.23 13.35
CA VAL G 247 -43.13 -35.82 13.02
C VAL G 247 -42.64 -36.72 11.89
N GLU G 248 -42.22 -36.13 10.79
CA GLU G 248 -41.64 -36.90 9.68
C GLU G 248 -40.12 -36.96 9.65
N GLU G 249 -39.50 -35.84 10.00
CA GLU G 249 -38.04 -35.71 10.02
C GLU G 249 -37.64 -34.86 11.23
N ILE G 250 -36.52 -35.20 11.84
CA ILE G 250 -36.00 -34.47 13.02
C ILE G 250 -34.48 -34.20 12.93
N GLU G 251 -34.15 -32.91 13.07
CA GLU G 251 -32.79 -32.43 13.11
C GLU G 251 -32.42 -32.12 14.55
N ILE G 252 -31.26 -32.58 14.98
CA ILE G 252 -30.72 -32.14 16.26
C ILE G 252 -29.27 -31.57 16.17
N ILE G 253 -29.04 -30.38 16.70
CA ILE G 253 -27.69 -29.87 16.91
C ILE G 253 -27.48 -29.79 18.41
N MET G 254 -26.40 -30.42 18.88
CA MET G 254 -26.01 -30.38 20.29
C MET G 254 -24.55 -29.89 20.47
N PRO G 255 -24.35 -28.61 20.84
CA PRO G 255 -23.01 -28.17 21.31
C PRO G 255 -22.45 -28.95 22.51
N ASN G 256 -21.14 -29.07 22.59
CA ASN G 256 -20.54 -29.56 23.81
C ASN G 256 -19.82 -28.39 24.45
N GLN G 257 -20.52 -27.69 25.33
CA GLN G 257 -19.98 -26.51 26.01
C GLN G 257 -19.16 -26.95 27.23
N HIS G 258 -17.84 -26.85 27.08
CA HIS G 258 -16.90 -27.50 27.98
C HIS G 258 -16.80 -26.93 29.39
N TYR G 259 -16.65 -27.81 30.35
CA TYR G 259 -16.28 -27.41 31.71
C TYR G 259 -15.05 -28.23 32.09
N PHE G 260 -13.90 -27.59 32.22
CA PHE G 260 -12.65 -28.31 32.53
C PHE G 260 -12.16 -28.19 33.99
N VAL G 261 -11.85 -29.31 34.62
CA VAL G 261 -11.22 -29.26 35.94
C VAL G 261 -9.96 -28.38 35.86
N ILE G 262 -9.79 -27.46 36.80
CA ILE G 262 -8.61 -26.61 36.81
C ILE G 262 -7.49 -27.41 37.47
N ASP G 263 -6.40 -27.69 36.73
CA ASP G 263 -5.22 -28.25 37.34
C ASP G 263 -4.51 -27.16 38.15
N MET G 264 -4.34 -27.39 39.45
CA MET G 264 -3.69 -26.38 40.34
C MET G 264 -2.28 -26.80 40.85
N THR G 265 -1.68 -27.83 40.23
CA THR G 265 -0.48 -28.40 40.82
C THR G 265 0.65 -27.41 40.69
N LYS G 266 0.62 -26.61 39.61
CA LYS G 266 1.57 -25.51 39.42
C LYS G 266 1.58 -24.41 40.51
N ILE G 267 0.50 -24.34 41.29
CA ILE G 267 0.40 -23.43 42.44
C ILE G 267 0.33 -24.28 43.73
N GLY G 268 0.56 -25.60 43.59
CA GLY G 268 0.75 -26.52 44.73
C GLY G 268 -0.49 -27.03 45.44
N LEU G 269 -1.58 -27.21 44.71
CA LEU G 269 -2.78 -27.74 45.33
C LEU G 269 -3.31 -28.87 44.50
N SER G 270 -3.95 -29.81 45.17
CA SER G 270 -4.51 -30.93 44.46
C SER G 270 -6.00 -30.75 44.35
N ASN G 271 -6.45 -30.56 43.10
CA ASN G 271 -7.85 -30.29 42.79
C ASN G 271 -8.59 -31.60 42.52
N LYS G 272 -9.18 -32.12 43.60
CA LYS G 272 -9.96 -33.36 43.63
C LYS G 272 -11.34 -33.20 42.92
N ASP G 273 -11.28 -32.84 41.63
CA ASP G 273 -12.47 -32.69 40.82
C ASP G 273 -13.53 -31.84 41.49
N GLU G 274 -13.06 -30.76 42.09
CA GLU G 274 -13.84 -29.81 42.86
C GLU G 274 -14.19 -28.52 42.08
N VAL G 275 -13.18 -27.88 41.50
CA VAL G 275 -13.32 -26.55 40.97
C VAL G 275 -13.08 -26.63 39.49
N TYR G 276 -14.04 -26.12 38.72
CA TYR G 276 -14.07 -26.29 37.27
C TYR G 276 -13.95 -24.94 36.49
N LEU G 277 -13.38 -24.99 35.28
CA LEU G 277 -13.33 -23.82 34.40
C LEU G 277 -14.38 -23.90 33.28
N PRO G 278 -15.38 -22.98 33.29
CA PRO G 278 -16.28 -22.88 32.13
C PRO G 278 -15.58 -22.11 31.04
N LEU G 279 -15.65 -22.64 29.82
CA LEU G 279 -14.93 -22.08 28.69
C LEU G 279 -15.88 -21.87 27.53
N ASP G 280 -16.00 -20.65 27.06
CA ASP G 280 -16.98 -20.32 26.02
C ASP G 280 -16.61 -20.83 24.65
N ASN G 281 -15.31 -20.77 24.32
CA ASN G 281 -14.84 -21.11 22.99
C ASN G 281 -13.52 -21.86 23.11
N PRO G 282 -13.35 -22.99 22.37
CA PRO G 282 -14.32 -23.49 21.39
C PRO G 282 -15.25 -24.49 22.00
N SER G 283 -16.20 -24.95 21.21
CA SER G 283 -17.12 -25.96 21.66
C SER G 283 -17.33 -26.98 20.59
N GLY G 284 -17.34 -28.24 21.04
CA GLY G 284 -17.72 -29.35 20.21
C GLY G 284 -19.12 -29.13 19.68
N ASN G 285 -19.39 -29.73 18.52
CA ASN G 285 -20.68 -29.57 17.87
C ASN G 285 -21.00 -30.88 17.20
N ILE G 286 -22.17 -31.39 17.50
CA ILE G 286 -22.61 -32.72 17.08
C ILE G 286 -24.01 -32.60 16.47
N THR G 287 -24.10 -32.96 15.20
CA THR G 287 -25.36 -32.82 14.46
C THR G 287 -25.78 -34.15 13.84
N GLY G 288 -27.06 -34.21 13.46
CA GLY G 288 -27.68 -35.35 12.83
C GLY G 288 -29.12 -35.00 12.49
N THR G 289 -29.55 -35.46 11.32
CA THR G 289 -30.91 -35.30 10.83
C THR G 289 -31.36 -36.66 10.38
N VAL G 290 -32.40 -37.15 11.09
CA VAL G 290 -33.03 -38.44 10.79
C VAL G 290 -34.47 -38.22 10.32
N CYS G 291 -34.93 -39.08 9.43
CA CYS G 291 -36.30 -39.05 8.95
C CYS G 291 -36.83 -40.46 8.89
N ARG G 292 -38.14 -40.60 8.66
CA ARG G 292 -38.79 -41.91 8.59
C ARG G 292 -38.42 -42.62 7.29
N LYS G 293 -38.24 -43.95 7.34
CA LYS G 293 -38.11 -44.78 6.11
C LYS G 293 -39.43 -44.81 5.29
N PRO G 294 -39.48 -44.02 4.16
CA PRO G 294 -40.72 -43.88 3.35
C PRO G 294 -41.37 -45.24 3.01
N ASN H 8 -37.57 -48.79 9.59
CA ASN H 8 -38.01 -47.82 10.65
C ASN H 8 -37.52 -46.39 10.29
N VAL H 9 -36.24 -46.10 10.59
CA VAL H 9 -35.61 -44.77 10.36
C VAL H 9 -34.44 -44.79 9.33
N GLU H 10 -34.07 -43.61 8.81
CA GLU H 10 -33.03 -43.48 7.77
C GLU H 10 -32.32 -42.11 7.93
N PHE H 11 -31.00 -42.10 7.80
CA PHE H 11 -30.22 -40.86 7.97
C PHE H 11 -30.44 -39.99 6.77
N VAL H 12 -30.55 -38.70 7.00
CA VAL H 12 -30.46 -37.78 5.88
C VAL H 12 -29.09 -37.10 5.87
N ARG H 13 -28.48 -36.94 7.04
CA ARG H 13 -27.34 -36.03 7.18
C ARG H 13 -26.62 -36.23 8.50
N THR H 14 -25.30 -36.38 8.48
CA THR H 14 -24.53 -36.36 9.76
C THR H 14 -23.36 -35.43 9.66
N GLY H 15 -22.99 -34.88 10.80
CA GLY H 15 -21.89 -33.95 10.85
C GLY H 15 -21.51 -33.67 12.28
N TYR H 16 -20.23 -33.41 12.49
CA TYR H 16 -19.74 -33.07 13.81
C TYR H 16 -18.40 -32.34 13.59
N GLY H 17 -17.96 -31.57 14.59
CA GLY H 17 -16.62 -30.98 14.55
C GLY H 17 -16.38 -30.12 15.76
N LYS H 18 -15.52 -29.12 15.60
CA LYS H 18 -15.38 -28.08 16.61
C LYS H 18 -15.84 -26.79 15.99
N ASN H 19 -16.52 -25.95 16.78
CA ASN H 19 -16.99 -24.64 16.32
C ASN H 19 -16.33 -23.56 17.16
N MET H 20 -16.37 -22.32 16.67
CA MET H 20 -15.80 -21.21 17.42
C MET H 20 -14.31 -21.42 17.72
N VAL H 21 -13.51 -21.88 16.74
CA VAL H 21 -12.07 -22.04 16.98
C VAL H 21 -11.42 -20.76 16.57
N LYS H 22 -11.02 -19.95 17.56
CA LYS H 22 -10.46 -18.63 17.31
C LYS H 22 -8.96 -18.79 17.10
N VAL H 23 -8.37 -18.10 16.13
CA VAL H 23 -6.92 -18.18 15.81
C VAL H 23 -6.44 -16.92 15.09
N LEU H 24 -5.23 -16.45 15.42
CA LEU H 24 -4.58 -15.34 14.74
C LEU H 24 -3.25 -15.83 14.26
N HIS H 25 -2.96 -15.59 12.97
CA HIS H 25 -1.68 -15.93 12.35
C HIS H 25 -0.95 -14.64 11.99
N ILE H 26 0.34 -14.61 12.34
CA ILE H 26 1.20 -13.47 12.06
C ILE H 26 2.35 -13.87 11.15
N ARG H 27 2.71 -12.94 10.27
CA ARG H 27 3.86 -13.07 9.38
C ARG H 27 4.67 -11.76 9.48
N ARG H 28 5.83 -11.83 10.15
CA ARG H 28 6.68 -10.63 10.34
C ARG H 28 7.77 -10.55 9.26
N GLU H 29 7.58 -9.70 8.24
CA GLU H 29 8.63 -9.46 7.21
C GLU H 29 9.32 -8.11 7.46
N GLY H 30 10.42 -8.16 8.20
CA GLY H 30 11.09 -6.94 8.60
C GLY H 30 10.38 -6.36 9.78
N ASN H 31 10.19 -5.05 9.80
CA ASN H 31 9.51 -4.40 10.92
C ASN H 31 7.97 -4.43 10.77
N HIS H 32 7.55 -4.90 9.60
CA HIS H 32 6.17 -4.87 9.14
C HIS H 32 5.43 -6.19 9.41
N HIS H 33 4.39 -6.11 10.24
CA HIS H 33 3.64 -7.29 10.68
C HIS H 33 2.33 -7.43 9.92
N HIS H 34 2.14 -8.63 9.37
CA HIS H 34 0.91 -9.02 8.69
C HIS H 34 0.15 -9.95 9.58
N ILE H 35 -1.16 -9.75 9.55
CA ILE H 35 -2.04 -10.27 10.55
C ILE H 35 -3.31 -10.71 9.88
N ILE H 36 -3.72 -11.87 10.30
CA ILE H 36 -5.06 -12.29 10.02
C ILE H 36 -5.63 -13.04 11.22
N GLU H 37 -6.78 -12.58 11.69
CA GLU H 37 -7.47 -13.22 12.81
C GLU H 37 -8.82 -13.69 12.31
N LEU H 38 -9.08 -14.96 12.54
CA LEU H 38 -10.28 -15.58 12.09
C LEU H 38 -10.87 -16.42 13.19
N ILE H 39 -12.12 -16.78 12.98
CA ILE H 39 -12.71 -17.81 13.82
C ILE H 39 -13.37 -18.90 12.96
N ALA H 40 -12.95 -20.14 13.17
CA ALA H 40 -13.25 -21.24 12.25
C ALA H 40 -14.19 -22.25 12.84
N ASN H 41 -14.92 -22.93 11.96
CA ASN H 41 -15.92 -23.92 12.32
C ASN H 41 -15.70 -24.97 11.30
N VAL H 42 -15.37 -26.18 11.74
CA VAL H 42 -15.17 -27.27 10.80
C VAL H 42 -16.15 -28.38 11.14
N GLN H 43 -16.77 -28.92 10.09
CA GLN H 43 -17.62 -30.06 10.23
C GLN H 43 -17.14 -31.24 9.35
N LEU H 44 -17.12 -32.42 9.96
CA LEU H 44 -16.77 -33.66 9.27
C LEU H 44 -17.98 -34.57 9.18
N THR H 45 -18.15 -35.24 8.04
CA THR H 45 -19.08 -36.40 7.99
C THR H 45 -18.25 -37.69 7.79
N LEU H 46 -18.52 -38.72 8.58
CA LEU H 46 -17.75 -39.97 8.55
C LEU H 46 -18.45 -41.02 7.74
N LYS H 47 -17.70 -42.05 7.32
CA LYS H 47 -18.22 -43.16 6.51
C LYS H 47 -19.12 -44.09 7.31
N THR H 48 -18.72 -44.41 8.54
CA THR H 48 -19.53 -45.29 9.38
C THR H 48 -20.47 -44.41 10.14
N ARG H 49 -21.63 -44.95 10.48
CA ARG H 49 -22.53 -44.27 11.40
C ARG H 49 -22.64 -45.03 12.73
N LYS H 50 -21.69 -45.92 12.97
CA LYS H 50 -21.63 -46.73 14.21
C LYS H 50 -21.37 -45.88 15.47
N ASP H 51 -20.97 -44.61 15.26
CA ASP H 51 -20.94 -43.59 16.31
C ASP H 51 -22.35 -43.36 16.82
N TYR H 52 -23.27 -43.01 15.92
CA TYR H 52 -24.65 -42.73 16.29
C TYR H 52 -25.44 -43.97 16.73
N LEU H 53 -25.36 -45.06 15.96
CA LEU H 53 -26.16 -46.28 16.23
C LEU H 53 -25.83 -46.99 17.55
N THR H 54 -24.55 -47.24 17.84
CA THR H 54 -24.17 -48.11 18.97
C THR H 54 -23.32 -47.43 20.03
N GLY H 55 -22.95 -46.17 19.81
CA GLY H 55 -21.97 -45.46 20.67
C GLY H 55 -20.53 -45.98 20.58
N ASP H 56 -20.17 -46.48 19.39
CA ASP H 56 -18.81 -46.93 19.08
C ASP H 56 -17.94 -45.70 18.84
N ASN H 57 -16.87 -45.54 19.60
CA ASN H 57 -16.00 -44.35 19.46
C ASN H 57 -14.72 -44.56 18.61
N SER H 58 -14.54 -45.78 18.08
CA SER H 58 -13.33 -46.15 17.32
C SER H 58 -13.08 -45.31 16.04
N ASP H 59 -14.11 -44.75 15.42
CA ASP H 59 -13.95 -43.89 14.22
C ASP H 59 -13.92 -42.36 14.49
N ILE H 60 -14.08 -41.98 15.74
CA ILE H 60 -14.20 -40.58 16.09
C ILE H 60 -12.82 -39.96 16.25
N ILE H 61 -12.52 -39.07 15.30
CA ILE H 61 -11.48 -38.06 15.45
C ILE H 61 -12.07 -37.05 16.45
N PRO H 62 -11.54 -37.03 17.69
CA PRO H 62 -12.05 -36.18 18.79
C PRO H 62 -12.09 -34.69 18.40
N THR H 63 -13.18 -34.01 18.71
CA THR H 63 -13.29 -32.57 18.37
C THR H 63 -12.05 -31.78 18.82
N ASP H 64 -11.60 -32.06 20.04
CA ASP H 64 -10.33 -31.52 20.51
C ASP H 64 -9.18 -31.66 19.47
N THR H 65 -9.21 -32.76 18.70
CA THR H 65 -8.22 -33.03 17.66
C THR H 65 -8.43 -32.10 16.47
N VAL H 66 -9.70 -31.84 16.16
CA VAL H 66 -10.02 -30.94 15.08
C VAL H 66 -9.51 -29.53 15.42
N LYS H 67 -9.65 -29.17 16.69
CA LYS H 67 -9.07 -27.91 17.23
C LYS H 67 -7.56 -27.86 17.07
N ASN H 68 -6.88 -28.90 17.52
CA ASN H 68 -5.42 -28.96 17.43
C ASN H 68 -4.97 -28.97 15.96
N THR H 69 -5.75 -29.62 15.08
CA THR H 69 -5.44 -29.70 13.68
C THR H 69 -5.54 -28.32 13.00
N VAL H 70 -6.63 -27.61 13.25
CA VAL H 70 -6.78 -26.23 12.72
C VAL H 70 -5.63 -25.34 13.21
N HIS H 71 -5.26 -25.49 14.48
CA HIS H 71 -4.13 -24.77 15.01
C HIS H 71 -2.86 -25.17 14.23
N ALA H 72 -2.75 -26.45 13.91
CA ALA H 72 -1.49 -26.99 13.33
C ALA H 72 -1.28 -26.47 11.90
N LEU H 73 -2.36 -26.57 11.11
CA LEU H 73 -2.28 -26.22 9.69
C LEU H 73 -1.96 -24.75 9.51
N ALA H 74 -2.34 -23.94 10.48
CA ALA H 74 -1.96 -22.57 10.46
C ALA H 74 -0.45 -22.38 10.63
N LYS H 75 0.20 -23.22 11.46
CA LYS H 75 1.66 -23.26 11.50
C LYS H 75 2.21 -23.82 10.18
N LEU H 76 1.86 -25.08 9.86
CA LEU H 76 2.39 -25.81 8.68
C LEU H 76 2.13 -25.11 7.40
N LYS H 77 0.87 -24.71 7.15
CA LYS H 77 0.50 -24.16 5.84
C LYS H 77 0.49 -22.63 5.77
N GLY H 78 0.30 -21.95 6.89
CA GLY H 78 0.21 -20.50 6.86
C GLY H 78 -1.19 -20.13 6.46
N ILE H 79 -1.56 -18.88 6.69
CA ILE H 79 -2.90 -18.42 6.33
C ILE H 79 -2.79 -17.28 5.35
N LYS H 80 -3.01 -17.60 4.07
CA LYS H 80 -2.95 -16.63 2.94
C LYS H 80 -4.26 -15.77 2.87
N SER H 81 -5.40 -16.45 3.00
CA SER H 81 -6.72 -15.83 3.07
C SER H 81 -7.58 -16.86 3.77
N ILE H 82 -8.77 -16.44 4.25
CA ILE H 82 -9.62 -17.39 4.96
C ILE H 82 -10.05 -18.54 4.03
N GLU H 83 -10.21 -18.22 2.73
CA GLU H 83 -10.59 -19.20 1.68
C GLU H 83 -9.54 -20.31 1.45
N SER H 84 -8.26 -19.95 1.19
CA SER H 84 -7.18 -20.98 1.02
C SER H 84 -6.95 -21.81 2.29
N PHE H 85 -7.10 -21.19 3.47
CA PHE H 85 -6.98 -21.88 4.76
C PHE H 85 -8.05 -22.95 4.90
N ALA H 86 -9.29 -22.55 4.59
CA ALA H 86 -10.44 -23.45 4.59
C ALA H 86 -10.24 -24.62 3.65
N LEU H 87 -9.67 -24.33 2.48
CA LEU H 87 -9.29 -25.34 1.50
C LEU H 87 -8.25 -26.32 2.03
N ASP H 88 -7.25 -25.78 2.74
CA ASP H 88 -6.24 -26.63 3.36
C ASP H 88 -6.86 -27.57 4.38
N ILE H 89 -7.69 -27.00 5.28
CA ILE H 89 -8.41 -27.82 6.27
C ILE H 89 -9.21 -28.93 5.60
N CYS H 90 -9.89 -28.62 4.49
CA CYS H 90 -10.59 -29.64 3.70
C CYS H 90 -9.65 -30.72 3.20
N GLU H 91 -8.56 -30.33 2.49
CA GLU H 91 -7.56 -31.26 1.93
C GLU H 91 -6.96 -32.13 3.03
N HIS H 92 -6.67 -31.53 4.16
CA HIS H 92 -6.11 -32.32 5.19
C HIS H 92 -7.04 -33.47 5.61
N PHE H 93 -8.30 -33.17 5.94
CA PHE H 93 -9.16 -34.20 6.56
C PHE H 93 -9.54 -35.30 5.61
N LEU H 94 -9.60 -35.01 4.31
CA LEU H 94 -9.93 -36.02 3.30
C LEU H 94 -8.78 -36.94 2.96
N THR H 95 -7.55 -36.43 3.13
CA THR H 95 -6.31 -37.12 2.74
C THR H 95 -5.48 -37.74 3.89
N ALA H 96 -5.53 -37.22 5.10
CA ALA H 96 -4.84 -37.90 6.19
C ALA H 96 -5.74 -39.00 6.72
N PHE H 97 -6.88 -39.19 6.05
CA PHE H 97 -7.89 -40.19 6.45
C PHE H 97 -8.61 -40.84 5.24
N ASN H 98 -9.16 -42.03 5.46
CA ASN H 98 -9.94 -42.77 4.43
C ASN H 98 -11.47 -42.77 4.67
N HIS H 99 -11.84 -42.69 5.94
CA HIS H 99 -13.23 -42.75 6.36
C HIS H 99 -13.91 -41.37 6.57
N VAL H 100 -13.37 -40.31 5.97
CA VAL H 100 -14.06 -39.01 5.99
C VAL H 100 -14.64 -38.83 4.61
N THR H 101 -15.97 -38.74 4.51
CA THR H 101 -16.60 -38.64 3.21
C THR H 101 -16.78 -37.17 2.77
N ARG H 102 -16.91 -36.28 3.75
CA ARG H 102 -17.11 -34.85 3.54
C ARG H 102 -16.47 -34.05 4.69
N VAL H 103 -16.03 -32.85 4.34
CA VAL H 103 -15.62 -31.84 5.29
C VAL H 103 -16.19 -30.49 4.80
N LYS H 104 -16.72 -29.71 5.75
CA LYS H 104 -17.25 -28.35 5.51
C LYS H 104 -16.58 -27.35 6.46
N VAL H 105 -16.08 -26.24 5.93
CA VAL H 105 -15.36 -25.30 6.74
C VAL H 105 -16.02 -23.91 6.56
N ASN H 106 -16.60 -23.37 7.63
CA ASN H 106 -17.10 -21.98 7.63
C ASN H 106 -16.20 -21.12 8.49
N ILE H 107 -15.66 -20.04 7.90
CA ILE H 107 -14.77 -19.16 8.63
C ILE H 107 -15.28 -17.74 8.60
N ASP H 108 -15.25 -17.07 9.75
CA ASP H 108 -15.46 -15.61 9.88
C ASP H 108 -14.09 -14.90 10.04
N GLU H 109 -13.91 -13.75 9.41
CA GLU H 109 -12.68 -13.03 9.61
C GLU H 109 -12.89 -11.83 10.53
N VAL H 110 -12.00 -11.70 11.53
CA VAL H 110 -12.00 -10.54 12.43
C VAL H 110 -11.38 -9.42 11.62
N PRO H 111 -12.16 -8.32 11.40
CA PRO H 111 -11.82 -7.21 10.51
C PRO H 111 -10.82 -6.26 11.16
N TRP H 112 -9.56 -6.67 11.17
CA TRP H 112 -8.46 -5.79 11.57
C TRP H 112 -8.06 -4.83 10.46
N LYS H 113 -7.99 -3.53 10.78
CA LYS H 113 -7.53 -2.51 9.84
C LYS H 113 -6.23 -1.88 10.33
N ARG H 114 -5.24 -1.82 9.44
CA ARG H 114 -3.95 -1.25 9.77
C ARG H 114 -4.16 0.24 10.04
N LEU H 115 -3.56 0.68 11.14
CA LEU H 115 -3.66 2.05 11.59
C LEU H 115 -3.03 2.96 10.57
N GLU H 116 -3.64 4.13 10.35
CA GLU H 116 -3.31 4.96 9.20
C GLU H 116 -3.46 6.45 9.51
N LYS H 117 -2.34 7.18 9.46
CA LYS H 117 -2.30 8.64 9.70
C LYS H 117 -1.49 9.32 8.59
N ASN H 118 -2.22 10.04 7.73
CA ASN H 118 -1.66 10.76 6.57
C ASN H 118 -0.87 9.83 5.66
N GLY H 119 -1.51 8.75 5.20
CA GLY H 119 -0.88 7.83 4.23
C GLY H 119 0.18 6.90 4.79
N VAL H 120 0.71 7.24 5.96
CA VAL H 120 1.62 6.36 6.69
C VAL H 120 0.78 5.30 7.40
N GLU H 121 1.18 4.04 7.24
CA GLU H 121 0.51 2.92 7.88
C GLU H 121 1.41 2.38 8.97
N HIS H 122 0.84 2.12 10.15
CA HIS H 122 1.64 1.59 11.25
C HIS H 122 2.27 0.25 10.84
N ASN H 123 3.45 -0.02 11.36
CA ASN H 123 4.03 -1.33 11.13
C ASN H 123 3.38 -2.47 11.89
N HIS H 124 2.84 -2.20 13.08
CA HIS H 124 2.35 -3.29 13.90
C HIS H 124 1.17 -2.99 14.82
N ALA H 125 0.44 -1.92 14.52
CA ALA H 125 -0.73 -1.59 15.32
C ALA H 125 -1.95 -1.58 14.44
N PHE H 126 -3.09 -1.95 15.01
CA PHE H 126 -4.31 -2.10 14.23
C PHE H 126 -5.50 -1.65 15.04
N ILE H 127 -6.53 -1.21 14.30
CA ILE H 127 -7.79 -0.76 14.84
C ILE H 127 -8.88 -1.64 14.23
N HIS H 128 -10.06 -1.63 14.82
CA HIS H 128 -11.21 -2.37 14.35
C HIS H 128 -12.11 -1.32 13.69
N CYS H 129 -12.32 -1.44 12.38
CA CYS H 129 -13.33 -0.62 11.65
C CYS H 129 -13.90 -1.46 10.55
N PRO H 130 -14.74 -2.43 10.93
CA PRO H 130 -15.33 -3.23 9.90
C PRO H 130 -16.37 -2.41 9.11
N GLU H 131 -16.11 -2.20 7.83
CA GLU H 131 -17.15 -1.73 6.94
C GLU H 131 -18.11 -2.90 6.68
N ALA H 132 -17.53 -4.05 6.36
CA ALA H 132 -18.30 -5.25 6.23
C ALA H 132 -17.51 -6.35 6.92
N LEU H 133 -18.19 -7.36 7.45
CA LEU H 133 -17.50 -8.53 7.97
C LEU H 133 -17.33 -9.51 6.84
N ARG H 134 -16.16 -10.11 6.73
CA ARG H 134 -15.88 -11.02 5.64
C ARG H 134 -16.02 -12.45 6.12
N PHE H 135 -16.49 -13.34 5.26
CA PHE H 135 -16.61 -14.75 5.64
C PHE H 135 -16.58 -15.64 4.40
N CYS H 136 -16.40 -16.95 4.60
CA CYS H 136 -16.34 -17.89 3.51
C CYS H 136 -16.71 -19.31 3.93
N GLU H 137 -16.98 -20.17 2.95
CA GLU H 137 -17.28 -21.57 3.16
C GLU H 137 -16.45 -22.42 2.20
N ALA H 138 -15.96 -23.55 2.69
CA ALA H 138 -15.37 -24.56 1.81
C ALA H 138 -15.95 -25.94 2.11
N GLU H 139 -16.54 -26.53 1.07
CA GLU H 139 -17.16 -27.85 1.13
C GLU H 139 -16.56 -28.72 0.01
N GLN H 140 -16.02 -29.87 0.43
CA GLN H 140 -15.41 -30.84 -0.47
C GLN H 140 -15.79 -32.25 -0.03
N TYR H 141 -16.19 -33.05 -1.03
CA TYR H 141 -16.46 -34.48 -0.85
C TYR H 141 -15.20 -35.25 -1.17
N LEU H 142 -15.08 -36.48 -0.64
CA LEU H 142 -13.91 -37.34 -0.90
C LEU H 142 -13.56 -37.44 -2.37
N SER H 143 -12.26 -37.26 -2.68
CA SER H 143 -11.72 -37.20 -4.06
C SER H 143 -12.52 -36.35 -5.12
N LYS H 144 -13.45 -35.49 -4.68
CA LYS H 144 -14.18 -34.55 -5.59
C LYS H 144 -13.59 -33.13 -5.63
N THR H 145 -14.04 -32.32 -6.59
CA THR H 145 -13.62 -30.90 -6.68
C THR H 145 -14.25 -30.03 -5.58
N PRO H 146 -13.41 -29.35 -4.78
CA PRO H 146 -14.05 -28.53 -3.74
C PRO H 146 -14.89 -27.34 -4.29
N VAL H 147 -15.74 -26.80 -3.43
CA VAL H 147 -16.65 -25.69 -3.75
C VAL H 147 -16.47 -24.57 -2.71
N VAL H 148 -16.09 -23.39 -3.17
CA VAL H 148 -15.89 -22.30 -2.25
C VAL H 148 -16.97 -21.24 -2.42
N HIS H 149 -17.58 -20.81 -1.31
CA HIS H 149 -18.37 -19.57 -1.26
C HIS H 149 -17.66 -18.45 -0.49
N SER H 150 -17.95 -17.21 -0.85
CA SER H 150 -17.47 -16.10 -0.07
C SER H 150 -18.60 -15.13 0.05
N GLY H 151 -18.55 -14.31 1.09
CA GLY H 151 -19.64 -13.43 1.38
C GLY H 151 -19.23 -12.26 2.23
N LEU H 152 -20.14 -11.31 2.30
CA LEU H 152 -19.97 -10.18 3.19
C LEU H 152 -21.28 -9.97 3.95
N LYS H 153 -21.18 -9.51 5.20
CA LYS H 153 -22.35 -9.23 6.03
C LYS H 153 -22.23 -7.97 6.86
N ASP H 154 -23.37 -7.50 7.35
CA ASP H 154 -23.43 -6.33 8.24
C ASP H 154 -22.79 -5.06 7.70
N MET H 155 -22.97 -4.81 6.40
CA MET H 155 -22.55 -3.55 5.80
C MET H 155 -23.64 -2.51 5.83
N LYS H 156 -23.57 -1.68 6.84
CA LYS H 156 -24.60 -0.73 7.06
C LYS H 156 -24.34 0.59 6.32
N VAL H 157 -25.14 0.80 5.27
CA VAL H 157 -25.11 2.02 4.47
C VAL H 157 -26.47 2.77 4.51
N LEU H 158 -26.46 4.09 4.29
CA LEU H 158 -27.65 4.92 4.27
C LEU H 158 -27.63 5.99 3.18
N LYS H 159 -28.78 6.17 2.48
CA LYS H 159 -29.02 7.34 1.59
C LYS H 159 -30.15 8.19 2.16
N THR H 160 -29.95 9.49 2.22
CA THR H 160 -30.95 10.38 2.77
C THR H 160 -31.90 10.90 1.70
N THR H 161 -31.63 10.49 0.45
CA THR H 161 -32.39 10.93 -0.72
C THR H 161 -32.20 9.98 -1.93
N GLN H 162 -32.76 10.36 -3.06
CA GLN H 162 -32.67 9.62 -4.31
C GLN H 162 -33.11 8.16 -4.33
N THR H 163 -34.11 7.88 -3.48
CA THR H 163 -34.90 6.66 -3.49
C THR H 163 -36.31 7.15 -3.50
N GLY H 164 -37.17 6.39 -4.15
CA GLY H 164 -38.61 6.62 -4.10
C GLY H 164 -39.35 5.31 -4.15
N PHE H 165 -40.63 5.36 -3.78
CA PHE H 165 -41.52 4.21 -3.83
C PHE H 165 -42.90 4.65 -4.20
N GLU H 166 -43.22 4.49 -5.48
CA GLU H 166 -44.56 4.81 -5.99
C GLU H 166 -45.10 3.77 -6.97
N GLY H 167 -46.41 3.78 -7.20
CA GLY H 167 -47.04 2.92 -8.21
C GLY H 167 -47.09 1.46 -7.80
N PHE H 168 -47.37 1.21 -6.53
CA PHE H 168 -47.48 -0.16 -6.00
C PHE H 168 -48.95 -0.54 -5.96
N LEU H 169 -49.24 -1.82 -5.65
CA LEU H 169 -50.63 -2.33 -5.42
C LEU H 169 -51.30 -1.90 -4.11
N ARG H 170 -52.52 -1.38 -4.19
CA ARG H 170 -53.34 -1.16 -2.96
C ARG H 170 -54.32 -2.31 -2.81
N ASP H 171 -54.31 -3.00 -1.67
CA ASP H 171 -55.35 -3.96 -1.30
C ASP H 171 -56.03 -3.36 -0.05
N ARG H 172 -57.03 -4.03 0.52
CA ARG H 172 -57.73 -3.49 1.73
C ARG H 172 -56.85 -3.14 2.96
N PHE H 173 -55.67 -3.72 3.02
CA PHE H 173 -54.82 -3.52 4.16
C PHE H 173 -53.69 -2.49 3.93
N THR H 174 -53.66 -1.88 2.75
CA THR H 174 -52.66 -0.86 2.47
C THR H 174 -53.04 0.50 3.02
N THR H 175 -52.16 1.10 3.83
CA THR H 175 -52.33 2.51 4.26
C THR H 175 -51.36 3.51 3.62
N LEU H 176 -50.24 3.00 3.09
CA LEU H 176 -49.18 3.82 2.45
C LEU H 176 -49.58 4.51 1.14
N THR H 177 -49.18 5.78 1.05
CA THR H 177 -49.35 6.60 -0.18
C THR H 177 -48.00 6.78 -0.88
N ASP H 178 -48.06 7.14 -2.16
CA ASP H 178 -46.84 7.30 -2.99
C ASP H 178 -45.86 8.29 -2.29
N ALA H 179 -44.57 8.00 -2.37
CA ALA H 179 -43.54 8.91 -1.84
C ALA H 179 -42.43 9.16 -2.90
N LYS H 180 -42.29 10.41 -3.32
CA LYS H 180 -41.27 10.79 -4.29
C LYS H 180 -39.82 10.61 -3.77
N ASP H 181 -39.64 10.89 -2.48
CA ASP H 181 -38.36 10.93 -1.79
C ASP H 181 -38.48 10.33 -0.39
N ARG H 182 -37.61 9.34 -0.09
CA ARG H 182 -37.50 8.71 1.23
C ARG H 182 -36.06 8.26 1.42
N PHE H 183 -35.67 8.00 2.68
CA PHE H 183 -34.36 7.36 3.02
C PHE H 183 -34.30 5.92 2.54
N PHE H 184 -33.09 5.42 2.32
CA PHE H 184 -32.87 3.98 2.20
C PHE H 184 -31.67 3.67 3.06
N CYS H 185 -31.93 2.93 4.13
CA CYS H 185 -30.89 2.45 5.01
C CYS H 185 -30.97 0.96 5.03
N THR H 186 -29.81 0.32 4.91
CA THR H 186 -29.74 -1.14 4.89
C THR H 186 -28.46 -1.69 5.50
N SER H 187 -28.49 -2.97 5.81
CA SER H 187 -27.34 -3.61 6.34
C SER H 187 -27.21 -4.83 5.44
N VAL H 188 -26.39 -4.67 4.39
CA VAL H 188 -26.26 -5.61 3.24
C VAL H 188 -25.58 -6.90 3.61
N TYR H 189 -26.07 -8.01 3.07
CA TYR H 189 -25.48 -9.34 3.19
C TYR H 189 -25.40 -9.88 1.78
N ALA H 190 -24.23 -10.39 1.38
CA ALA H 190 -24.04 -11.10 0.08
C ALA H 190 -23.33 -12.45 0.19
N ARG H 191 -23.65 -13.37 -0.71
CA ARG H 191 -22.95 -14.65 -0.73
C ARG H 191 -22.82 -15.16 -2.15
N TRP H 192 -21.57 -15.35 -2.56
CA TRP H 192 -21.31 -15.86 -3.89
C TRP H 192 -20.52 -17.18 -3.96
N ARG H 193 -20.84 -18.01 -4.98
CA ARG H 193 -20.13 -19.26 -5.27
C ARG H 193 -19.16 -19.12 -6.46
N TYR H 194 -17.98 -19.69 -6.32
CA TYR H 194 -17.02 -19.69 -7.40
C TYR H 194 -17.24 -20.87 -8.32
N ASN H 195 -16.81 -20.72 -9.57
CA ASN H 195 -16.85 -21.80 -10.58
C ASN H 195 -15.53 -22.57 -10.60
N THR H 196 -14.54 -22.01 -9.92
CA THR H 196 -13.18 -22.56 -9.87
C THR H 196 -12.50 -22.27 -8.53
N ILE H 197 -11.67 -23.21 -8.10
CA ILE H 197 -10.72 -23.04 -6.96
C ILE H 197 -9.79 -21.83 -7.12
N ASN H 198 -9.58 -21.43 -8.37
CA ASN H 198 -8.47 -20.62 -8.77
C ASN H 198 -8.81 -19.11 -8.93
N VAL H 199 -8.60 -18.38 -7.83
CA VAL H 199 -9.13 -17.01 -7.66
C VAL H 199 -8.18 -16.18 -6.83
N ALA H 200 -8.04 -14.92 -7.20
CA ALA H 200 -7.42 -13.91 -6.38
C ALA H 200 -8.46 -13.46 -5.33
N PHE H 201 -8.44 -14.14 -4.18
CA PHE H 201 -9.49 -14.03 -3.14
C PHE H 201 -9.60 -12.68 -2.45
N ASP H 202 -8.48 -12.17 -1.95
CA ASP H 202 -8.49 -10.83 -1.41
C ASP H 202 -9.07 -9.85 -2.44
N ALA H 203 -8.55 -9.96 -3.66
CA ALA H 203 -8.92 -9.08 -4.77
C ALA H 203 -10.43 -9.14 -5.12
N ALA H 204 -10.93 -10.36 -5.43
CA ALA H 204 -12.34 -10.62 -5.76
C ALA H 204 -13.35 -10.07 -4.73
N TRP H 205 -13.08 -10.35 -3.44
CA TRP H 205 -13.93 -9.88 -2.34
C TRP H 205 -14.06 -8.39 -2.37
N LYS H 206 -12.95 -7.66 -2.34
CA LYS H 206 -12.98 -6.21 -2.45
C LYS H 206 -13.83 -5.72 -3.65
N ALA H 207 -13.67 -6.40 -4.79
CA ALA H 207 -14.43 -6.08 -6.01
C ALA H 207 -15.95 -6.26 -5.81
N VAL H 208 -16.36 -7.34 -5.12
CA VAL H 208 -17.79 -7.51 -4.82
C VAL H 208 -18.29 -6.34 -3.97
N LYS H 209 -17.56 -6.06 -2.88
CA LYS H 209 -17.94 -5.05 -1.91
C LYS H 209 -18.05 -3.71 -2.57
N ASP H 210 -17.02 -3.35 -3.34
CA ASP H 210 -16.95 -2.03 -4.01
C ASP H 210 -18.02 -1.88 -5.06
N THR H 211 -18.42 -2.99 -5.72
CA THR H 211 -19.58 -3.02 -6.59
C THR H 211 -20.85 -2.72 -5.78
N VAL H 212 -21.02 -3.40 -4.63
CA VAL H 212 -22.26 -3.27 -3.85
C VAL H 212 -22.49 -1.81 -3.43
N ILE H 213 -21.47 -1.23 -2.81
CA ILE H 213 -21.45 0.18 -2.37
C ILE H 213 -21.64 1.16 -3.55
N GLN H 214 -20.96 0.92 -4.67
CA GLN H 214 -21.02 1.83 -5.83
C GLN H 214 -22.44 2.00 -6.42
N LYS H 215 -23.08 0.87 -6.77
CA LYS H 215 -24.43 0.85 -7.30
C LYS H 215 -25.44 1.40 -6.29
N PHE H 216 -25.15 1.27 -5.00
CA PHE H 216 -26.02 1.78 -3.93
C PHE H 216 -25.98 3.31 -3.86
N ALA H 217 -24.79 3.90 -3.98
CA ALA H 217 -24.57 5.28 -3.59
C ALA H 217 -24.34 6.27 -4.71
N GLY H 218 -23.35 5.98 -5.57
CA GLY H 218 -22.73 7.00 -6.43
C GLY H 218 -23.57 7.19 -7.66
N PRO H 219 -23.30 8.24 -8.47
CA PRO H 219 -22.26 9.27 -8.41
C PRO H 219 -22.26 10.10 -7.13
N TYR H 220 -21.07 10.50 -6.69
CA TYR H 220 -20.91 11.16 -5.41
C TYR H 220 -21.43 12.61 -5.34
N ASP H 221 -21.88 13.14 -6.49
CA ASP H 221 -22.42 14.50 -6.54
C ASP H 221 -23.94 14.50 -6.33
N ARG H 222 -24.64 13.95 -7.31
CA ARG H 222 -26.06 14.09 -7.39
C ARG H 222 -26.68 12.76 -7.06
N GLY H 223 -25.83 11.74 -6.83
CA GLY H 223 -26.27 10.36 -6.64
C GLY H 223 -26.85 9.72 -7.89
N GLU H 224 -27.36 8.50 -7.76
CA GLU H 224 -28.17 7.85 -8.80
C GLU H 224 -29.51 7.51 -8.17
N TYR H 225 -30.57 8.06 -8.76
CA TYR H 225 -31.92 7.81 -8.27
C TYR H 225 -32.24 6.32 -8.47
N SER H 226 -32.77 5.67 -7.42
CA SER H 226 -33.33 4.35 -7.56
C SER H 226 -34.78 4.24 -7.17
N PRO H 227 -35.61 3.62 -8.05
CA PRO H 227 -37.07 3.51 -7.89
C PRO H 227 -37.52 2.24 -7.19
N SER H 228 -36.64 1.24 -7.13
CA SER H 228 -36.97 -0.05 -6.54
C SER H 228 -35.73 -0.78 -6.01
N VAL H 229 -35.78 -1.12 -4.71
CA VAL H 229 -34.74 -1.89 -4.04
C VAL H 229 -34.50 -3.25 -4.73
N GLN H 230 -35.57 -3.87 -5.20
CA GLN H 230 -35.45 -5.06 -6.03
C GLN H 230 -34.52 -4.83 -7.22
N LYS H 231 -34.65 -3.68 -7.89
CA LYS H 231 -33.79 -3.38 -9.07
C LYS H 231 -32.35 -3.07 -8.69
N THR H 232 -32.17 -2.25 -7.65
CA THR H 232 -30.84 -1.98 -7.11
C THR H 232 -30.09 -3.27 -6.81
N LEU H 233 -30.74 -4.19 -6.11
CA LEU H 233 -30.18 -5.47 -5.76
C LEU H 233 -29.86 -6.24 -7.01
N TYR H 234 -30.77 -6.21 -7.97
CA TYR H 234 -30.58 -6.96 -9.20
C TYR H 234 -29.41 -6.44 -10.08
N ASP H 235 -29.37 -5.11 -10.27
CA ASP H 235 -28.36 -4.45 -11.09
C ASP H 235 -26.96 -4.69 -10.54
N THR H 236 -26.84 -4.65 -9.19
CA THR H 236 -25.59 -5.03 -8.51
C THR H 236 -25.20 -6.50 -8.81
N GLN H 237 -26.19 -7.41 -8.83
CA GLN H 237 -25.93 -8.80 -9.18
C GLN H 237 -25.32 -8.87 -10.57
N LEU H 238 -25.97 -8.19 -11.51
CA LEU H 238 -25.54 -8.16 -12.91
C LEU H 238 -24.16 -7.52 -13.02
N LEU H 239 -24.01 -6.39 -12.32
CA LEU H 239 -22.76 -5.67 -12.26
C LEU H 239 -21.60 -6.54 -11.74
N VAL H 240 -21.81 -7.27 -10.63
CA VAL H 240 -20.82 -8.27 -10.07
C VAL H 240 -20.44 -9.30 -11.12
N LEU H 241 -21.42 -9.97 -11.71
CA LEU H 241 -21.17 -11.02 -12.70
C LEU H 241 -20.36 -10.61 -13.95
N ASP H 242 -20.35 -9.32 -14.32
CA ASP H 242 -19.45 -8.77 -15.37
C ASP H 242 -18.03 -8.62 -14.90
N ARG H 243 -17.83 -8.01 -13.72
CA ARG H 243 -16.50 -7.75 -13.17
C ARG H 243 -15.70 -8.97 -12.63
N ILE H 244 -16.39 -10.01 -12.18
CA ILE H 244 -15.68 -11.15 -11.61
C ILE H 244 -16.14 -12.42 -12.29
N PRO H 245 -15.47 -12.82 -13.38
CA PRO H 245 -15.85 -14.03 -14.13
C PRO H 245 -15.84 -15.36 -13.31
N GLU H 246 -15.09 -15.41 -12.23
CA GLU H 246 -14.98 -16.65 -11.47
C GLU H 246 -16.18 -16.84 -10.50
N VAL H 247 -17.05 -15.82 -10.39
CA VAL H 247 -18.34 -16.00 -9.71
C VAL H 247 -19.39 -16.68 -10.65
N GLU H 248 -19.91 -17.82 -10.21
CA GLU H 248 -20.93 -18.55 -10.93
C GLU H 248 -22.33 -18.12 -10.45
N GLU H 249 -22.49 -17.95 -9.13
CA GLU H 249 -23.75 -17.55 -8.49
C GLU H 249 -23.57 -16.37 -7.51
N ILE H 250 -24.54 -15.45 -7.42
CA ILE H 250 -24.54 -14.40 -6.37
C ILE H 250 -25.89 -14.10 -5.70
N GLU H 251 -25.91 -14.22 -4.36
CA GLU H 251 -27.09 -13.97 -3.52
C GLU H 251 -26.93 -12.65 -2.77
N ILE H 252 -28.00 -11.85 -2.76
CA ILE H 252 -27.99 -10.62 -1.94
C ILE H 252 -29.22 -10.54 -1.06
N ILE H 253 -29.02 -10.18 0.21
CA ILE H 253 -30.15 -9.84 1.09
C ILE H 253 -29.96 -8.39 1.46
N MET H 254 -31.01 -7.58 1.34
CA MET H 254 -30.95 -6.19 1.71
C MET H 254 -32.14 -5.91 2.63
N PRO H 255 -31.87 -5.69 3.93
CA PRO H 255 -32.93 -5.20 4.82
C PRO H 255 -33.28 -3.73 4.54
N ASN H 256 -34.45 -3.28 5.01
CA ASN H 256 -34.82 -1.86 4.93
C ASN H 256 -35.06 -1.33 6.33
N GLN H 257 -34.03 -0.69 6.86
CA GLN H 257 -34.07 -0.17 8.23
C GLN H 257 -34.67 1.24 8.24
N HIS H 258 -35.88 1.37 8.79
CA HIS H 258 -36.74 2.47 8.44
C HIS H 258 -36.46 3.75 9.20
N TYR H 259 -36.48 4.89 8.51
CA TYR H 259 -36.39 6.16 9.21
C TYR H 259 -37.64 7.03 8.86
N PHE H 260 -38.45 7.37 9.87
CA PHE H 260 -39.74 8.05 9.62
C PHE H 260 -39.79 9.46 10.15
N VAL H 261 -40.35 10.36 9.38
CA VAL H 261 -40.50 11.73 9.79
C VAL H 261 -41.49 11.82 10.93
N ILE H 262 -41.03 12.33 12.07
CA ILE H 262 -41.90 12.39 13.25
C ILE H 262 -42.94 13.49 13.12
N ASP H 263 -44.20 13.09 12.91
CA ASP H 263 -45.29 14.04 12.85
C ASP H 263 -45.53 14.75 14.20
N MET H 264 -45.33 16.08 14.21
CA MET H 264 -45.45 16.89 15.42
C MET H 264 -46.65 17.88 15.44
N THR H 265 -47.63 17.69 14.55
CA THR H 265 -48.77 18.64 14.47
C THR H 265 -49.56 18.60 15.78
N LYS H 266 -49.80 17.39 16.28
CA LYS H 266 -50.50 17.16 17.55
C LYS H 266 -49.90 17.90 18.77
N ILE H 267 -48.69 18.45 18.64
CA ILE H 267 -48.04 19.24 19.71
C ILE H 267 -47.68 20.71 19.33
N GLY H 268 -48.35 21.23 18.30
CA GLY H 268 -48.15 22.61 17.81
C GLY H 268 -46.90 22.89 16.97
N LEU H 269 -46.40 21.89 16.24
CA LEU H 269 -45.22 22.07 15.38
C LEU H 269 -45.32 21.38 14.01
N SER H 270 -44.66 21.94 13.01
CA SER H 270 -44.60 21.30 11.72
C SER H 270 -43.17 20.93 11.43
N ASN H 271 -42.97 19.64 11.24
CA ASN H 271 -41.65 19.07 11.02
C ASN H 271 -41.67 18.57 9.61
N LYS H 272 -41.23 19.42 8.69
CA LYS H 272 -41.08 18.95 7.31
C LYS H 272 -39.69 18.42 7.02
N ASP H 273 -39.58 17.11 7.24
CA ASP H 273 -38.44 16.30 6.87
C ASP H 273 -37.12 16.71 7.48
N GLU H 274 -37.16 17.19 8.72
CA GLU H 274 -35.93 17.41 9.49
C GLU H 274 -35.60 16.24 10.46
N VAL H 275 -36.56 15.91 11.33
CA VAL H 275 -36.36 15.01 12.47
C VAL H 275 -36.99 13.66 12.17
N TYR H 276 -36.17 12.62 12.14
CA TYR H 276 -36.64 11.30 11.75
C TYR H 276 -36.62 10.31 12.92
N LEU H 277 -37.48 9.30 12.88
CA LEU H 277 -37.47 8.25 13.90
C LEU H 277 -36.78 7.00 13.39
N PRO H 278 -35.60 6.70 13.97
CA PRO H 278 -34.89 5.44 13.68
C PRO H 278 -35.68 4.26 14.26
N LEU H 279 -36.05 3.27 13.44
CA LEU H 279 -36.94 2.19 13.90
C LEU H 279 -36.35 0.84 13.70
N ASP H 280 -36.04 0.17 14.79
CA ASP H 280 -35.41 -1.12 14.75
C ASP H 280 -36.35 -2.16 14.20
N ASN H 281 -37.60 -2.17 14.71
CA ASN H 281 -38.58 -3.23 14.39
C ASN H 281 -39.95 -2.69 14.02
N PRO H 282 -40.50 -3.15 12.90
CA PRO H 282 -39.96 -4.14 11.97
C PRO H 282 -39.09 -3.54 10.86
N SER H 283 -38.66 -4.40 9.95
CA SER H 283 -37.92 -3.97 8.75
C SER H 283 -38.26 -4.73 7.51
N GLY H 284 -38.42 -4.00 6.41
CA GLY H 284 -38.45 -4.57 5.06
C GLY H 284 -37.24 -5.45 4.75
N ASN H 285 -37.44 -6.47 3.90
CA ASN H 285 -36.43 -7.46 3.52
C ASN H 285 -36.63 -7.86 2.05
N ILE H 286 -35.56 -7.76 1.24
CA ILE H 286 -35.60 -7.93 -0.20
C ILE H 286 -34.50 -8.91 -0.63
N THR H 287 -34.86 -10.08 -1.14
CA THR H 287 -33.83 -11.08 -1.49
C THR H 287 -33.77 -11.42 -2.99
N GLY H 288 -32.66 -12.08 -3.35
CA GLY H 288 -32.48 -12.61 -4.70
C GLY H 288 -31.19 -13.33 -4.92
N THR H 289 -31.24 -14.32 -5.78
CA THR H 289 -30.06 -15.04 -6.15
C THR H 289 -30.08 -15.29 -7.65
N VAL H 290 -29.00 -14.81 -8.31
CA VAL H 290 -28.87 -14.88 -9.77
C VAL H 290 -27.62 -15.74 -10.14
N CYS H 291 -27.75 -16.65 -11.12
CA CYS H 291 -26.59 -17.42 -11.67
C CYS H 291 -26.44 -17.39 -13.21
N ARG H 292 -25.22 -17.67 -13.70
CA ARG H 292 -24.92 -17.77 -15.15
C ARG H 292 -25.69 -18.96 -15.71
N LYS H 293 -26.33 -18.81 -16.87
CA LYS H 293 -27.05 -19.96 -17.47
C LYS H 293 -26.10 -21.03 -18.00
N PRO H 294 -26.12 -22.24 -17.38
CA PRO H 294 -25.24 -23.35 -17.83
C PRO H 294 -25.40 -23.64 -19.34
#